data_7AL8
#
_entry.id   7AL8
#
_cell.length_a   57.289
_cell.length_b   92.588
_cell.length_c   108.545
_cell.angle_alpha   90.040
_cell.angle_beta   89.860
_cell.angle_gamma   90.030
#
_symmetry.space_group_name_H-M   'P 1'
#
loop_
_entity.id
_entity.type
_entity.pdbx_description
1 polymer 'Cationic trypsin'
2 polymer 'Trypsin/subtilisin inhibitor'
3 non-polymer 'SULFATE ION'
4 non-polymer 'CALCIUM ION'
#
loop_
_entity_poly.entity_id
_entity_poly.type
_entity_poly.pdbx_seq_one_letter_code
_entity_poly.pdbx_strand_id
1 'polypeptide(L)'
;IVGGYTCGANTVPYQVSLNSGYHFCGGSLINSQWVVSAAHCYKSGIQVRLGEDNINVVEGNEQFISASKSIVHPSYNSNT
LNNDIMLIKLKSAASLNSRVASISLPTSCASAGTQCLISGWGNTKSSGTSYPDVLKCLKAPILSDSSCKSAYPGQITSNM
FCAGYLEGGKDSCQGDSGGPVVCSGKLQGIVSWGSGCAQKNKPGVYTKVCNYVSWIKQTIASN
;
U,B,E,H,K,N,Q,T
2 'polypeptide(L)' ARECPGKQEWPELVGEYGYKAAAIIERENPNVRSIVKHERSGFTKDFRCDRVWVVVDSTGVVVRTPRVT X,C,F,I,L,O,R,V
#
loop_
_chem_comp.id
_chem_comp.type
_chem_comp.name
_chem_comp.formula
CA non-polymer 'CALCIUM ION' 'Ca 2'
SO4 non-polymer 'SULFATE ION' 'O4 S -2'
#
# COMPACT_ATOMS: atom_id res chain seq x y z
N ILE A 1 8.49 -1.96 1.96
CA ILE A 1 7.45 -1.80 2.97
C ILE A 1 7.21 -0.32 3.27
N VAL A 2 5.93 0.05 3.31
CA VAL A 2 5.56 1.42 3.68
C VAL A 2 5.57 1.62 5.18
N GLY A 3 6.34 2.61 5.65
CA GLY A 3 6.41 2.91 7.06
C GLY A 3 7.14 1.86 7.87
N GLY A 4 8.24 1.36 7.34
CA GLY A 4 9.02 0.34 8.00
C GLY A 4 10.40 0.84 8.41
N TYR A 5 11.31 -0.10 8.64
CA TYR A 5 12.67 0.23 9.04
C TYR A 5 13.70 -0.57 8.24
N THR A 6 14.87 0.01 8.05
CA THR A 6 15.98 -0.69 7.42
C THR A 6 16.43 -1.86 8.28
N CYS A 7 16.21 -3.08 7.80
CA CYS A 7 16.54 -4.28 8.55
C CYS A 7 18.04 -4.38 8.83
N GLY A 8 18.84 -3.97 7.84
CA GLY A 8 20.27 -4.18 7.88
C GLY A 8 20.62 -5.32 6.95
N ALA A 9 21.91 -5.46 6.64
CA ALA A 9 22.36 -6.48 5.71
C ALA A 9 22.09 -7.89 6.22
N ASN A 10 21.23 -8.61 5.50
CA ASN A 10 20.94 -10.01 5.76
C ASN A 10 20.42 -10.31 7.15
N THR A 11 19.59 -9.41 7.67
CA THR A 11 18.85 -9.67 8.90
C THR A 11 17.79 -10.73 8.59
N VAL A 12 17.37 -10.76 7.33
CA VAL A 12 16.40 -11.73 6.84
C VAL A 12 17.03 -12.60 5.76
N PRO A 13 17.75 -13.66 6.18
CA PRO A 13 18.51 -14.51 5.24
C PRO A 13 17.63 -15.41 4.38
N TYR A 14 16.36 -15.54 4.74
CA TYR A 14 15.44 -16.40 4.00
C TYR A 14 14.63 -15.62 2.97
N GLN A 15 14.77 -14.29 3.00
CA GLN A 15 14.12 -13.43 2.02
C GLN A 15 14.76 -13.62 0.65
N VAL A 16 13.94 -13.95 -0.35
CA VAL A 16 14.46 -14.08 -1.71
C VAL A 16 13.75 -13.12 -2.66
N SER A 17 14.42 -12.79 -3.76
CA SER A 17 13.89 -11.84 -4.73
C SER A 17 13.68 -12.50 -6.09
N LEU A 18 12.44 -12.46 -6.56
CA LEU A 18 12.10 -12.98 -7.89
C LEU A 18 12.46 -11.97 -8.97
N ASN A 19 13.28 -12.39 -9.92
CA ASN A 19 13.80 -11.48 -10.94
C ASN A 19 13.44 -11.88 -12.37
N SER A 20 13.28 -10.89 -13.23
CA SER A 20 13.13 -11.09 -14.67
C SER A 20 13.74 -9.89 -15.40
N GLY A 21 14.87 -9.42 -14.89
CA GLY A 21 15.47 -8.18 -15.34
C GLY A 21 15.31 -7.16 -14.22
N TYR A 22 14.09 -7.09 -13.70
CA TYR A 22 13.79 -6.26 -12.53
C TYR A 22 13.13 -7.10 -11.44
N HIS A 23 13.27 -6.67 -10.20
CA HIS A 23 12.63 -7.35 -9.08
C HIS A 23 11.12 -7.11 -9.11
N PHE A 24 10.35 -8.15 -9.42
CA PHE A 24 8.91 -8.01 -9.59
C PHE A 24 8.10 -8.57 -8.42
N CYS A 25 8.66 -9.55 -7.73
CA CYS A 25 7.99 -10.15 -6.57
C CYS A 25 9.00 -10.68 -5.56
N GLY A 26 8.53 -10.97 -4.35
CA GLY A 26 9.39 -11.52 -3.31
C GLY A 26 9.02 -12.97 -3.01
N GLY A 27 9.87 -13.64 -2.23
CA GLY A 27 9.62 -15.02 -1.88
C GLY A 27 10.35 -15.47 -0.62
N SER A 28 10.05 -16.69 -0.17
CA SER A 28 10.67 -17.25 1.02
C SER A 28 11.25 -18.63 0.76
N LEU A 29 12.51 -18.83 1.15
CA LEU A 29 13.15 -20.12 0.98
C LEU A 29 12.68 -21.11 2.05
N ILE A 30 12.20 -22.29 1.62
CA ILE A 30 11.73 -23.29 2.59
C ILE A 30 12.71 -24.44 2.75
N ASN A 31 13.39 -24.81 1.67
CA ASN A 31 14.57 -25.66 1.76
C ASN A 31 15.57 -25.25 0.69
N SER A 32 16.70 -25.94 0.63
CA SER A 32 17.78 -25.56 -0.28
C SER A 32 17.41 -25.66 -1.76
N GLN A 33 16.18 -26.10 -2.05
CA GLN A 33 15.75 -26.24 -3.44
C GLN A 33 14.40 -25.60 -3.75
N TRP A 34 13.70 -25.11 -2.73
CA TRP A 34 12.33 -24.64 -2.93
C TRP A 34 12.02 -23.27 -2.32
N VAL A 35 11.19 -22.51 -3.02
CA VAL A 35 10.79 -21.17 -2.62
C VAL A 35 9.27 -20.96 -2.73
N VAL A 36 8.65 -20.53 -1.64
CA VAL A 36 7.22 -20.23 -1.64
C VAL A 36 6.99 -18.75 -1.94
N SER A 37 5.98 -18.47 -2.76
CA SER A 37 5.58 -17.10 -3.08
C SER A 37 4.07 -17.04 -3.32
N ALA A 38 3.61 -15.92 -3.87
CA ALA A 38 2.21 -15.77 -4.22
C ALA A 38 1.97 -16.23 -5.65
N ALA A 39 0.81 -16.83 -5.90
CA ALA A 39 0.51 -17.41 -7.19
C ALA A 39 0.34 -16.37 -8.30
N HIS A 40 0.02 -15.14 -7.91
CA HIS A 40 -0.20 -14.07 -8.89
C HIS A 40 1.12 -13.49 -9.41
N CYS A 41 2.23 -13.97 -8.86
CA CYS A 41 3.55 -13.56 -9.32
C CYS A 41 4.09 -14.52 -10.36
N TYR A 42 3.22 -15.40 -10.86
CA TYR A 42 3.60 -16.42 -11.82
C TYR A 42 4.07 -15.82 -13.14
N LYS A 43 5.33 -16.06 -13.46
CA LYS A 43 5.89 -15.64 -14.74
C LYS A 43 6.52 -16.83 -15.47
N SER A 44 7.08 -16.57 -16.64
CA SER A 44 7.72 -17.61 -17.44
C SER A 44 9.21 -17.37 -17.59
N GLY A 45 10.01 -18.06 -16.78
CA GLY A 45 11.44 -17.90 -16.81
C GLY A 45 11.93 -16.99 -15.69
N ILE A 46 11.68 -17.39 -14.45
CA ILE A 46 12.06 -16.59 -13.30
C ILE A 46 13.50 -16.86 -12.87
N GLN A 47 14.18 -15.82 -12.39
CA GLN A 47 15.50 -16.00 -11.80
C GLN A 47 15.43 -15.62 -10.31
N VAL A 48 15.49 -16.64 -9.46
CA VAL A 48 15.47 -16.43 -8.02
C VAL A 48 16.82 -15.88 -7.54
N ARG A 49 16.77 -14.93 -6.63
CA ARG A 49 17.98 -14.29 -6.10
C ARG A 49 18.01 -14.34 -4.58
N LEU A 50 19.01 -15.03 -4.04
CA LEU A 50 19.14 -15.20 -2.60
C LEU A 50 20.35 -14.46 -2.05
N GLY A 51 20.27 -14.07 -0.77
CA GLY A 51 21.37 -13.40 -0.11
C GLY A 51 21.65 -12.01 -0.64
N GLU A 52 20.59 -11.21 -0.75
CA GLU A 52 20.73 -9.88 -1.32
C GLU A 52 20.13 -8.83 -0.38
N ASP A 53 20.90 -7.78 -0.11
CA ASP A 53 20.38 -6.65 0.65
C ASP A 53 20.13 -5.48 -0.30
N ASN A 54 21.21 -4.96 -0.88
CA ASN A 54 21.09 -3.97 -1.94
C ASN A 54 20.90 -4.68 -3.27
N ILE A 55 19.72 -4.52 -3.87
CA ILE A 55 19.39 -5.19 -5.12
C ILE A 55 19.88 -4.39 -6.32
N ASN A 56 20.54 -3.27 -6.06
CA ASN A 56 21.11 -2.44 -7.12
C ASN A 56 22.63 -2.48 -7.08
N VAL A 57 23.16 -3.18 -6.08
CA VAL A 57 24.61 -3.28 -5.90
C VAL A 57 25.02 -4.73 -5.67
N VAL A 58 26.06 -5.17 -6.37
CA VAL A 58 26.58 -6.52 -6.19
C VAL A 58 27.60 -6.54 -5.04
N GLU A 59 27.13 -6.99 -3.87
CA GLU A 59 27.92 -6.89 -2.65
C GLU A 59 28.90 -8.06 -2.49
N GLY A 60 28.55 -9.22 -3.05
CA GLY A 60 29.46 -10.36 -3.04
C GLY A 60 28.89 -11.64 -2.47
N ASN A 61 27.94 -11.52 -1.53
CA ASN A 61 27.33 -12.69 -0.90
C ASN A 61 25.99 -13.04 -1.51
N GLU A 62 25.96 -13.18 -2.84
CA GLU A 62 24.70 -13.29 -3.57
C GLU A 62 24.63 -14.52 -4.47
N GLN A 63 23.47 -15.15 -4.52
CA GLN A 63 23.24 -16.29 -5.41
C GLN A 63 22.12 -16.02 -6.41
N PHE A 64 22.42 -16.15 -7.70
CA PHE A 64 21.41 -15.97 -8.73
C PHE A 64 21.11 -17.29 -9.43
N ILE A 65 20.05 -17.98 -9.00
CA ILE A 65 19.72 -19.28 -9.55
C ILE A 65 18.41 -19.26 -10.32
N SER A 66 18.43 -19.81 -11.54
CA SER A 66 17.25 -19.87 -12.37
C SER A 66 16.21 -20.84 -11.82
N ALA A 67 14.95 -20.56 -12.07
CA ALA A 67 13.88 -21.47 -11.69
C ALA A 67 13.71 -22.55 -12.76
N SER A 68 13.72 -23.81 -12.33
CA SER A 68 13.55 -24.92 -13.26
C SER A 68 12.08 -25.32 -13.37
N LYS A 69 11.36 -25.17 -12.26
CA LYS A 69 9.95 -25.53 -12.22
C LYS A 69 9.17 -24.54 -11.36
N SER A 70 7.91 -24.32 -11.75
CA SER A 70 7.02 -23.43 -11.01
C SER A 70 5.62 -24.03 -10.96
N ILE A 71 5.08 -24.14 -9.76
CA ILE A 71 3.81 -24.82 -9.55
C ILE A 71 2.82 -23.96 -8.78
N VAL A 72 1.69 -23.69 -9.43
CA VAL A 72 0.58 -22.96 -8.81
C VAL A 72 -0.37 -23.94 -8.15
N HIS A 73 -0.92 -23.56 -7.01
CA HIS A 73 -1.94 -24.38 -6.34
C HIS A 73 -3.13 -24.54 -7.28
N PRO A 74 -3.57 -25.80 -7.48
CA PRO A 74 -4.63 -26.15 -8.43
C PRO A 74 -5.93 -25.39 -8.22
N SER A 75 -6.17 -24.90 -7.00
CA SER A 75 -7.41 -24.21 -6.69
C SER A 75 -7.22 -22.70 -6.59
N TYR A 76 -6.14 -22.18 -7.18
CA TYR A 76 -5.88 -20.75 -7.15
C TYR A 76 -6.91 -19.99 -7.98
N ASN A 77 -7.53 -18.98 -7.36
CA ASN A 77 -8.54 -18.18 -8.02
C ASN A 77 -8.00 -16.79 -8.35
N SER A 78 -7.82 -16.52 -9.64
CA SER A 78 -7.24 -15.25 -10.07
C SER A 78 -8.13 -14.05 -9.74
N ASN A 79 -9.42 -14.30 -9.55
CA ASN A 79 -10.37 -13.23 -9.27
C ASN A 79 -10.51 -12.91 -7.78
N THR A 80 -10.84 -13.93 -6.99
CA THR A 80 -11.02 -13.74 -5.56
C THR A 80 -9.71 -13.91 -4.79
N LEU A 81 -8.64 -14.19 -5.53
CA LEU A 81 -7.30 -14.34 -4.96
C LEU A 81 -7.22 -15.42 -3.88
N ASN A 82 -8.19 -16.33 -3.89
CA ASN A 82 -8.20 -17.45 -2.96
C ASN A 82 -7.09 -18.44 -3.32
N ASN A 83 -6.38 -18.93 -2.30
CA ASN A 83 -5.25 -19.82 -2.46
C ASN A 83 -4.13 -19.20 -3.30
N ASP A 84 -3.74 -17.98 -2.95
CA ASP A 84 -2.68 -17.28 -3.65
C ASP A 84 -1.31 -17.75 -3.17
N ILE A 85 -0.92 -18.96 -3.60
CA ILE A 85 0.34 -19.55 -3.17
C ILE A 85 0.96 -20.39 -4.29
N MET A 86 2.28 -20.27 -4.45
CA MET A 86 3.00 -20.95 -5.51
C MET A 86 4.36 -21.45 -5.05
N LEU A 87 4.70 -22.69 -5.41
CA LEU A 87 6.01 -23.25 -5.07
C LEU A 87 6.94 -23.16 -6.27
N ILE A 88 8.22 -22.95 -6.01
CA ILE A 88 9.22 -22.79 -7.07
C ILE A 88 10.45 -23.65 -6.79
N LYS A 89 10.83 -24.45 -7.78
CA LYS A 89 12.02 -25.30 -7.63
C LYS A 89 13.24 -24.65 -8.27
N LEU A 90 14.30 -24.53 -7.49
CA LEU A 90 15.56 -23.97 -8.00
C LEU A 90 16.25 -25.01 -8.88
N LYS A 91 16.77 -24.55 -10.01
CA LYS A 91 17.43 -25.42 -10.99
C LYS A 91 18.50 -26.28 -10.34
N SER A 92 19.25 -25.69 -9.41
CA SER A 92 20.17 -26.44 -8.57
C SER A 92 20.08 -25.89 -7.15
N ALA A 93 20.50 -26.70 -6.18
CA ALA A 93 20.42 -26.29 -4.78
C ALA A 93 21.30 -25.07 -4.49
N ALA A 94 20.94 -24.34 -3.45
CA ALA A 94 21.69 -23.16 -3.06
C ALA A 94 22.56 -23.42 -1.83
N SER A 95 23.74 -22.81 -1.80
CA SER A 95 24.64 -22.97 -0.66
C SER A 95 24.08 -22.27 0.58
N LEU A 96 23.62 -23.07 1.53
CA LEU A 96 23.08 -22.52 2.78
C LEU A 96 24.19 -22.04 3.70
N ASN A 97 24.14 -20.75 4.05
CA ASN A 97 25.11 -20.18 4.97
C ASN A 97 24.48 -19.12 5.86
N SER A 98 25.31 -18.29 6.48
CA SER A 98 24.83 -17.24 7.37
C SER A 98 23.97 -16.22 6.62
N ARG A 99 24.29 -16.00 5.35
CA ARG A 99 23.57 -15.04 4.54
C ARG A 99 22.33 -15.65 3.89
N VAL A 100 22.39 -16.96 3.63
CA VAL A 100 21.30 -17.66 2.97
C VAL A 100 20.85 -18.89 3.76
N ALA A 101 19.64 -18.82 4.31
CA ALA A 101 19.06 -19.95 5.03
C ALA A 101 17.59 -20.08 4.69
N SER A 102 17.00 -21.24 4.99
CA SER A 102 15.57 -21.43 4.77
C SER A 102 14.81 -21.17 6.06
N ILE A 103 13.48 -21.28 6.00
CA ILE A 103 12.64 -20.99 7.16
C ILE A 103 11.65 -22.12 7.42
N SER A 104 11.32 -22.33 8.69
CA SER A 104 10.44 -23.43 9.09
C SER A 104 8.98 -23.17 8.78
N LEU A 105 8.32 -24.16 8.18
CA LEU A 105 6.88 -24.11 7.97
C LEU A 105 6.17 -24.39 9.29
N PRO A 106 5.06 -23.68 9.55
CA PRO A 106 4.44 -23.67 10.87
C PRO A 106 3.83 -25.00 11.31
N THR A 107 3.71 -25.19 12.62
CA THR A 107 3.04 -26.35 13.19
C THR A 107 1.54 -26.09 13.23
N SER A 108 1.16 -25.00 13.91
CA SER A 108 -0.21 -24.56 13.98
C SER A 108 -0.32 -23.11 13.50
N CYS A 109 -1.55 -22.63 13.32
CA CYS A 109 -1.76 -21.24 12.94
C CYS A 109 -1.45 -20.33 14.11
N ALA A 110 -1.09 -19.09 13.80
CA ALA A 110 -0.80 -18.10 14.84
C ALA A 110 -2.08 -17.41 15.29
N SER A 111 -2.06 -16.87 16.50
CA SER A 111 -3.25 -16.23 17.07
C SER A 111 -3.28 -14.74 16.77
N ALA A 112 -4.48 -14.17 16.81
CA ALA A 112 -4.65 -12.74 16.58
C ALA A 112 -3.96 -11.93 17.69
N GLY A 113 -3.04 -11.06 17.29
CA GLY A 113 -2.29 -10.28 18.25
C GLY A 113 -0.81 -10.64 18.24
N THR A 114 -0.49 -11.74 17.58
CA THR A 114 0.88 -12.20 17.46
C THR A 114 1.71 -11.24 16.62
N GLN A 115 2.76 -10.68 17.23
CA GLN A 115 3.65 -9.76 16.52
C GLN A 115 4.45 -10.48 15.45
N CYS A 116 4.28 -10.07 14.20
CA CYS A 116 4.93 -10.72 13.08
C CYS A 116 5.85 -9.80 12.29
N LEU A 117 6.90 -10.38 11.73
CA LEU A 117 7.86 -9.64 10.92
C LEU A 117 7.54 -9.79 9.43
N ILE A 118 7.29 -8.65 8.77
CA ILE A 118 7.02 -8.62 7.34
C ILE A 118 8.14 -7.88 6.63
N SER A 119 8.67 -8.48 5.57
CA SER A 119 9.83 -7.93 4.88
C SER A 119 9.64 -7.87 3.36
N GLY A 120 10.38 -6.98 2.70
CA GLY A 120 10.30 -6.87 1.25
C GLY A 120 10.97 -5.66 0.63
N TRP A 121 10.99 -5.64 -0.71
CA TRP A 121 11.55 -4.54 -1.48
C TRP A 121 10.46 -3.76 -2.21
N GLY A 122 9.28 -3.69 -1.61
CA GLY A 122 8.16 -3.03 -2.25
C GLY A 122 8.19 -1.53 -2.12
N ASN A 123 7.09 -0.89 -2.53
CA ASN A 123 6.96 0.56 -2.45
C ASN A 123 6.94 1.02 -1.00
N THR A 124 7.33 2.26 -0.77
CA THR A 124 7.53 2.76 0.59
C THR A 124 6.73 4.00 0.94
N LYS A 125 5.74 4.33 0.11
CA LYS A 125 4.93 5.53 0.35
C LYS A 125 3.43 5.24 0.31
N SER A 126 2.69 5.97 1.13
CA SER A 126 1.24 5.85 1.17
C SER A 126 0.65 6.21 -0.19
N SER A 127 1.03 7.38 -0.68
CA SER A 127 0.64 7.83 -2.01
C SER A 127 1.88 8.24 -2.80
N GLY A 128 1.93 7.86 -4.07
CA GLY A 128 3.11 8.10 -4.88
C GLY A 128 3.99 6.87 -4.93
N THR A 129 5.19 7.01 -5.49
CA THR A 129 6.10 5.87 -5.61
C THR A 129 7.56 6.20 -5.28
N SER A 130 8.18 5.34 -4.49
CA SER A 130 9.60 5.45 -4.14
C SER A 130 10.12 4.08 -3.73
N TYR A 131 11.12 3.58 -4.45
CA TYR A 131 11.61 2.23 -4.19
C TYR A 131 13.01 2.22 -3.60
N PRO A 132 13.17 1.47 -2.50
CA PRO A 132 14.42 1.42 -1.72
C PRO A 132 15.50 0.57 -2.37
N ASP A 133 16.75 0.89 -2.07
CA ASP A 133 17.87 0.08 -2.51
C ASP A 133 18.05 -1.09 -1.55
N VAL A 134 17.56 -0.90 -0.33
CA VAL A 134 17.77 -1.87 0.75
C VAL A 134 16.46 -2.53 1.17
N LEU A 135 16.56 -3.79 1.62
CA LEU A 135 15.41 -4.55 2.09
C LEU A 135 14.74 -3.89 3.29
N LYS A 136 13.41 -3.81 3.26
CA LYS A 136 12.68 -3.15 4.34
C LYS A 136 11.89 -4.13 5.20
N CYS A 137 11.68 -3.77 6.46
CA CYS A 137 10.98 -4.63 7.41
C CYS A 137 9.94 -3.87 8.21
N LEU A 138 9.03 -4.60 8.85
CA LEU A 138 7.96 -4.00 9.64
C LEU A 138 7.33 -5.02 10.58
N LYS A 139 7.13 -4.65 11.84
CA LYS A 139 6.43 -5.52 12.77
C LYS A 139 4.94 -5.17 12.75
N ALA A 140 4.10 -6.20 12.83
CA ALA A 140 2.65 -6.01 12.77
C ALA A 140 1.91 -7.18 13.39
N PRO A 141 0.91 -6.88 14.23
CA PRO A 141 0.09 -7.91 14.88
C PRO A 141 -0.98 -8.47 13.95
N ILE A 142 -1.28 -9.75 14.08
CA ILE A 142 -2.36 -10.37 13.34
C ILE A 142 -3.69 -9.87 13.89
N LEU A 143 -4.64 -9.58 13.00
CA LEU A 143 -5.90 -8.99 13.41
C LEU A 143 -7.04 -10.01 13.41
N SER A 144 -8.08 -9.72 14.19
CA SER A 144 -9.25 -10.59 14.26
C SER A 144 -9.95 -10.66 12.91
N ASP A 145 -10.52 -11.83 12.60
CA ASP A 145 -11.22 -12.02 11.34
C ASP A 145 -12.56 -11.27 11.35
N SER A 146 -12.98 -10.81 12.52
CA SER A 146 -14.11 -9.91 12.60
C SER A 146 -13.70 -8.58 12.00
N SER A 147 -12.52 -8.12 12.39
CA SER A 147 -11.95 -6.88 11.86
C SER A 147 -11.51 -7.07 10.42
N CYS A 148 -11.06 -8.29 10.09
CA CYS A 148 -10.58 -8.59 8.75
C CYS A 148 -11.73 -8.64 7.76
N LYS A 149 -12.89 -9.12 8.22
CA LYS A 149 -14.09 -9.13 7.39
C LYS A 149 -14.77 -7.77 7.38
N SER A 150 -14.62 -7.02 8.45
CA SER A 150 -15.16 -5.66 8.52
C SER A 150 -14.40 -4.75 7.59
N ALA A 151 -13.11 -5.01 7.44
CA ALA A 151 -12.25 -4.23 6.55
C ALA A 151 -12.53 -4.57 5.09
N TYR A 152 -12.66 -5.86 4.81
CA TYR A 152 -12.93 -6.34 3.47
C TYR A 152 -14.18 -7.23 3.46
N PRO A 153 -15.37 -6.61 3.39
CA PRO A 153 -16.65 -7.33 3.42
C PRO A 153 -16.82 -8.31 2.26
N GLY A 154 -16.94 -9.60 2.60
CA GLY A 154 -17.20 -10.63 1.62
C GLY A 154 -16.10 -10.85 0.61
N GLN A 155 -14.86 -10.60 1.02
CA GLN A 155 -13.70 -10.83 0.17
C GLN A 155 -12.63 -11.61 0.89
N ILE A 156 -12.83 -11.85 2.18
CA ILE A 156 -11.87 -12.61 2.98
C ILE A 156 -12.27 -14.08 3.04
N THR A 157 -11.35 -14.94 2.63
CA THR A 157 -11.58 -16.39 2.68
C THR A 157 -11.04 -17.00 3.97
N SER A 158 -11.32 -18.29 4.20
CA SER A 158 -10.71 -19.03 5.31
C SER A 158 -9.24 -19.38 5.03
N ASN A 159 -8.71 -18.89 3.91
CA ASN A 159 -7.28 -19.01 3.58
C ASN A 159 -6.57 -17.65 3.53
N MET A 160 -7.20 -16.64 4.11
CA MET A 160 -6.63 -15.30 4.15
C MET A 160 -6.65 -14.75 5.58
N PHE A 161 -5.63 -13.98 5.92
CA PHE A 161 -5.66 -13.25 7.19
C PHE A 161 -5.07 -11.86 7.02
N CYS A 162 -5.65 -10.90 7.72
CA CYS A 162 -5.20 -9.52 7.64
C CYS A 162 -4.13 -9.23 8.68
N ALA A 163 -3.17 -8.38 8.32
CA ALA A 163 -2.18 -7.93 9.28
C ALA A 163 -1.81 -6.48 9.04
N GLY A 164 -1.29 -5.83 10.08
CA GLY A 164 -0.96 -4.42 10.02
C GLY A 164 -1.70 -3.65 11.08
N TYR A 165 -2.20 -2.48 10.70
CA TYR A 165 -2.96 -1.63 11.62
C TYR A 165 -4.13 -1.00 10.87
N LEU A 166 -5.30 -0.98 11.49
CA LEU A 166 -6.45 -0.33 10.89
C LEU A 166 -6.36 1.18 11.10
N GLU A 167 -5.34 1.60 11.83
CA GLU A 167 -4.97 3.00 11.89
C GLU A 167 -4.38 3.41 10.55
N GLY A 168 -3.75 2.44 9.89
CA GLY A 168 -3.06 2.69 8.64
C GLY A 168 -1.63 3.14 8.90
N GLY A 169 -1.01 3.73 7.89
CA GLY A 169 0.33 4.28 8.04
C GLY A 169 1.45 3.28 7.83
N LYS A 170 1.22 2.04 8.25
CA LYS A 170 2.24 1.00 8.13
C LYS A 170 1.65 -0.27 7.51
N ASP A 171 2.19 -0.67 6.37
CA ASP A 171 1.65 -1.79 5.60
C ASP A 171 2.59 -2.21 4.47
N SER A 172 2.46 -3.46 4.03
CA SER A 172 3.20 -3.94 2.87
C SER A 172 2.60 -3.35 1.59
N CYS A 173 3.44 -3.13 0.59
CA CYS A 173 2.99 -2.45 -0.63
C CYS A 173 3.38 -3.20 -1.90
N GLN A 174 3.24 -2.51 -3.04
CA GLN A 174 3.52 -3.10 -4.34
C GLN A 174 4.99 -3.45 -4.49
N GLY A 175 5.26 -4.74 -4.71
CA GLY A 175 6.63 -5.22 -4.84
C GLY A 175 7.01 -6.10 -3.68
N ASP A 176 6.06 -6.29 -2.76
CA ASP A 176 6.29 -7.10 -1.57
C ASP A 176 5.65 -8.48 -1.69
N SER A 177 4.88 -8.69 -2.74
CA SER A 177 4.12 -9.92 -2.95
C SER A 177 4.98 -11.18 -2.87
N GLY A 178 4.44 -12.21 -2.22
CA GLY A 178 5.16 -13.45 -2.03
C GLY A 178 6.14 -13.37 -0.87
N GLY A 179 6.28 -12.16 -0.32
CA GLY A 179 7.20 -11.94 0.78
C GLY A 179 6.80 -12.66 2.05
N PRO A 180 7.78 -12.99 2.88
CA PRO A 180 7.58 -13.72 4.15
C PRO A 180 6.82 -12.93 5.19
N VAL A 181 5.92 -13.60 5.90
CA VAL A 181 5.30 -13.04 7.09
C VAL A 181 5.56 -14.00 8.25
N VAL A 182 6.58 -13.67 9.04
CA VAL A 182 7.13 -14.61 10.03
C VAL A 182 6.63 -14.37 11.45
N CYS A 183 6.16 -15.42 12.11
CA CYS A 183 5.66 -15.29 13.47
C CYS A 183 6.23 -16.37 14.38
N SER A 184 6.87 -15.94 15.47
CA SER A 184 7.45 -16.85 16.45
C SER A 184 8.42 -17.85 15.83
N GLY A 185 9.17 -17.39 14.82
CA GLY A 185 10.19 -18.20 14.19
C GLY A 185 9.73 -19.04 13.01
N LYS A 186 8.46 -18.90 12.64
CA LYS A 186 7.92 -19.71 11.54
C LYS A 186 7.12 -18.88 10.53
N LEU A 187 7.20 -19.30 9.27
CA LEU A 187 6.53 -18.62 8.17
C LEU A 187 5.01 -18.80 8.23
N GLN A 188 4.30 -17.77 8.68
CA GLN A 188 2.86 -17.85 8.86
C GLN A 188 2.07 -17.27 7.70
N GLY A 189 2.64 -16.30 6.99
CA GLY A 189 1.88 -15.62 5.95
C GLY A 189 2.62 -15.29 4.66
N ILE A 190 1.85 -15.08 3.60
CA ILE A 190 2.40 -14.67 2.31
C ILE A 190 1.77 -13.36 1.83
N VAL A 191 2.59 -12.34 1.63
CA VAL A 191 2.10 -11.03 1.18
C VAL A 191 1.26 -11.15 -0.08
N SER A 192 -0.04 -10.90 0.02
CA SER A 192 -0.92 -11.13 -1.12
C SER A 192 -1.46 -9.85 -1.74
N TRP A 193 -2.51 -9.30 -1.13
CA TRP A 193 -3.20 -8.16 -1.72
C TRP A 193 -3.72 -7.18 -0.67
N GLY A 194 -4.44 -6.17 -1.13
CA GLY A 194 -5.03 -5.17 -0.26
C GLY A 194 -5.67 -4.08 -1.09
N SER A 195 -5.97 -2.95 -0.48
CA SER A 195 -6.52 -1.82 -1.21
C SER A 195 -5.65 -0.59 -0.99
N GLY A 196 -4.70 -0.38 -1.91
CA GLY A 196 -3.70 0.65 -1.73
C GLY A 196 -2.71 0.19 -0.68
N CYS A 197 -1.92 1.12 -0.16
CA CYS A 197 -0.94 0.79 0.87
C CYS A 197 -1.06 1.72 2.06
N ALA A 198 -1.04 1.14 3.26
CA ALA A 198 -1.11 1.89 4.51
C ALA A 198 -2.36 2.77 4.59
N GLN A 199 -3.46 2.27 4.02
CA GLN A 199 -4.72 3.00 4.04
C GLN A 199 -5.52 2.65 5.29
N LYS A 200 -6.27 3.62 5.80
CA LYS A 200 -7.08 3.41 7.00
C LYS A 200 -8.16 2.37 6.78
N ASN A 201 -8.42 1.57 7.82
CA ASN A 201 -9.46 0.55 7.82
C ASN A 201 -9.26 -0.55 6.77
N LYS A 202 -8.11 -0.53 6.11
CA LYS A 202 -7.79 -1.54 5.10
C LYS A 202 -6.30 -1.91 5.16
N PRO A 203 -5.95 -2.85 6.06
CA PRO A 203 -4.58 -3.32 6.25
C PRO A 203 -4.14 -4.26 5.13
N GLY A 204 -3.09 -5.03 5.39
CA GLY A 204 -2.59 -5.97 4.39
C GLY A 204 -3.28 -7.31 4.45
N VAL A 205 -3.43 -7.96 3.31
CA VAL A 205 -4.02 -9.29 3.28
C VAL A 205 -2.99 -10.33 2.85
N TYR A 206 -2.94 -11.42 3.61
CA TYR A 206 -1.87 -12.40 3.45
C TYR A 206 -2.40 -13.82 3.40
N THR A 207 -1.79 -14.64 2.55
CA THR A 207 -2.09 -16.05 2.43
C THR A 207 -1.69 -16.80 3.70
N LYS A 208 -2.64 -17.59 4.21
CA LYS A 208 -2.46 -18.40 5.41
C LYS A 208 -1.70 -19.69 5.08
N VAL A 209 -0.44 -19.76 5.53
CA VAL A 209 0.44 -20.86 5.16
C VAL A 209 0.15 -22.13 5.98
N CYS A 210 -0.52 -21.98 7.11
CA CYS A 210 -0.83 -23.12 7.97
C CYS A 210 -1.89 -24.03 7.36
N ASN A 211 -2.39 -23.67 6.19
CA ASN A 211 -3.38 -24.47 5.49
C ASN A 211 -2.79 -25.26 4.33
N TYR A 212 -1.51 -25.02 4.02
CA TYR A 212 -0.90 -25.60 2.84
C TYR A 212 0.35 -26.43 3.10
N VAL A 213 0.65 -26.67 4.38
CA VAL A 213 1.82 -27.47 4.74
C VAL A 213 1.78 -28.85 4.07
N SER A 214 0.59 -29.43 3.99
CA SER A 214 0.43 -30.77 3.37
C SER A 214 0.75 -30.71 1.88
N TRP A 215 0.15 -29.78 1.16
CA TRP A 215 0.38 -29.64 -0.30
C TRP A 215 1.85 -29.29 -0.56
N ILE A 216 2.40 -28.38 0.25
CA ILE A 216 3.81 -27.92 0.14
C ILE A 216 4.74 -29.12 0.33
N LYS A 217 4.43 -29.95 1.32
CA LYS A 217 5.24 -31.15 1.63
C LYS A 217 5.03 -32.16 0.51
N GLN A 218 3.82 -32.21 -0.02
CA GLN A 218 3.49 -33.17 -1.10
C GLN A 218 4.10 -32.77 -2.43
N THR A 219 4.09 -31.48 -2.73
CA THR A 219 4.57 -30.99 -4.03
C THR A 219 6.07 -31.26 -4.17
N ILE A 220 6.85 -31.04 -3.11
CA ILE A 220 8.32 -31.26 -3.18
C ILE A 220 8.62 -32.76 -3.28
N ALA A 221 7.77 -33.61 -2.74
CA ALA A 221 7.99 -35.08 -2.83
C ALA A 221 7.56 -35.61 -4.20
N SER A 222 6.50 -35.02 -4.76
CA SER A 222 5.90 -35.42 -6.06
C SER A 222 6.64 -34.75 -7.21
N ASN A 223 7.28 -33.62 -6.94
CA ASN A 223 7.93 -32.92 -8.08
C ASN A 223 9.44 -32.79 -7.84
N GLU B 3 15.31 0.57 -14.38
CA GLU B 3 14.04 1.25 -14.59
C GLU B 3 13.19 0.54 -15.64
N CYS B 4 12.02 1.08 -15.91
CA CYS B 4 11.11 0.54 -16.91
C CYS B 4 11.13 1.40 -18.17
N PRO B 5 10.83 0.80 -19.33
CA PRO B 5 10.87 1.57 -20.57
C PRO B 5 9.68 2.52 -20.74
N GLY B 6 9.89 3.62 -21.46
CA GLY B 6 8.82 4.54 -21.79
C GLY B 6 8.40 5.48 -20.68
N LYS B 7 7.29 6.18 -20.91
CA LYS B 7 6.73 7.11 -19.94
C LYS B 7 6.24 6.35 -18.71
N GLN B 8 6.42 6.93 -17.54
CA GLN B 8 6.13 6.23 -16.29
C GLN B 8 4.89 6.75 -15.56
N GLU B 9 4.60 8.03 -15.72
CA GLU B 9 3.46 8.62 -15.02
C GLU B 9 2.64 9.55 -15.90
N TRP B 10 1.33 9.60 -15.65
CA TRP B 10 0.43 10.46 -16.40
C TRP B 10 -0.41 11.32 -15.47
N PRO B 11 0.20 12.36 -14.86
CA PRO B 11 -0.53 13.22 -13.92
C PRO B 11 -1.57 14.10 -14.60
N GLU B 12 -1.38 14.39 -15.88
CA GLU B 12 -2.27 15.29 -16.60
C GLU B 12 -3.62 14.65 -16.90
N LEU B 13 -3.72 13.34 -16.66
CA LEU B 13 -4.94 12.61 -16.96
C LEU B 13 -5.85 12.48 -15.74
N VAL B 14 -5.46 13.12 -14.64
CA VAL B 14 -6.30 13.17 -13.46
C VAL B 14 -7.48 14.11 -13.73
N GLY B 15 -8.69 13.62 -13.50
CA GLY B 15 -9.89 14.39 -13.79
C GLY B 15 -10.56 13.91 -15.05
N GLU B 16 -9.86 13.09 -15.82
CA GLU B 16 -10.41 12.50 -17.04
C GLU B 16 -11.15 11.20 -16.72
N TYR B 17 -11.84 10.66 -17.72
CA TYR B 17 -12.55 9.39 -17.56
C TYR B 17 -11.57 8.23 -17.73
N GLY B 18 -11.79 7.17 -16.94
CA GLY B 18 -10.87 6.06 -16.84
C GLY B 18 -10.40 5.42 -18.13
N TYR B 19 -11.34 5.10 -19.01
CA TYR B 19 -11.01 4.34 -20.23
C TYR B 19 -10.38 5.22 -21.30
N LYS B 20 -10.73 6.49 -21.33
CA LYS B 20 -10.06 7.45 -22.20
C LYS B 20 -8.60 7.56 -21.78
N ALA B 21 -8.40 7.70 -20.47
CA ALA B 21 -7.06 7.71 -19.89
C ALA B 21 -6.31 6.45 -20.28
N ALA B 22 -6.98 5.31 -20.18
CA ALA B 22 -6.38 4.03 -20.55
C ALA B 22 -5.90 4.03 -21.99
N ALA B 23 -6.75 4.50 -22.88
CA ALA B 23 -6.43 4.59 -24.31
C ALA B 23 -5.19 5.44 -24.55
N ILE B 24 -5.23 6.68 -24.05
CA ILE B 24 -4.11 7.61 -24.25
C ILE B 24 -2.81 7.06 -23.67
N ILE B 25 -2.90 6.55 -22.45
CA ILE B 25 -1.76 5.92 -21.77
C ILE B 25 -1.15 4.81 -22.62
N GLU B 26 -2.02 3.98 -23.20
CA GLU B 26 -1.54 2.85 -23.99
C GLU B 26 -0.93 3.29 -25.32
N ARG B 27 -1.47 4.35 -25.92
CA ARG B 27 -0.90 4.82 -27.18
C ARG B 27 0.35 5.66 -26.94
N GLU B 28 0.60 6.02 -25.68
CA GLU B 28 1.84 6.73 -25.34
C GLU B 28 2.95 5.78 -24.94
N ASN B 29 2.62 4.75 -24.17
CA ASN B 29 3.59 3.74 -23.78
C ASN B 29 3.19 2.38 -24.35
N PRO B 30 3.92 1.93 -25.39
CA PRO B 30 3.62 0.66 -26.08
C PRO B 30 4.01 -0.58 -25.28
N ASN B 31 4.41 -0.41 -24.04
CA ASN B 31 4.84 -1.52 -23.20
C ASN B 31 3.78 -1.97 -22.18
N VAL B 32 2.85 -1.09 -21.85
CA VAL B 32 1.97 -1.31 -20.72
C VAL B 32 0.54 -1.69 -21.08
N ARG B 33 -0.07 -2.51 -20.23
CA ARG B 33 -1.49 -2.81 -20.31
C ARG B 33 -2.23 -2.00 -19.25
N SER B 34 -3.01 -1.02 -19.68
CA SER B 34 -3.73 -0.16 -18.75
C SER B 34 -4.99 -0.84 -18.23
N ILE B 35 -5.17 -0.80 -16.91
CA ILE B 35 -6.33 -1.43 -16.28
C ILE B 35 -7.10 -0.45 -15.42
N VAL B 36 -8.33 -0.14 -15.85
CA VAL B 36 -9.20 0.73 -15.06
C VAL B 36 -9.82 -0.06 -13.90
N LYS B 37 -9.59 0.42 -12.68
CA LYS B 37 -10.13 -0.26 -11.51
C LYS B 37 -10.62 0.73 -10.44
N HIS B 38 -11.53 0.27 -9.61
CA HIS B 38 -12.09 1.09 -8.54
C HIS B 38 -11.21 1.03 -7.30
N GLU B 39 -11.06 2.16 -6.62
CA GLU B 39 -10.20 2.23 -5.44
C GLU B 39 -10.81 1.48 -4.26
N ARG B 40 -12.13 1.29 -4.29
CA ARG B 40 -12.82 0.52 -3.26
C ARG B 40 -12.40 -0.94 -3.33
N SER B 41 -11.94 -1.37 -4.50
CA SER B 41 -11.58 -2.76 -4.76
C SER B 41 -10.21 -3.13 -4.20
N GLY B 42 -9.83 -4.38 -4.41
CA GLY B 42 -8.56 -4.90 -3.91
C GLY B 42 -7.46 -4.92 -4.96
N PHE B 43 -6.24 -4.64 -4.53
CA PHE B 43 -5.10 -4.55 -5.42
C PHE B 43 -4.00 -5.53 -5.02
N THR B 44 -3.52 -6.31 -5.98
CA THR B 44 -2.38 -7.19 -5.75
C THR B 44 -1.12 -6.35 -5.50
N LYS B 45 -0.16 -6.92 -4.78
CA LYS B 45 1.01 -6.16 -4.37
C LYS B 45 2.28 -6.58 -5.11
N ASP B 46 2.14 -6.92 -6.38
CA ASP B 46 3.29 -7.21 -7.22
C ASP B 46 3.73 -5.96 -7.95
N PHE B 47 4.88 -6.02 -8.61
CA PHE B 47 5.37 -4.88 -9.38
C PHE B 47 5.52 -5.25 -10.85
N ARG B 48 4.85 -4.50 -11.72
CA ARG B 48 4.91 -4.77 -13.15
C ARG B 48 5.28 -3.52 -13.94
N CYS B 49 6.24 -3.67 -14.84
CA CYS B 49 6.61 -2.58 -15.74
C CYS B 49 5.66 -2.53 -16.94
N ASP B 50 4.91 -3.60 -17.12
CA ASP B 50 3.94 -3.68 -18.21
C ASP B 50 2.51 -3.54 -17.70
N ARG B 51 2.30 -2.60 -16.78
CA ARG B 51 0.99 -2.39 -16.19
C ARG B 51 0.80 -0.97 -15.69
N VAL B 52 -0.35 -0.39 -16.00
CA VAL B 52 -0.72 0.93 -15.48
C VAL B 52 -2.14 0.92 -14.95
N TRP B 53 -2.27 0.98 -13.63
CA TRP B 53 -3.57 1.03 -12.97
C TRP B 53 -4.21 2.41 -13.13
N VAL B 54 -5.37 2.45 -13.79
CA VAL B 54 -6.14 3.68 -13.89
C VAL B 54 -7.24 3.66 -12.82
N VAL B 55 -6.87 4.10 -11.62
CA VAL B 55 -7.76 4.01 -10.47
C VAL B 55 -8.88 5.04 -10.54
N VAL B 56 -10.12 4.57 -10.45
CA VAL B 56 -11.28 5.43 -10.53
C VAL B 56 -12.20 5.25 -9.33
N ASP B 57 -13.17 6.15 -9.17
CA ASP B 57 -14.13 6.05 -8.08
C ASP B 57 -15.50 5.61 -8.60
N SER B 58 -16.55 5.98 -7.87
CA SER B 58 -17.90 5.58 -8.22
C SER B 58 -18.49 6.40 -9.36
N THR B 59 -17.68 7.25 -9.96
CA THR B 59 -18.13 8.09 -11.07
C THR B 59 -17.36 7.77 -12.35
N GLY B 60 -16.30 6.98 -12.22
CA GLY B 60 -15.50 6.59 -13.36
C GLY B 60 -14.46 7.62 -13.75
N VAL B 61 -14.13 8.50 -12.81
CA VAL B 61 -13.12 9.52 -13.05
C VAL B 61 -11.79 9.13 -12.38
N VAL B 62 -10.68 9.49 -13.01
CA VAL B 62 -9.36 9.14 -12.48
C VAL B 62 -9.00 10.05 -11.31
N VAL B 63 -9.04 9.50 -10.10
CA VAL B 63 -8.78 10.28 -8.89
C VAL B 63 -7.43 9.98 -8.27
N ARG B 64 -6.48 9.53 -9.08
CA ARG B 64 -5.11 9.31 -8.64
C ARG B 64 -4.19 9.14 -9.85
N THR B 65 -2.95 9.60 -9.70
CA THR B 65 -1.99 9.58 -10.80
C THR B 65 -1.68 8.17 -11.29
N PRO B 66 -2.00 7.89 -12.57
CA PRO B 66 -1.66 6.60 -13.18
C PRO B 66 -0.16 6.41 -13.30
N ARG B 67 0.41 5.55 -12.45
CA ARG B 67 1.85 5.32 -12.44
C ARG B 67 2.16 3.88 -12.83
N VAL B 68 3.30 3.69 -13.50
CA VAL B 68 3.72 2.36 -13.91
C VAL B 68 4.20 1.54 -12.71
N THR B 69 3.32 0.67 -12.22
CA THR B 69 3.62 -0.20 -11.09
C THR B 69 2.93 -1.55 -11.25
N ILE C 1 -58.41 21.45 5.44
CA ILE C 1 -59.29 21.59 6.60
C ILE C 1 -59.48 23.05 6.98
N VAL C 2 -60.73 23.47 7.11
CA VAL C 2 -61.04 24.82 7.53
C VAL C 2 -60.98 24.93 9.05
N GLY C 3 -60.19 25.88 9.55
CA GLY C 3 -60.09 26.11 10.98
C GLY C 3 -59.33 25.04 11.73
N GLY C 4 -58.34 24.45 11.06
CA GLY C 4 -57.49 23.44 11.68
C GLY C 4 -56.15 24.00 12.08
N TYR C 5 -55.15 23.13 12.20
CA TYR C 5 -53.80 23.57 12.54
C TYR C 5 -52.74 22.79 11.77
N THR C 6 -51.52 23.31 11.78
CA THR C 6 -50.39 22.62 11.15
C THR C 6 -49.95 21.44 12.00
N CYS C 7 -50.09 20.24 11.45
CA CYS C 7 -49.80 19.01 12.18
C CYS C 7 -48.32 18.88 12.52
N GLY C 8 -47.47 19.15 11.53
CA GLY C 8 -46.04 18.91 11.67
C GLY C 8 -45.63 17.85 10.66
N ALA C 9 -44.34 17.62 10.54
CA ALA C 9 -43.83 16.66 9.56
C ALA C 9 -44.12 15.22 9.98
N ASN C 10 -44.99 14.56 9.22
CA ASN C 10 -45.33 13.15 9.41
C ASN C 10 -45.85 12.82 10.81
N THR C 11 -46.67 13.71 11.36
CA THR C 11 -47.39 13.42 12.59
C THR C 11 -48.49 12.43 12.27
N VAL C 12 -48.90 12.41 11.00
CA VAL C 12 -49.89 11.46 10.52
C VAL C 12 -49.28 10.58 9.42
N PRO C 13 -48.59 9.50 9.83
CA PRO C 13 -47.86 8.63 8.91
C PRO C 13 -48.75 7.76 8.03
N TYR C 14 -50.03 7.65 8.38
CA TYR C 14 -50.96 6.81 7.63
C TYR C 14 -51.74 7.62 6.59
N GLN C 15 -51.55 8.93 6.60
CA GLN C 15 -52.17 9.79 5.60
C GLN C 15 -51.47 9.66 4.26
N VAL C 16 -52.23 9.31 3.22
CA VAL C 16 -51.68 9.24 1.87
C VAL C 16 -52.42 10.19 0.95
N SER C 17 -51.76 10.59 -0.13
CA SER C 17 -52.35 11.54 -1.07
C SER C 17 -52.60 10.88 -2.43
N LEU C 18 -53.84 10.93 -2.88
CA LEU C 18 -54.20 10.42 -4.20
C LEU C 18 -53.86 11.45 -5.27
N ASN C 19 -53.08 11.03 -6.27
CA ASN C 19 -52.57 11.94 -7.27
C ASN C 19 -52.85 11.50 -8.72
N SER C 20 -53.20 12.47 -9.56
CA SER C 20 -53.35 12.24 -10.99
C SER C 20 -52.97 13.52 -11.73
N GLY C 21 -51.71 13.92 -11.57
CA GLY C 21 -51.25 15.21 -12.06
C GLY C 21 -51.31 16.22 -10.93
N TYR C 22 -52.41 16.17 -10.18
CA TYR C 22 -52.59 17.03 -9.02
C TYR C 22 -53.20 16.24 -7.86
N HIS C 23 -53.17 16.81 -6.66
CA HIS C 23 -53.83 16.20 -5.52
C HIS C 23 -55.35 16.39 -5.61
N PHE C 24 -56.09 15.29 -5.64
CA PHE C 24 -57.55 15.38 -5.79
C PHE C 24 -58.30 14.74 -4.62
N CYS C 25 -57.68 13.77 -3.95
CA CYS C 25 -58.29 13.13 -2.80
C CYS C 25 -57.24 12.67 -1.80
N GLY C 26 -57.70 12.34 -0.58
CA GLY C 26 -56.82 11.81 0.44
C GLY C 26 -57.10 10.34 0.66
N GLY C 27 -56.33 9.72 1.55
CA GLY C 27 -56.52 8.31 1.85
C GLY C 27 -55.80 7.86 3.10
N SER C 28 -56.10 6.63 3.53
CA SER C 28 -55.45 6.07 4.73
C SER C 28 -54.87 4.71 4.42
N LEU C 29 -53.68 4.43 4.94
CA LEU C 29 -53.04 3.14 4.71
C LEU C 29 -53.49 2.11 5.74
N ILE C 30 -53.99 0.95 5.28
CA ILE C 30 -54.41 -0.07 6.24
C ILE C 30 -53.39 -1.20 6.34
N ASN C 31 -52.67 -1.44 5.26
CA ASN C 31 -51.48 -2.28 5.29
C ASN C 31 -50.53 -1.85 4.18
N SER C 32 -49.37 -2.48 4.10
CA SER C 32 -48.34 -2.07 3.15
C SER C 32 -48.73 -2.29 1.69
N GLN C 33 -50.00 -2.61 1.43
CA GLN C 33 -50.47 -2.82 0.08
C GLN C 33 -51.79 -2.12 -0.22
N TRP C 34 -52.58 -1.85 0.81
CA TRP C 34 -53.94 -1.35 0.59
C TRP C 34 -54.25 -0.02 1.28
N VAL C 35 -55.02 0.80 0.56
CA VAL C 35 -55.42 2.13 1.01
C VAL C 35 -56.93 2.30 0.99
N VAL C 36 -57.51 2.69 2.12
CA VAL C 36 -58.91 3.03 2.22
C VAL C 36 -59.14 4.49 1.82
N SER C 37 -60.11 4.71 0.95
CA SER C 37 -60.49 6.06 0.52
C SER C 37 -61.99 6.15 0.25
N ALA C 38 -62.43 7.29 -0.27
CA ALA C 38 -63.83 7.47 -0.62
C ALA C 38 -64.12 6.93 -2.01
N ALA C 39 -65.32 6.38 -2.20
CA ALA C 39 -65.69 5.75 -3.45
C ALA C 39 -65.78 6.75 -4.60
N HIS C 40 -66.24 7.97 -4.30
CA HIS C 40 -66.43 8.97 -5.34
C HIS C 40 -65.11 9.61 -5.79
N CYS C 41 -64.00 9.10 -5.27
CA CYS C 41 -62.68 9.55 -5.68
C CYS C 41 -62.11 8.64 -6.76
N TYR C 42 -62.96 7.79 -7.33
CA TYR C 42 -62.55 6.83 -8.34
C TYR C 42 -62.02 7.51 -9.60
N LYS C 43 -60.76 7.24 -9.91
CA LYS C 43 -60.16 7.66 -11.16
C LYS C 43 -59.42 6.50 -11.79
N SER C 44 -59.07 6.63 -13.07
CA SER C 44 -58.27 5.62 -13.75
C SER C 44 -56.79 6.02 -13.71
N GLY C 45 -55.96 5.16 -13.12
CA GLY C 45 -54.54 5.43 -13.02
C GLY C 45 -54.20 6.32 -11.85
N ILE C 46 -54.72 5.97 -10.67
CA ILE C 46 -54.42 6.72 -9.45
C ILE C 46 -52.99 6.44 -9.00
N GLN C 47 -52.29 7.49 -8.58
CA GLN C 47 -50.96 7.32 -8.00
C GLN C 47 -50.97 7.69 -6.51
N VAL C 48 -50.73 6.69 -5.67
CA VAL C 48 -50.71 6.90 -4.23
C VAL C 48 -49.36 7.44 -3.77
N ARG C 49 -49.40 8.54 -3.02
CA ARG C 49 -48.19 9.13 -2.47
C ARG C 49 -48.17 9.00 -0.95
N LEU C 50 -47.14 8.31 -0.44
CA LEU C 50 -47.04 8.01 0.98
C LEU C 50 -45.89 8.75 1.65
N GLY C 51 -46.08 9.12 2.91
CA GLY C 51 -45.04 9.73 3.71
C GLY C 51 -44.64 11.11 3.26
N GLU C 52 -45.62 11.93 2.90
CA GLU C 52 -45.34 13.29 2.42
C GLU C 52 -46.07 14.33 3.27
N ASP C 53 -45.36 15.39 3.62
CA ASP C 53 -45.95 16.49 4.38
C ASP C 53 -46.16 17.70 3.49
N ASN C 54 -45.11 18.09 2.79
CA ASN C 54 -45.20 19.14 1.79
C ASN C 54 -45.37 18.54 0.41
N ILE C 55 -46.52 18.81 -0.22
CA ILE C 55 -46.85 18.21 -1.51
C ILE C 55 -46.32 19.04 -2.68
N ASN C 56 -45.81 20.23 -2.38
CA ASN C 56 -45.23 21.09 -3.41
C ASN C 56 -43.71 21.10 -3.33
N VAL C 57 -43.16 20.24 -2.48
CA VAL C 57 -41.72 20.13 -2.29
C VAL C 57 -41.31 18.68 -1.98
N VAL C 58 -40.32 18.17 -2.70
CA VAL C 58 -39.77 16.85 -2.40
C VAL C 58 -38.82 16.97 -1.21
N GLU C 59 -38.95 16.04 -0.25
CA GLU C 59 -38.26 16.17 1.02
C GLU C 59 -37.27 15.03 1.31
N GLY C 60 -37.59 13.83 0.82
CA GLY C 60 -36.64 12.72 0.91
C GLY C 60 -37.18 11.41 1.47
N ASN C 61 -38.32 11.47 2.17
CA ASN C 61 -38.89 10.29 2.80
C ASN C 61 -40.17 9.82 2.11
N GLU C 62 -40.37 10.27 0.88
CA GLU C 62 -41.65 10.07 0.19
C GLU C 62 -41.62 8.87 -0.75
N GLN C 63 -42.76 8.18 -0.86
CA GLN C 63 -42.89 7.05 -1.77
C GLN C 63 -44.01 7.26 -2.76
N PHE C 64 -43.69 7.18 -4.06
CA PHE C 64 -44.69 7.31 -5.11
C PHE C 64 -45.00 5.94 -5.71
N ILE C 65 -46.17 5.40 -5.39
CA ILE C 65 -46.53 4.05 -5.84
C ILE C 65 -47.85 4.04 -6.59
N SER C 66 -47.84 3.49 -7.81
CA SER C 66 -49.02 3.45 -8.66
C SER C 66 -50.07 2.48 -8.12
N ALA C 67 -51.33 2.74 -8.48
CA ALA C 67 -52.42 1.84 -8.14
C ALA C 67 -52.62 0.82 -9.25
N SER C 68 -52.69 -0.46 -8.89
CA SER C 68 -52.92 -1.51 -9.87
C SER C 68 -54.39 -1.90 -9.89
N LYS C 69 -55.07 -1.66 -8.77
CA LYS C 69 -56.49 -1.98 -8.66
C LYS C 69 -57.25 -1.01 -7.76
N SER C 70 -58.45 -0.65 -8.19
CA SER C 70 -59.36 0.16 -7.39
C SER C 70 -60.70 -0.53 -7.31
N ILE C 71 -61.21 -0.69 -6.09
CA ILE C 71 -62.42 -1.46 -5.85
C ILE C 71 -63.44 -0.68 -5.04
N VAL C 72 -64.54 -0.31 -5.69
CA VAL C 72 -65.64 0.40 -5.05
C VAL C 72 -66.58 -0.60 -4.40
N HIS C 73 -67.13 -0.25 -3.24
CA HIS C 73 -68.16 -1.05 -2.59
C HIS C 73 -69.33 -1.21 -3.56
N PRO C 74 -69.78 -2.47 -3.76
CA PRO C 74 -70.82 -2.81 -4.72
C PRO C 74 -72.11 -2.02 -4.54
N SER C 75 -72.43 -1.64 -3.31
CA SER C 75 -73.67 -0.96 -3.01
C SER C 75 -73.51 0.55 -2.89
N TYR C 76 -72.45 1.10 -3.47
CA TYR C 76 -72.22 2.53 -3.45
C TYR C 76 -73.24 3.25 -4.34
N ASN C 77 -73.90 4.26 -3.78
CA ASN C 77 -74.91 5.02 -4.49
C ASN C 77 -74.39 6.39 -4.89
N SER C 78 -74.34 6.65 -6.20
CA SER C 78 -73.81 7.90 -6.73
C SER C 78 -74.65 9.12 -6.34
N ASN C 79 -75.92 8.90 -6.04
CA ASN C 79 -76.83 9.99 -5.72
C ASN C 79 -76.88 10.33 -4.23
N THR C 80 -77.12 9.33 -3.39
CA THR C 80 -77.26 9.55 -1.96
C THR C 80 -75.92 9.41 -1.22
N LEU C 81 -74.88 9.08 -1.98
CA LEU C 81 -73.52 8.92 -1.44
C LEU C 81 -73.45 7.86 -0.34
N ASN C 82 -74.44 6.97 -0.31
CA ASN C 82 -74.45 5.87 0.65
C ASN C 82 -73.38 4.84 0.28
N ASN C 83 -72.69 4.33 1.30
CA ASN C 83 -71.56 3.42 1.11
C ASN C 83 -70.47 4.06 0.25
N ASP C 84 -70.01 5.23 0.67
CA ASP C 84 -68.96 5.94 -0.03
C ASP C 84 -67.58 5.45 0.40
N ILE C 85 -67.22 4.25 0.00
CA ILE C 85 -65.97 3.64 0.43
C ILE C 85 -65.30 2.84 -0.69
N MET C 86 -63.97 2.94 -0.77
CA MET C 86 -63.21 2.29 -1.83
C MET C 86 -61.86 1.78 -1.33
N LEU C 87 -61.46 0.59 -1.78
CA LEU C 87 -60.16 0.03 -1.44
C LEU C 87 -59.22 0.05 -2.64
N ILE C 88 -57.99 0.50 -2.42
CA ILE C 88 -57.01 0.59 -3.49
C ILE C 88 -55.82 -0.32 -3.21
N LYS C 89 -55.46 -1.17 -4.16
CA LYS C 89 -54.27 -2.01 -4.01
C LYS C 89 -53.07 -1.37 -4.68
N LEU C 90 -51.94 -1.34 -3.96
CA LEU C 90 -50.71 -0.79 -4.49
C LEU C 90 -50.02 -1.78 -5.40
N LYS C 91 -49.46 -1.29 -6.51
CA LYS C 91 -48.81 -2.15 -7.48
C LYS C 91 -47.62 -2.88 -6.85
N SER C 92 -46.97 -2.23 -5.90
CA SER C 92 -45.91 -2.85 -5.12
C SER C 92 -46.09 -2.51 -3.65
N ALA C 93 -45.43 -3.27 -2.78
CA ALA C 93 -45.53 -3.05 -1.34
C ALA C 93 -44.84 -1.75 -0.95
N ALA C 94 -45.34 -1.11 0.11
CA ALA C 94 -44.78 0.13 0.61
C ALA C 94 -43.94 -0.11 1.86
N SER C 95 -42.75 0.49 1.91
CA SER C 95 -41.87 0.35 3.06
C SER C 95 -42.45 1.01 4.30
N LEU C 96 -42.84 0.19 5.27
CA LEU C 96 -43.43 0.69 6.51
C LEU C 96 -42.35 1.03 7.54
N ASN C 97 -42.20 2.31 7.84
CA ASN C 97 -41.24 2.76 8.84
C ASN C 97 -41.86 3.78 9.78
N SER C 98 -41.10 4.83 10.10
CA SER C 98 -41.56 5.89 10.96
C SER C 98 -42.45 6.86 10.20
N ARG C 99 -41.94 7.32 9.04
CA ARG C 99 -42.68 8.24 8.19
C ARG C 99 -43.90 7.58 7.59
N VAL C 100 -43.78 6.30 7.26
CA VAL C 100 -44.86 5.56 6.63
C VAL C 100 -45.31 4.39 7.50
N ALA C 101 -46.58 4.42 7.90
CA ALA C 101 -47.16 3.37 8.72
C ALA C 101 -48.65 3.25 8.45
N SER C 102 -49.22 2.09 8.80
CA SER C 102 -50.65 1.88 8.60
C SER C 102 -51.42 2.17 9.87
N ILE C 103 -52.74 2.04 9.80
CA ILE C 103 -53.58 2.28 10.96
C ILE C 103 -54.57 1.12 11.15
N SER C 104 -54.89 0.83 12.40
CA SER C 104 -55.74 -0.31 12.73
C SER C 104 -57.23 -0.02 12.50
N LEU C 105 -57.90 -0.94 11.83
CA LEU C 105 -59.34 -0.85 11.62
C LEU C 105 -60.07 -1.05 12.94
N PRO C 106 -61.24 -0.39 13.09
CA PRO C 106 -61.95 -0.41 14.37
C PRO C 106 -62.59 -1.77 14.68
N THR C 107 -62.84 -2.02 15.96
CA THR C 107 -63.49 -3.25 16.38
C THR C 107 -64.92 -2.97 16.83
N SER C 108 -65.18 -1.69 17.11
CA SER C 108 -66.50 -1.23 17.48
C SER C 108 -66.71 0.21 17.02
N CYS C 109 -67.94 0.68 17.08
CA CYS C 109 -68.25 2.05 16.70
C CYS C 109 -68.05 3.00 17.88
N ALA C 110 -67.37 4.11 17.64
CA ALA C 110 -67.12 5.10 18.68
C ALA C 110 -68.40 5.80 19.08
N SER C 111 -68.45 6.29 20.31
CA SER C 111 -69.66 6.93 20.84
C SER C 111 -69.74 8.40 20.44
N ALA C 112 -70.92 8.99 20.62
CA ALA C 112 -71.13 10.39 20.34
C ALA C 112 -70.47 11.25 21.42
N GLY C 113 -69.47 12.03 21.01
CA GLY C 113 -68.73 12.86 21.94
C GLY C 113 -67.26 12.51 21.91
N THR C 114 -66.92 11.45 21.20
CA THR C 114 -65.54 11.00 21.09
C THR C 114 -64.71 11.98 20.27
N GLN C 115 -63.59 12.43 20.84
CA GLN C 115 -62.70 13.36 20.15
C GLN C 115 -61.92 12.65 19.05
N CYS C 116 -62.17 13.04 17.81
CA CYS C 116 -61.54 12.39 16.67
C CYS C 116 -60.53 13.30 15.97
N LEU C 117 -59.68 12.69 15.15
CA LEU C 117 -58.68 13.43 14.38
C LEU C 117 -58.99 13.39 12.89
N ILE C 118 -59.16 14.57 12.30
CA ILE C 118 -59.43 14.69 10.87
C ILE C 118 -58.24 15.36 10.18
N SER C 119 -57.78 14.78 9.08
CA SER C 119 -56.55 15.21 8.43
C SER C 119 -56.69 15.33 6.91
N GLY C 120 -55.92 16.23 6.31
CA GLY C 120 -55.95 16.37 4.86
C GLY C 120 -55.27 17.59 4.28
N TRP C 121 -55.30 17.68 2.95
CA TRP C 121 -54.71 18.81 2.22
C TRP C 121 -55.78 19.64 1.51
N GLY C 122 -56.99 19.63 2.05
CA GLY C 122 -58.10 20.29 1.39
C GLY C 122 -58.13 21.80 1.56
N ASN C 123 -59.17 22.42 1.01
CA ASN C 123 -59.36 23.87 1.11
C ASN C 123 -59.44 24.31 2.57
N THR C 124 -58.90 25.48 2.88
CA THR C 124 -58.84 25.95 4.25
C THR C 124 -59.68 27.20 4.48
N LYS C 125 -60.64 27.42 3.61
CA LYS C 125 -61.56 28.55 3.74
C LYS C 125 -63.02 28.11 3.62
N SER C 126 -63.88 28.69 4.44
CA SER C 126 -65.31 28.44 4.36
C SER C 126 -65.88 29.08 3.10
N SER C 127 -65.26 30.18 2.68
CA SER C 127 -65.65 30.87 1.45
C SER C 127 -64.42 31.45 0.77
N GLY C 128 -64.09 30.91 -0.40
CA GLY C 128 -62.89 31.29 -1.11
C GLY C 128 -61.97 30.10 -1.28
N THR C 129 -60.75 30.34 -1.74
CA THR C 129 -59.80 29.25 -1.98
C THR C 129 -58.39 29.54 -1.45
N SER C 130 -57.86 28.59 -0.69
CA SER C 130 -56.50 28.68 -0.16
C SER C 130 -55.98 27.29 0.18
N TYR C 131 -55.29 26.66 -0.77
CA TYR C 131 -54.81 25.30 -0.58
C TYR C 131 -53.38 25.28 -0.05
N PRO C 132 -53.19 24.58 1.08
CA PRO C 132 -51.95 24.58 1.86
C PRO C 132 -50.80 23.80 1.21
N ASP C 133 -49.59 24.06 1.67
CA ASP C 133 -48.41 23.30 1.26
C ASP C 133 -48.23 22.14 2.23
N VAL C 134 -48.68 22.34 3.47
CA VAL C 134 -48.45 21.39 4.55
C VAL C 134 -49.76 20.72 4.98
N LEU C 135 -49.68 19.42 5.28
CA LEU C 135 -50.82 18.66 5.77
C LEU C 135 -51.49 19.34 6.97
N LYS C 136 -52.81 19.49 6.89
CA LYS C 136 -53.58 20.16 7.94
C LYS C 136 -54.39 19.17 8.76
N CYS C 137 -54.37 19.37 10.08
CA CYS C 137 -55.08 18.51 11.03
C CYS C 137 -56.21 19.26 11.71
N LEU C 138 -57.01 18.51 12.47
CA LEU C 138 -58.16 19.07 13.20
C LEU C 138 -58.67 18.05 14.21
N LYS C 139 -59.17 18.53 15.35
CA LYS C 139 -59.83 17.63 16.29
C LYS C 139 -61.31 17.96 16.36
N ALA C 140 -62.15 16.93 16.23
CA ALA C 140 -63.60 17.13 16.17
C ALA C 140 -64.35 15.97 16.80
N PRO C 141 -65.35 16.29 17.65
CA PRO C 141 -66.16 15.29 18.34
C PRO C 141 -67.23 14.68 17.46
N ILE C 142 -67.58 13.42 17.72
CA ILE C 142 -68.68 12.78 17.00
C ILE C 142 -70.01 13.32 17.51
N LEU C 143 -70.90 13.65 16.58
CA LEU C 143 -72.18 14.24 16.95
C LEU C 143 -73.29 13.18 16.94
N SER C 144 -74.35 13.44 17.69
CA SER C 144 -75.48 12.52 17.78
C SER C 144 -76.18 12.38 16.44
N ASP C 145 -76.78 11.22 16.19
CA ASP C 145 -77.58 11.01 14.99
C ASP C 145 -78.81 11.89 15.02
N SER C 146 -79.21 12.30 16.23
CA SER C 146 -80.27 13.28 16.39
C SER C 146 -79.86 14.59 15.70
N SER C 147 -78.72 15.12 16.13
CA SER C 147 -78.17 16.34 15.56
C SER C 147 -77.83 16.16 14.08
N CYS C 148 -77.28 15.00 13.75
CA CYS C 148 -76.83 14.72 12.39
C CYS C 148 -78.00 14.63 11.42
N LYS C 149 -79.15 14.19 11.92
CA LYS C 149 -80.34 14.09 11.08
C LYS C 149 -81.17 15.37 11.16
N SER C 150 -80.89 16.21 12.15
CA SER C 150 -81.49 17.53 12.19
C SER C 150 -80.80 18.42 11.17
N ALA C 151 -79.49 18.24 11.04
CA ALA C 151 -78.69 18.97 10.07
C ALA C 151 -79.06 18.57 8.65
N TYR C 152 -79.15 17.26 8.43
CA TYR C 152 -79.49 16.72 7.11
C TYR C 152 -80.69 15.80 7.19
N PRO C 153 -81.90 16.38 7.17
CA PRO C 153 -83.16 15.62 7.26
C PRO C 153 -83.33 14.63 6.10
N GLY C 154 -83.40 13.35 6.43
CA GLY C 154 -83.62 12.31 5.43
C GLY C 154 -82.48 12.14 4.45
N GLN C 155 -81.27 12.45 4.88
CA GLN C 155 -80.09 12.28 4.04
C GLN C 155 -79.02 11.45 4.73
N ILE C 156 -79.30 11.07 5.97
CA ILE C 156 -78.33 10.30 6.76
C ILE C 156 -78.69 8.82 6.83
N THR C 157 -77.84 8.00 6.24
CA THR C 157 -77.98 6.56 6.32
C THR C 157 -77.28 6.06 7.58
N SER C 158 -77.49 4.79 7.93
CA SER C 158 -76.82 4.21 9.09
C SER C 158 -75.36 3.90 8.78
N ASN C 159 -74.94 4.24 7.55
CA ASN C 159 -73.55 4.07 7.13
C ASN C 159 -72.81 5.40 7.18
N MET C 160 -73.46 6.41 7.75
CA MET C 160 -72.88 7.75 7.84
C MET C 160 -72.91 8.28 9.27
N PHE C 161 -72.03 9.22 9.56
CA PHE C 161 -72.05 9.91 10.85
C PHE C 161 -71.49 11.32 10.71
N CYS C 162 -72.03 12.24 11.50
CA CYS C 162 -71.60 13.64 11.44
C CYS C 162 -70.58 13.97 12.52
N ALA C 163 -69.47 14.58 12.11
CA ALA C 163 -68.48 15.07 13.06
C ALA C 163 -68.21 16.55 12.83
N GLY C 164 -67.70 17.23 13.85
CA GLY C 164 -67.42 18.64 13.77
C GLY C 164 -68.14 19.42 14.84
N TYR C 165 -68.73 20.55 14.45
CA TYR C 165 -69.41 21.43 15.38
C TYR C 165 -70.66 22.04 14.75
N LEU C 166 -71.73 22.13 15.53
CA LEU C 166 -72.97 22.74 15.06
C LEU C 166 -72.81 24.24 14.92
N GLU C 167 -71.77 24.78 15.56
CA GLU C 167 -71.50 26.21 15.52
C GLU C 167 -70.68 26.59 14.28
N GLY C 168 -70.01 25.61 13.70
CA GLY C 168 -69.25 25.81 12.48
C GLY C 168 -67.80 26.23 12.72
N GLY C 169 -67.22 26.91 11.74
CA GLY C 169 -65.86 27.39 11.85
C GLY C 169 -64.82 26.34 11.53
N LYS C 170 -64.94 25.17 12.16
CA LYS C 170 -63.96 24.10 11.99
C LYS C 170 -64.60 22.90 11.31
N ASP C 171 -64.03 22.49 10.18
CA ASP C 171 -64.61 21.43 9.36
C ASP C 171 -63.64 20.99 8.26
N SER C 172 -63.90 19.83 7.67
CA SER C 172 -63.16 19.37 6.50
C SER C 172 -63.71 20.04 5.26
N CYS C 173 -62.95 20.05 4.18
CA CYS C 173 -63.38 20.72 2.96
C CYS C 173 -62.92 19.99 1.69
N GLN C 174 -63.08 20.64 0.54
CA GLN C 174 -62.75 20.06 -0.75
C GLN C 174 -61.26 19.73 -0.87
N GLY C 175 -60.96 18.46 -1.13
CA GLY C 175 -59.58 18.02 -1.23
C GLY C 175 -59.19 17.17 -0.05
N ASP C 176 -60.13 16.97 0.87
CA ASP C 176 -59.91 16.16 2.06
C ASP C 176 -60.56 14.80 1.94
N SER C 177 -61.39 14.62 0.91
CA SER C 177 -62.13 13.37 0.71
C SER C 177 -61.22 12.16 0.68
N GLY C 178 -61.70 11.07 1.28
CA GLY C 178 -60.91 9.86 1.41
C GLY C 178 -60.03 9.91 2.64
N GLY C 179 -59.94 11.09 3.24
CA GLY C 179 -59.09 11.31 4.40
C GLY C 179 -59.56 10.59 5.64
N PRO C 180 -58.60 10.26 6.53
CA PRO C 180 -58.85 9.53 7.78
C PRO C 180 -59.59 10.34 8.84
N VAL C 181 -60.48 9.67 9.56
CA VAL C 181 -61.09 10.23 10.76
C VAL C 181 -60.80 9.27 11.90
N VAL C 182 -59.85 9.63 12.75
CA VAL C 182 -59.27 8.69 13.71
C VAL C 182 -59.71 8.93 15.15
N CYS C 183 -60.15 7.86 15.81
CA CYS C 183 -60.52 7.91 17.21
C CYS C 183 -59.88 6.76 17.99
N SER C 184 -59.28 7.09 19.13
CA SER C 184 -58.65 6.11 20.01
C SER C 184 -57.65 5.22 19.29
N GLY C 185 -56.90 5.81 18.34
CA GLY C 185 -55.89 5.08 17.61
C GLY C 185 -56.43 4.14 16.56
N LYS C 186 -57.69 4.34 16.17
CA LYS C 186 -58.33 3.48 15.18
C LYS C 186 -59.16 4.29 14.18
N LEU C 187 -59.15 3.87 12.93
CA LEU C 187 -59.84 4.57 11.84
C LEU C 187 -61.35 4.41 11.92
N GLN C 188 -62.03 5.42 12.43
CA GLN C 188 -63.49 5.37 12.61
C GLN C 188 -64.27 5.88 11.40
N GLY C 189 -63.72 6.86 10.69
CA GLY C 189 -64.45 7.48 9.60
C GLY C 189 -63.62 7.88 8.39
N ILE C 190 -64.31 8.32 7.34
CA ILE C 190 -63.68 8.76 6.10
C ILE C 190 -64.33 10.05 5.63
N VAL C 191 -63.52 11.04 5.24
CA VAL C 191 -64.05 12.31 4.77
C VAL C 191 -64.89 12.12 3.52
N SER C 192 -66.19 12.35 3.65
CA SER C 192 -67.12 12.10 2.56
C SER C 192 -67.73 13.38 1.99
N TRP C 193 -68.76 13.91 2.64
CA TRP C 193 -69.46 15.06 2.07
C TRP C 193 -70.00 16.04 3.10
N GLY C 194 -70.74 17.04 2.62
CA GLY C 194 -71.34 18.06 3.47
C GLY C 194 -71.96 19.17 2.65
N SER C 195 -72.38 20.24 3.31
CA SER C 195 -72.93 21.40 2.63
C SER C 195 -72.00 22.61 2.81
N GLY C 196 -71.21 22.89 1.78
CA GLY C 196 -70.20 23.92 1.88
C GLY C 196 -69.10 23.46 2.81
N CYS C 197 -68.43 24.42 3.46
CA CYS C 197 -67.39 24.09 4.42
C CYS C 197 -67.51 24.96 5.66
N ALA C 198 -67.44 24.32 6.83
CA ALA C 198 -67.51 25.01 8.11
C ALA C 198 -68.75 25.89 8.23
N GLN C 199 -69.87 25.37 7.74
CA GLN C 199 -71.12 26.12 7.75
C GLN C 199 -71.93 25.82 9.02
N LYS C 200 -72.70 26.81 9.46
CA LYS C 200 -73.52 26.67 10.66
C LYS C 200 -74.58 25.57 10.48
N ASN C 201 -74.74 24.76 11.52
CA ASN C 201 -75.73 23.69 11.56
C ASN C 201 -75.56 22.63 10.47
N LYS C 202 -74.45 22.67 9.75
CA LYS C 202 -74.17 21.68 8.72
C LYS C 202 -72.73 21.18 8.82
N PRO C 203 -72.48 20.28 9.78
CA PRO C 203 -71.13 19.75 10.04
C PRO C 203 -70.66 18.77 8.98
N GLY C 204 -69.55 18.08 9.22
CA GLY C 204 -69.00 17.16 8.25
C GLY C 204 -69.69 15.81 8.28
N VAL C 205 -69.99 15.27 7.10
CA VAL C 205 -70.57 13.93 7.02
C VAL C 205 -69.54 12.92 6.53
N TYR C 206 -69.35 11.87 7.31
CA TYR C 206 -68.30 10.88 7.08
C TYR C 206 -68.84 9.46 6.99
N THR C 207 -68.15 8.62 6.23
CA THR C 207 -68.53 7.23 6.07
C THR C 207 -68.18 6.41 7.31
N LYS C 208 -69.13 5.58 7.74
CA LYS C 208 -68.98 4.78 8.96
C LYS C 208 -68.16 3.52 8.69
N VAL C 209 -66.87 3.56 9.04
CA VAL C 209 -65.94 2.49 8.73
C VAL C 209 -66.27 1.17 9.42
N CYS C 210 -66.76 1.27 10.66
CA CYS C 210 -67.03 0.08 11.48
C CYS C 210 -68.06 -0.87 10.85
N ASN C 211 -68.75 -0.41 9.81
CA ASN C 211 -69.72 -1.24 9.12
C ASN C 211 -69.17 -1.86 7.84
N TYR C 212 -67.86 -1.77 7.64
CA TYR C 212 -67.25 -2.26 6.41
C TYR C 212 -66.00 -3.10 6.62
N VAL C 213 -65.62 -3.34 7.87
CA VAL C 213 -64.41 -4.10 8.17
C VAL C 213 -64.47 -5.51 7.58
N SER C 214 -65.67 -6.06 7.57
CA SER C 214 -65.93 -7.42 7.05
C SER C 214 -65.61 -7.46 5.55
N TRP C 215 -66.09 -6.46 4.83
CA TRP C 215 -65.87 -6.31 3.37
C TRP C 215 -64.39 -6.02 3.10
N ILE C 216 -63.79 -5.10 3.83
CA ILE C 216 -62.35 -4.76 3.66
C ILE C 216 -61.55 -6.05 3.78
N LYS C 217 -61.73 -6.75 4.89
CA LYS C 217 -61.05 -8.04 5.17
C LYS C 217 -61.31 -8.99 4.01
N GLN C 218 -62.56 -9.12 3.61
CA GLN C 218 -62.93 -10.04 2.50
C GLN C 218 -62.37 -9.57 1.17
N THR C 219 -62.27 -8.26 0.96
CA THR C 219 -61.83 -7.74 -0.35
C THR C 219 -60.31 -7.85 -0.50
N ILE C 220 -59.57 -7.81 0.59
CA ILE C 220 -58.08 -7.92 0.49
C ILE C 220 -57.72 -9.38 0.26
N ALA C 221 -58.49 -10.29 0.84
CA ALA C 221 -58.25 -11.73 0.70
C ALA C 221 -58.65 -12.23 -0.69
N SER C 222 -59.71 -11.65 -1.25
CA SER C 222 -60.20 -12.05 -2.56
C SER C 222 -59.32 -11.51 -3.69
N ASN C 223 -58.75 -10.33 -3.48
CA ASN C 223 -57.93 -9.68 -4.49
C ASN C 223 -56.47 -9.60 -4.10
N GLU D 3 -51.07 23.92 -11.06
CA GLU D 3 -52.37 24.59 -11.10
C GLU D 3 -53.26 23.96 -12.17
N CYS D 4 -54.54 24.33 -12.16
CA CYS D 4 -55.50 23.82 -13.15
C CYS D 4 -55.48 24.68 -14.40
N PRO D 5 -55.74 24.05 -15.56
CA PRO D 5 -55.69 24.76 -16.85
C PRO D 5 -56.89 25.69 -17.10
N GLY D 6 -56.63 26.84 -17.70
CA GLY D 6 -57.69 27.76 -18.10
C GLY D 6 -58.12 28.74 -17.03
N LYS D 7 -59.25 29.41 -17.26
CA LYS D 7 -59.80 30.36 -16.32
C LYS D 7 -60.29 29.64 -15.07
N GLN D 8 -59.96 30.20 -13.90
CA GLN D 8 -60.22 29.52 -12.65
C GLN D 8 -61.46 30.04 -11.91
N GLU D 9 -61.69 31.34 -11.99
CA GLU D 9 -62.83 31.95 -11.28
C GLU D 9 -63.70 32.80 -12.21
N TRP D 10 -64.97 32.92 -11.84
CA TRP D 10 -65.90 33.78 -12.57
C TRP D 10 -66.69 34.68 -11.61
N PRO D 11 -66.02 35.69 -11.04
CA PRO D 11 -66.71 36.60 -10.11
C PRO D 11 -67.74 37.48 -10.80
N GLU D 12 -67.61 37.64 -12.12
CA GLU D 12 -68.51 38.49 -12.88
C GLU D 12 -69.85 37.81 -13.15
N LEU D 13 -69.89 36.50 -12.94
CA LEU D 13 -71.10 35.73 -13.23
C LEU D 13 -72.04 35.67 -12.03
N VAL D 14 -71.67 36.33 -10.94
CA VAL D 14 -72.54 36.41 -9.78
C VAL D 14 -73.68 37.38 -10.05
N GLY D 15 -74.91 36.86 -10.02
CA GLY D 15 -76.08 37.66 -10.33
C GLY D 15 -76.77 37.17 -11.59
N GLU D 16 -76.15 36.21 -12.26
CA GLU D 16 -76.71 35.63 -13.47
C GLU D 16 -77.47 34.35 -13.13
N TYR D 17 -78.32 33.90 -14.05
CA TYR D 17 -79.03 32.64 -13.85
C TYR D 17 -78.08 31.47 -14.03
N GLY D 18 -78.35 30.39 -13.32
CA GLY D 18 -77.44 29.25 -13.24
C GLY D 18 -76.93 28.66 -14.54
N TYR D 19 -77.85 28.21 -15.39
CA TYR D 19 -77.46 27.48 -16.59
C TYR D 19 -76.82 28.38 -17.65
N LYS D 20 -77.19 29.66 -17.63
CA LYS D 20 -76.55 30.63 -18.50
C LYS D 20 -75.08 30.73 -18.14
N ALA D 21 -74.84 30.90 -16.84
CA ALA D 21 -73.50 30.92 -16.29
C ALA D 21 -72.75 29.63 -16.61
N ALA D 22 -73.45 28.50 -16.56
CA ALA D 22 -72.83 27.22 -16.89
C ALA D 22 -72.34 27.20 -18.33
N ALA D 23 -73.21 27.63 -19.25
CA ALA D 23 -72.87 27.70 -20.66
C ALA D 23 -71.66 28.59 -20.89
N ILE D 24 -71.68 29.80 -20.31
CA ILE D 24 -70.55 30.73 -20.44
C ILE D 24 -69.26 30.13 -19.87
N ILE D 25 -69.38 29.47 -18.72
CA ILE D 25 -68.24 28.84 -18.05
C ILE D 25 -67.59 27.78 -18.94
N GLU D 26 -68.40 26.91 -19.52
CA GLU D 26 -67.87 25.86 -20.39
C GLU D 26 -67.30 26.47 -21.68
N ARG D 27 -67.94 27.53 -22.16
CA ARG D 27 -67.50 28.22 -23.36
C ARG D 27 -66.15 28.89 -23.16
N GLU D 28 -65.87 29.30 -21.93
CA GLU D 28 -64.63 30.01 -21.62
C GLU D 28 -63.49 29.07 -21.22
N ASN D 29 -63.85 27.91 -20.66
CA ASN D 29 -62.86 26.91 -20.29
C ASN D 29 -63.29 25.53 -20.78
N PRO D 30 -62.68 25.07 -21.88
CA PRO D 30 -63.08 23.84 -22.55
C PRO D 30 -62.60 22.56 -21.84
N ASN D 31 -62.11 22.69 -20.62
CA ASN D 31 -61.61 21.54 -19.88
C ASN D 31 -62.45 21.25 -18.64
N VAL D 32 -63.56 21.96 -18.48
CA VAL D 32 -64.39 21.80 -17.30
C VAL D 32 -65.83 21.43 -17.64
N ARG D 33 -66.47 20.70 -16.73
CA ARG D 33 -67.90 20.43 -16.84
C ARG D 33 -68.66 21.17 -15.76
N SER D 34 -69.34 22.25 -16.14
CA SER D 34 -70.08 23.06 -15.18
C SER D 34 -71.31 22.30 -14.66
N ILE D 35 -71.51 22.37 -13.35
CA ILE D 35 -72.65 21.71 -12.72
C ILE D 35 -73.44 22.70 -11.87
N VAL D 36 -74.72 22.85 -12.17
CA VAL D 36 -75.59 23.75 -11.41
C VAL D 36 -76.20 23.01 -10.22
N LYS D 37 -75.92 23.52 -9.02
CA LYS D 37 -76.41 22.89 -7.80
C LYS D 37 -76.88 23.94 -6.79
N HIS D 38 -77.82 23.57 -5.94
CA HIS D 38 -78.37 24.49 -4.95
C HIS D 38 -77.48 24.63 -3.74
N GLU D 39 -77.64 25.75 -3.03
CA GLU D 39 -76.84 26.04 -1.86
C GLU D 39 -77.08 25.04 -0.73
N ARG D 40 -78.35 24.66 -0.57
CA ARG D 40 -78.76 23.75 0.51
C ARG D 40 -78.39 22.31 0.23
N SER D 41 -77.91 22.04 -0.97
CA SER D 41 -77.59 20.69 -1.38
C SER D 41 -76.29 20.21 -0.74
N GLY D 42 -75.94 18.96 -1.00
CA GLY D 42 -74.71 18.39 -0.47
C GLY D 42 -73.59 18.42 -1.49
N PHE D 43 -72.37 18.60 -1.01
CA PHE D 43 -71.21 18.71 -1.88
C PHE D 43 -70.09 17.76 -1.45
N THR D 44 -69.68 16.88 -2.35
CA THR D 44 -68.54 16.00 -2.10
C THR D 44 -67.29 16.84 -1.92
N LYS D 45 -66.33 16.32 -1.17
CA LYS D 45 -65.15 17.10 -0.80
C LYS D 45 -63.90 16.66 -1.55
N ASP D 46 -64.07 16.33 -2.83
CA ASP D 46 -62.94 16.02 -3.70
C ASP D 46 -62.55 17.27 -4.50
N PHE D 47 -61.34 17.27 -5.03
CA PHE D 47 -60.88 18.39 -5.85
C PHE D 47 -60.72 18.00 -7.31
N ARG D 48 -61.42 18.68 -8.19
CA ARG D 48 -61.36 18.38 -9.61
C ARG D 48 -61.01 19.61 -10.44
N CYS D 49 -60.13 19.44 -11.42
CA CYS D 49 -59.75 20.53 -12.32
C CYS D 49 -60.70 20.59 -13.52
N ASP D 50 -61.62 19.65 -13.59
CA ASP D 50 -62.59 19.62 -14.69
C ASP D 50 -64.02 19.84 -14.20
N ARG D 51 -64.16 20.50 -13.05
CA ARG D 51 -65.47 20.72 -12.46
C ARG D 51 -65.65 22.15 -11.95
N VAL D 52 -66.75 22.78 -12.34
CA VAL D 52 -67.11 24.09 -11.83
C VAL D 52 -68.53 24.08 -11.28
N TRP D 53 -68.65 24.07 -9.96
CA TRP D 53 -69.94 24.14 -9.31
C TRP D 53 -70.58 25.50 -9.52
N VAL D 54 -71.75 25.51 -10.16
CA VAL D 54 -72.52 26.74 -10.30
C VAL D 54 -73.58 26.77 -9.21
N VAL D 55 -73.21 27.34 -8.06
CA VAL D 55 -74.05 27.29 -6.87
C VAL D 55 -75.14 28.36 -6.89
N VAL D 56 -76.39 27.93 -6.81
CA VAL D 56 -77.53 28.84 -6.81
C VAL D 56 -78.37 28.68 -5.56
N ASP D 57 -79.37 29.55 -5.39
CA ASP D 57 -80.27 29.46 -4.25
C ASP D 57 -81.67 29.04 -4.69
N SER D 58 -82.68 29.56 -3.99
CA SER D 58 -84.07 29.23 -4.27
C SER D 58 -84.53 29.74 -5.63
N THR D 59 -83.99 30.89 -6.04
CA THR D 59 -84.47 31.56 -7.25
C THR D 59 -83.69 31.15 -8.50
N GLY D 60 -82.61 30.39 -8.32
CA GLY D 60 -81.84 29.89 -9.43
C GLY D 60 -80.78 30.87 -9.92
N VAL D 61 -80.52 31.90 -9.11
CA VAL D 61 -79.48 32.87 -9.43
C VAL D 61 -78.18 32.48 -8.71
N VAL D 62 -77.05 32.70 -9.37
CA VAL D 62 -75.76 32.35 -8.80
C VAL D 62 -75.38 33.29 -7.66
N VAL D 63 -75.28 32.74 -6.45
CA VAL D 63 -74.99 33.52 -5.27
C VAL D 63 -73.65 33.15 -4.64
N ARG D 64 -72.79 32.56 -5.45
CA ARG D 64 -71.45 32.17 -5.01
C ARG D 64 -70.53 32.08 -6.22
N THR D 65 -69.34 32.67 -6.11
CA THR D 65 -68.40 32.72 -7.23
C THR D 65 -68.02 31.32 -7.71
N PRO D 66 -68.36 31.00 -8.97
CA PRO D 66 -68.02 29.72 -9.57
C PRO D 66 -66.51 29.53 -9.68
N ARG D 67 -65.97 28.56 -8.94
CA ARG D 67 -64.54 28.31 -8.93
C ARG D 67 -64.22 26.88 -9.37
N VAL D 68 -63.03 26.69 -9.93
CA VAL D 68 -62.58 25.37 -10.33
C VAL D 68 -62.14 24.55 -9.12
N THR D 69 -63.04 23.73 -8.61
CA THR D 69 -62.77 22.87 -7.46
C THR D 69 -63.43 21.50 -7.64
N ILE E 1 35.34 -16.55 38.44
CA ILE E 1 36.64 -16.18 37.88
C ILE E 1 37.75 -16.50 38.88
N VAL E 2 38.78 -17.20 38.41
CA VAL E 2 39.92 -17.54 39.24
C VAL E 2 41.00 -16.46 39.19
N GLY E 3 41.29 -15.87 40.35
CA GLY E 3 42.35 -14.88 40.45
C GLY E 3 41.98 -13.50 39.92
N GLY E 4 40.73 -13.11 40.12
CA GLY E 4 40.28 -11.79 39.72
C GLY E 4 40.10 -10.87 40.92
N TYR E 5 39.41 -9.76 40.72
CA TYR E 5 39.15 -8.83 41.81
C TYR E 5 37.65 -8.69 42.08
N THR E 6 37.32 -8.03 43.19
CA THR E 6 35.92 -7.74 43.51
C THR E 6 35.45 -6.51 42.74
N CYS E 7 34.45 -6.70 41.90
CA CYS E 7 33.96 -5.64 41.01
C CYS E 7 33.44 -4.43 41.76
N GLY E 8 32.67 -4.70 42.81
CA GLY E 8 31.87 -3.66 43.44
C GLY E 8 30.46 -3.77 42.90
N ALA E 9 29.47 -3.49 43.75
CA ALA E 9 28.07 -3.68 43.40
C ALA E 9 27.66 -2.93 42.15
N ASN E 10 27.15 -3.68 41.17
CA ASN E 10 26.53 -3.13 39.97
C ASN E 10 27.47 -2.25 39.13
N THR E 11 28.76 -2.57 39.18
CA THR E 11 29.73 -1.98 38.28
C THR E 11 29.64 -2.70 36.94
N VAL E 12 28.93 -3.82 36.94
CA VAL E 12 28.62 -4.55 35.71
C VAL E 12 27.12 -4.75 35.63
N PRO E 13 26.38 -3.67 35.30
CA PRO E 13 24.91 -3.65 35.35
C PRO E 13 24.25 -4.59 34.34
N TYR E 14 25.01 -5.07 33.36
CA TYR E 14 24.45 -5.92 32.32
C TYR E 14 24.64 -7.41 32.65
N GLN E 15 25.42 -7.69 33.68
CA GLN E 15 25.63 -9.06 34.13
C GLN E 15 24.37 -9.61 34.79
N VAL E 16 23.86 -10.73 34.29
CA VAL E 16 22.69 -11.35 34.88
C VAL E 16 22.98 -12.79 35.30
N SER E 17 22.24 -13.27 36.30
CA SER E 17 22.44 -14.61 36.83
C SER E 17 21.28 -15.52 36.48
N LEU E 18 21.59 -16.62 35.79
CA LEU E 18 20.58 -17.62 35.46
C LEU E 18 20.32 -18.52 36.66
N ASN E 19 19.05 -18.60 37.06
CA ASN E 19 18.67 -19.30 38.28
C ASN E 19 17.63 -20.39 38.06
N SER E 20 17.80 -21.50 38.77
CA SER E 20 16.84 -22.58 38.79
C SER E 20 16.97 -23.29 40.14
N GLY E 21 16.83 -22.51 41.21
CA GLY E 21 17.14 -22.96 42.55
C GLY E 21 18.50 -22.43 42.93
N TYR E 22 19.50 -22.73 42.10
CA TYR E 22 20.84 -22.22 42.29
C TYR E 22 21.33 -21.51 41.03
N HIS E 23 22.41 -20.75 41.16
CA HIS E 23 23.03 -20.10 40.01
C HIS E 23 23.87 -21.09 39.22
N PHE E 24 23.57 -21.25 37.93
CA PHE E 24 24.25 -22.24 37.12
C PHE E 24 24.98 -21.66 35.91
N CYS E 25 24.56 -20.47 35.47
CA CYS E 25 25.19 -19.82 34.33
C CYS E 25 25.02 -18.31 34.38
N GLY E 26 25.91 -17.58 33.70
CA GLY E 26 25.82 -16.14 33.63
C GLY E 26 25.17 -15.70 32.33
N GLY E 27 24.92 -14.40 32.19
CA GLY E 27 24.34 -13.87 30.98
C GLY E 27 24.53 -12.38 30.80
N SER E 28 24.28 -11.89 29.59
CA SER E 28 24.42 -10.46 29.29
C SER E 28 23.12 -9.88 28.76
N LEU E 29 22.68 -8.76 29.32
CA LEU E 29 21.46 -8.10 28.83
C LEU E 29 21.76 -7.29 27.58
N ILE E 30 21.03 -7.53 26.49
CA ILE E 30 21.28 -6.76 25.26
C ILE E 30 20.18 -5.73 25.01
N ASN E 31 18.94 -6.06 25.37
CA ASN E 31 17.88 -5.08 25.45
C ASN E 31 16.96 -5.42 26.61
N SER E 32 15.90 -4.63 26.80
CA SER E 32 15.04 -4.77 27.96
C SER E 32 14.32 -6.11 28.02
N GLN E 33 14.38 -6.89 26.95
CA GLN E 33 13.66 -8.16 26.89
C GLN E 33 14.53 -9.36 26.53
N TRP E 34 15.81 -9.15 26.25
CA TRP E 34 16.64 -10.23 25.76
C TRP E 34 18.02 -10.36 26.42
N VAL E 35 18.39 -11.60 26.70
CA VAL E 35 19.66 -11.94 27.34
C VAL E 35 20.46 -12.95 26.51
N VAL E 36 21.67 -12.58 26.16
CA VAL E 36 22.61 -13.47 25.48
C VAL E 36 23.35 -14.35 26.48
N SER E 37 23.32 -15.65 26.25
CA SER E 37 24.05 -16.61 27.09
C SER E 37 24.69 -17.69 26.23
N ALA E 38 25.23 -18.72 26.87
CA ALA E 38 25.84 -19.83 26.16
C ALA E 38 24.81 -20.91 25.87
N ALA E 39 24.98 -21.62 24.75
CA ALA E 39 24.03 -22.64 24.31
C ALA E 39 24.01 -23.85 25.24
N HIS E 40 25.15 -24.20 25.80
CA HIS E 40 25.25 -25.38 26.66
C HIS E 40 24.65 -25.12 28.04
N CYS E 41 24.20 -23.89 28.27
CA CYS E 41 23.54 -23.54 29.52
C CYS E 41 22.03 -23.76 29.42
N TYR E 42 21.60 -24.38 28.34
CA TYR E 42 20.17 -24.56 28.08
C TYR E 42 19.50 -25.45 29.11
N LYS E 43 18.45 -24.92 29.73
CA LYS E 43 17.64 -25.64 30.70
C LYS E 43 16.18 -25.20 30.48
N SER E 44 15.25 -25.92 31.10
CA SER E 44 13.85 -25.51 31.04
C SER E 44 13.44 -24.84 32.36
N GLY E 45 12.63 -23.80 32.25
CA GLY E 45 12.19 -23.07 33.44
C GLY E 45 13.29 -22.25 34.07
N ILE E 46 13.84 -21.31 33.31
CA ILE E 46 14.92 -20.46 33.79
C ILE E 46 14.38 -19.15 34.37
N GLN E 47 14.94 -18.74 35.51
CA GLN E 47 14.60 -17.45 36.10
C GLN E 47 15.81 -16.52 36.05
N VAL E 48 15.68 -15.42 35.31
CA VAL E 48 16.76 -14.47 35.14
C VAL E 48 16.81 -13.50 36.33
N ARG E 49 18.02 -13.26 36.83
CA ARG E 49 18.20 -12.35 37.96
C ARG E 49 19.10 -11.18 37.56
N LEU E 50 18.50 -9.99 37.48
CA LEU E 50 19.20 -8.80 37.01
C LEU E 50 19.46 -7.80 38.14
N GLY E 51 20.61 -7.14 38.06
CA GLY E 51 20.97 -6.10 39.01
C GLY E 51 21.35 -6.64 40.37
N GLU E 52 22.22 -7.64 40.39
CA GLU E 52 22.59 -8.29 41.64
C GLU E 52 24.11 -8.36 41.83
N ASP E 53 24.54 -8.29 43.09
CA ASP E 53 25.95 -8.40 43.42
C ASP E 53 26.17 -9.57 44.38
N ASN E 54 25.34 -9.64 45.41
CA ASN E 54 25.36 -10.75 46.35
C ASN E 54 24.18 -11.69 46.10
N ILE E 55 24.42 -12.77 45.37
CA ILE E 55 23.35 -13.67 44.93
C ILE E 55 22.70 -14.45 46.07
N ASN E 56 23.32 -14.42 47.25
CA ASN E 56 22.78 -15.16 48.39
C ASN E 56 22.10 -14.24 49.40
N VAL E 57 22.18 -12.93 49.15
CA VAL E 57 21.58 -11.95 50.05
C VAL E 57 20.73 -10.94 49.28
N VAL E 58 19.44 -10.88 49.60
CA VAL E 58 18.52 -9.97 48.94
C VAL E 58 18.82 -8.52 49.33
N GLU E 59 19.49 -7.80 48.43
CA GLU E 59 19.92 -6.44 48.70
C GLU E 59 18.81 -5.43 48.46
N GLY E 60 17.82 -5.82 47.66
CA GLY E 60 16.86 -4.89 47.13
C GLY E 60 17.34 -4.44 45.77
N ASN E 61 16.46 -3.84 44.98
CA ASN E 61 16.79 -3.42 43.62
C ASN E 61 17.29 -4.61 42.78
N GLU E 62 16.65 -5.75 42.96
CA GLU E 62 16.95 -6.94 42.16
C GLU E 62 15.71 -7.33 41.37
N GLN E 63 15.91 -7.78 40.13
CA GLN E 63 14.77 -8.19 39.32
C GLN E 63 14.81 -9.67 38.96
N PHE E 64 13.80 -10.41 39.40
CA PHE E 64 13.69 -11.82 39.09
C PHE E 64 12.60 -12.05 38.06
N ILE E 65 13.00 -12.15 36.79
CA ILE E 65 12.06 -12.30 35.69
C ILE E 65 12.21 -13.65 35.01
N SER E 66 11.13 -14.43 34.99
CA SER E 66 11.15 -15.76 34.40
C SER E 66 11.41 -15.71 32.90
N ALA E 67 11.94 -16.80 32.35
CA ALA E 67 12.16 -16.91 30.92
C ALA E 67 10.91 -17.45 30.24
N SER E 68 10.49 -16.79 29.17
CA SER E 68 9.29 -17.20 28.44
C SER E 68 9.66 -17.97 27.19
N LYS E 69 10.85 -17.70 26.67
CA LYS E 69 11.32 -18.32 25.42
C LYS E 69 12.83 -18.41 25.43
N SER E 70 13.35 -19.54 24.93
CA SER E 70 14.78 -19.75 24.87
C SER E 70 15.18 -20.42 23.56
N ILE E 71 16.04 -19.76 22.80
CA ILE E 71 16.40 -20.23 21.47
C ILE E 71 17.89 -20.46 21.33
N VAL E 72 18.25 -21.72 21.12
CA VAL E 72 19.63 -22.11 20.86
C VAL E 72 19.95 -21.89 19.39
N HIS E 73 21.17 -21.48 19.09
CA HIS E 73 21.62 -21.35 17.71
C HIS E 73 21.46 -22.69 17.00
N PRO E 74 20.79 -22.69 15.84
CA PRO E 74 20.43 -23.91 15.09
C PRO E 74 21.64 -24.82 14.79
N SER E 75 22.81 -24.23 14.57
CA SER E 75 23.99 -25.01 14.19
C SER E 75 24.89 -25.30 15.38
N TYR E 76 24.33 -25.23 16.60
CA TYR E 76 25.09 -25.53 17.80
C TYR E 76 25.51 -27.00 17.85
N ASN E 77 26.79 -27.23 18.13
CA ASN E 77 27.34 -28.57 18.17
C ASN E 77 27.79 -28.94 19.59
N SER E 78 27.11 -29.91 20.19
CA SER E 78 27.35 -30.26 21.59
C SER E 78 28.68 -30.98 21.83
N ASN E 79 29.32 -31.43 20.75
CA ASN E 79 30.57 -32.17 20.87
C ASN E 79 31.82 -31.31 20.64
N THR E 80 31.69 -30.31 19.76
CA THR E 80 32.81 -29.42 19.48
C THR E 80 32.58 -28.05 20.12
N LEU E 81 31.40 -27.88 20.72
CA LEU E 81 31.00 -26.64 21.37
C LEU E 81 31.04 -25.45 20.40
N ASN E 82 30.94 -25.75 19.11
CA ASN E 82 30.86 -24.72 18.08
C ASN E 82 29.46 -24.12 18.05
N ASN E 83 29.38 -22.82 17.75
CA ASN E 83 28.13 -22.06 17.80
C ASN E 83 27.47 -22.14 19.18
N ASP E 84 28.28 -21.87 20.22
CA ASP E 84 27.81 -21.93 21.59
C ASP E 84 27.17 -20.62 22.01
N ILE E 85 25.99 -20.33 21.46
CA ILE E 85 25.29 -19.09 21.75
C ILE E 85 23.77 -19.28 21.80
N MET E 86 23.15 -18.73 22.84
CA MET E 86 21.72 -18.88 23.07
C MET E 86 21.07 -17.55 23.43
N LEU E 87 19.86 -17.33 22.94
CA LEU E 87 19.12 -16.11 23.27
C LEU E 87 17.93 -16.41 24.17
N ILE E 88 17.74 -15.59 25.20
CA ILE E 88 16.65 -15.78 26.14
C ILE E 88 15.73 -14.56 26.18
N LYS E 89 14.45 -14.77 25.88
CA LYS E 89 13.47 -13.69 26.00
C LYS E 89 12.86 -13.68 27.39
N LEU E 90 12.70 -12.48 27.95
CA LEU E 90 12.12 -12.34 29.28
C LEU E 90 10.60 -12.28 29.19
N LYS E 91 9.94 -12.81 30.22
CA LYS E 91 8.49 -12.86 30.27
C LYS E 91 7.89 -11.46 30.22
N SER E 92 8.64 -10.49 30.73
CA SER E 92 8.28 -9.09 30.64
C SER E 92 9.53 -8.22 30.58
N ALA E 93 9.39 -6.98 30.12
CA ALA E 93 10.53 -6.08 30.01
C ALA E 93 11.08 -5.72 31.38
N ALA E 94 12.40 -5.57 31.45
CA ALA E 94 13.06 -5.22 32.71
C ALA E 94 13.23 -3.71 32.84
N SER E 95 13.03 -3.19 34.05
CA SER E 95 13.20 -1.78 34.31
C SER E 95 14.66 -1.36 34.18
N LEU E 96 14.96 -0.60 33.13
CA LEU E 96 16.32 -0.15 32.89
C LEU E 96 16.66 1.08 33.74
N ASN E 97 17.83 1.06 34.36
CA ASN E 97 18.27 2.17 35.20
C ASN E 97 19.77 2.14 35.47
N SER E 98 20.15 2.68 36.63
CA SER E 98 21.54 2.77 37.02
C SER E 98 22.18 1.40 37.19
N ARG E 99 21.46 0.51 37.87
CA ARG E 99 21.99 -0.78 38.26
C ARG E 99 21.62 -1.90 37.28
N VAL E 100 20.64 -1.63 36.42
CA VAL E 100 20.24 -2.58 35.40
C VAL E 100 20.24 -1.94 34.02
N ALA E 101 21.32 -2.15 33.27
CA ALA E 101 21.42 -1.62 31.92
C ALA E 101 21.78 -2.73 30.95
N SER E 102 21.56 -2.49 29.66
CA SER E 102 21.94 -3.48 28.65
C SER E 102 23.33 -3.18 28.12
N ILE E 103 23.73 -3.87 27.06
CA ILE E 103 25.04 -3.63 26.46
C ILE E 103 24.97 -3.71 24.94
N SER E 104 25.78 -2.89 24.28
CA SER E 104 25.76 -2.81 22.82
C SER E 104 26.49 -3.97 22.17
N LEU E 105 25.93 -4.45 21.07
CA LEU E 105 26.57 -5.50 20.28
C LEU E 105 27.63 -4.88 19.38
N PRO E 106 28.75 -5.59 19.17
CA PRO E 106 29.89 -5.02 18.45
C PRO E 106 29.61 -4.80 16.97
N THR E 107 30.27 -3.82 16.38
CA THR E 107 30.15 -3.56 14.96
C THR E 107 31.34 -4.16 14.22
N SER E 108 32.21 -4.81 14.99
CA SER E 108 33.42 -5.42 14.44
C SER E 108 34.07 -6.35 15.45
N CYS E 109 34.99 -7.17 14.98
CA CYS E 109 35.80 -8.01 15.86
C CYS E 109 36.98 -7.20 16.39
N ALA E 110 37.53 -7.63 17.52
CA ALA E 110 38.64 -6.91 18.13
C ALA E 110 39.98 -7.49 17.70
N SER E 111 41.07 -6.89 18.18
CA SER E 111 42.40 -7.34 17.83
C SER E 111 43.04 -8.13 18.97
N ALA E 112 44.07 -8.89 18.65
CA ALA E 112 44.84 -9.58 19.67
C ALA E 112 45.61 -8.57 20.50
N GLY E 113 45.39 -8.59 21.81
CA GLY E 113 46.02 -7.64 22.70
C GLY E 113 45.00 -6.71 23.33
N THR E 114 43.79 -6.74 22.80
CA THR E 114 42.69 -5.93 23.32
C THR E 114 42.29 -6.40 24.72
N GLN E 115 42.37 -5.51 25.69
CA GLN E 115 42.02 -5.84 27.06
C GLN E 115 40.50 -5.90 27.24
N CYS E 116 40.01 -7.03 27.75
CA CYS E 116 38.58 -7.25 27.90
C CYS E 116 38.19 -7.55 29.34
N LEU E 117 36.98 -7.14 29.71
CA LEU E 117 36.43 -7.40 31.03
C LEU E 117 35.58 -8.67 31.03
N ILE E 118 36.02 -9.65 31.81
CA ILE E 118 35.29 -10.89 32.02
C ILE E 118 34.69 -10.89 33.42
N SER E 119 33.40 -11.18 33.51
CA SER E 119 32.67 -11.08 34.78
C SER E 119 31.89 -12.35 35.09
N GLY E 120 31.83 -12.72 36.37
CA GLY E 120 31.04 -13.88 36.74
C GLY E 120 30.99 -14.25 38.21
N TRP E 121 30.11 -15.20 38.52
CA TRP E 121 29.97 -15.73 39.87
C TRP E 121 30.49 -17.15 39.98
N GLY E 122 31.45 -17.50 39.11
CA GLY E 122 31.97 -18.84 39.06
C GLY E 122 33.06 -19.13 40.07
N ASN E 123 33.63 -20.33 39.98
CA ASN E 123 34.66 -20.79 40.91
C ASN E 123 35.88 -19.89 40.90
N THR E 124 36.52 -19.75 42.06
CA THR E 124 37.66 -18.85 42.21
C THR E 124 38.95 -19.57 42.57
N LYS E 125 39.00 -20.86 42.30
CA LYS E 125 40.18 -21.67 42.62
C LYS E 125 40.72 -22.43 41.41
N SER E 126 42.03 -22.54 41.34
CA SER E 126 42.69 -23.35 40.33
C SER E 126 42.33 -24.82 40.54
N SER E 127 42.53 -25.29 41.76
CA SER E 127 42.14 -26.64 42.16
C SER E 127 41.29 -26.57 43.42
N GLY E 128 40.17 -27.28 43.43
CA GLY E 128 39.25 -27.24 44.55
C GLY E 128 38.07 -26.33 44.26
N THR E 129 37.26 -26.06 45.27
CA THR E 129 36.07 -25.24 45.08
C THR E 129 35.84 -24.21 46.20
N SER E 130 35.54 -22.99 45.79
CA SER E 130 35.14 -21.93 46.72
C SER E 130 34.37 -20.86 45.96
N TYR E 131 33.05 -20.98 45.93
CA TYR E 131 32.21 -20.08 45.17
C TYR E 131 31.90 -18.80 45.95
N PRO E 132 32.04 -17.64 45.27
CA PRO E 132 31.91 -16.33 45.90
C PRO E 132 30.47 -15.92 46.17
N ASP E 133 30.30 -14.90 47.02
CA ASP E 133 29.00 -14.30 47.24
C ASP E 133 28.86 -13.08 46.34
N VAL E 134 29.98 -12.42 46.10
CA VAL E 134 30.03 -11.21 45.30
C VAL E 134 30.57 -11.48 43.90
N LEU E 135 29.96 -10.85 42.90
CA LEU E 135 30.41 -10.94 41.51
C LEU E 135 31.89 -10.60 41.39
N LYS E 136 32.64 -11.43 40.66
CA LYS E 136 34.05 -11.17 40.48
C LYS E 136 34.41 -10.81 39.04
N CYS E 137 35.36 -9.88 38.92
CA CYS E 137 35.80 -9.37 37.63
C CYS E 137 37.25 -9.72 37.33
N LEU E 138 37.60 -9.67 36.05
CA LEU E 138 38.96 -9.93 35.59
C LEU E 138 39.19 -9.19 34.28
N LYS E 139 40.42 -8.72 34.05
CA LYS E 139 40.76 -8.11 32.77
C LYS E 139 41.81 -8.94 32.07
N ALA E 140 41.48 -9.42 30.87
CA ALA E 140 42.37 -10.29 30.13
C ALA E 140 42.47 -9.89 28.67
N PRO E 141 43.68 -9.97 28.10
CA PRO E 141 43.89 -9.62 26.69
C PRO E 141 43.43 -10.72 25.74
N ILE E 142 43.11 -10.35 24.51
CA ILE E 142 42.76 -11.33 23.48
C ILE E 142 44.03 -11.93 22.90
N LEU E 143 44.04 -13.24 22.71
CA LEU E 143 45.21 -13.93 22.18
C LEU E 143 45.05 -14.21 20.69
N SER E 144 46.18 -14.36 20.01
CA SER E 144 46.19 -14.68 18.59
C SER E 144 45.70 -16.11 18.38
N ASP E 145 45.14 -16.39 17.21
CA ASP E 145 44.68 -17.73 16.90
C ASP E 145 45.87 -18.66 16.65
N SER E 146 47.05 -18.10 16.56
CA SER E 146 48.27 -18.90 16.55
C SER E 146 48.44 -19.56 17.91
N SER E 147 48.42 -18.74 18.95
CA SER E 147 48.51 -19.23 20.31
C SER E 147 47.28 -20.04 20.69
N CYS E 148 46.12 -19.65 20.14
CA CYS E 148 44.87 -20.31 20.47
C CYS E 148 44.80 -21.70 19.86
N LYS E 149 45.33 -21.84 18.64
CA LYS E 149 45.37 -23.13 17.96
C LYS E 149 46.51 -24.00 18.48
N SER E 150 47.57 -23.35 18.96
CA SER E 150 48.69 -24.09 19.54
C SER E 150 48.30 -24.63 20.90
N ALA E 151 47.48 -23.88 21.63
CA ALA E 151 47.01 -24.28 22.94
C ALA E 151 45.96 -25.37 22.83
N TYR E 152 45.04 -25.20 21.88
CA TYR E 152 44.00 -26.18 21.62
C TYR E 152 44.06 -26.68 20.18
N PRO E 153 44.96 -27.65 19.91
CA PRO E 153 45.14 -28.20 18.56
C PRO E 153 43.88 -28.83 17.99
N GLY E 154 43.35 -28.23 16.92
CA GLY E 154 42.21 -28.77 16.22
C GLY E 154 40.90 -28.74 16.98
N GLN E 155 40.75 -27.77 17.88
CA GLN E 155 39.53 -27.62 18.67
C GLN E 155 39.04 -26.19 18.66
N ILE E 156 39.66 -25.35 17.84
CA ILE E 156 39.27 -23.95 17.74
C ILE E 156 38.68 -23.63 16.38
N THR E 157 37.38 -23.38 16.34
CA THR E 157 36.72 -22.97 15.11
C THR E 157 36.92 -21.48 14.88
N SER E 158 36.38 -20.97 13.77
CA SER E 158 36.45 -19.55 13.48
C SER E 158 35.41 -18.79 14.29
N ASN E 159 34.62 -19.54 15.07
CA ASN E 159 33.61 -18.96 15.94
C ASN E 159 34.09 -18.89 17.39
N MET E 160 35.38 -19.14 17.59
CA MET E 160 35.96 -19.13 18.92
C MET E 160 37.21 -18.26 18.99
N PHE E 161 37.47 -17.68 20.17
CA PHE E 161 38.73 -16.99 20.41
C PHE E 161 39.18 -17.20 21.85
N CYS E 162 40.49 -17.21 22.07
CA CYS E 162 41.03 -17.41 23.40
C CYS E 162 41.34 -16.09 24.09
N ALA E 163 41.08 -16.05 25.39
CA ALA E 163 41.45 -14.89 26.20
C ALA E 163 42.05 -15.34 27.53
N GLY E 164 42.87 -14.47 28.11
CA GLY E 164 43.56 -14.77 29.35
C GLY E 164 45.07 -14.66 29.22
N TYR E 165 45.77 -15.56 29.90
CA TYR E 165 47.23 -15.55 29.87
C TYR E 165 47.77 -16.97 29.66
N LEU E 166 48.76 -17.09 28.81
CA LEU E 166 49.38 -18.40 28.52
C LEU E 166 50.14 -18.90 29.74
N GLU E 167 50.26 -18.07 30.76
CA GLU E 167 50.90 -18.32 32.06
C GLU E 167 49.94 -19.14 32.89
N GLY E 168 48.72 -18.63 33.04
CA GLY E 168 47.66 -19.25 33.81
C GLY E 168 47.20 -18.34 34.92
N GLY E 169 46.96 -18.88 36.09
CA GLY E 169 46.62 -18.07 37.27
C GLY E 169 45.35 -17.29 37.15
N LYS E 170 45.17 -16.57 36.09
CA LYS E 170 43.91 -15.85 35.95
C LYS E 170 43.06 -16.41 34.80
N ASP E 171 41.80 -16.72 35.10
CA ASP E 171 40.91 -17.34 34.13
C ASP E 171 39.47 -17.36 34.65
N SER E 172 38.52 -17.57 33.74
CA SER E 172 37.14 -17.83 34.13
C SER E 172 37.01 -19.29 34.52
N CYS E 173 35.97 -19.63 35.28
CA CYS E 173 35.83 -21.00 35.75
C CYS E 173 34.38 -21.47 35.76
N GLN E 174 34.11 -22.55 36.51
CA GLN E 174 32.80 -23.18 36.52
C GLN E 174 31.74 -22.30 37.15
N GLY E 175 30.70 -22.00 36.39
CA GLY E 175 29.62 -21.14 36.86
C GLY E 175 29.67 -19.78 36.21
N ASP E 176 30.58 -19.62 35.25
CA ASP E 176 30.77 -18.35 34.57
C ASP E 176 30.21 -18.37 33.15
N SER E 177 29.83 -19.56 32.67
CA SER E 177 29.36 -19.73 31.31
C SER E 177 28.17 -18.84 30.98
N GLY E 178 28.14 -18.34 29.74
CA GLY E 178 27.13 -17.40 29.31
C GLY E 178 27.50 -15.98 29.70
N GLY E 179 28.55 -15.87 30.52
CA GLY E 179 29.00 -14.59 31.04
C GLY E 179 29.58 -13.68 29.98
N PRO E 180 29.47 -12.36 30.20
CA PRO E 180 29.94 -11.32 29.28
C PRO E 180 31.46 -11.20 29.19
N VAL E 181 31.95 -10.94 27.98
CA VAL E 181 33.34 -10.57 27.76
C VAL E 181 33.37 -9.29 26.92
N VAL E 182 33.66 -8.17 27.58
CA VAL E 182 33.44 -6.85 26.99
C VAL E 182 34.74 -6.11 26.65
N CYS E 183 34.84 -5.64 25.41
CA CYS E 183 36.02 -4.90 24.96
C CYS E 183 35.62 -3.58 24.32
N SER E 184 36.31 -2.50 24.71
CA SER E 184 36.06 -1.16 24.17
C SER E 184 34.60 -0.74 24.32
N GLY E 185 33.95 -1.24 25.36
CA GLY E 185 32.57 -0.87 25.66
C GLY E 185 31.53 -1.73 24.97
N LYS E 186 31.97 -2.78 24.29
CA LYS E 186 31.06 -3.66 23.55
C LYS E 186 31.31 -5.14 23.82
N LEU E 187 30.22 -5.90 23.85
CA LEU E 187 30.27 -7.33 24.15
C LEU E 187 30.79 -8.15 22.99
N GLN E 188 32.03 -8.63 23.09
CA GLN E 188 32.64 -9.34 21.98
C GLN E 188 32.81 -10.83 22.23
N GLY E 189 32.71 -11.25 23.48
CA GLY E 189 32.90 -12.65 23.79
C GLY E 189 31.93 -13.25 24.79
N ILE E 190 31.76 -14.57 24.71
CA ILE E 190 30.94 -15.29 25.69
C ILE E 190 31.70 -16.45 26.34
N VAL E 191 31.73 -16.47 27.67
CA VAL E 191 32.42 -17.52 28.43
C VAL E 191 31.94 -18.91 28.00
N SER E 192 32.80 -19.66 27.30
CA SER E 192 32.39 -20.94 26.77
C SER E 192 33.04 -22.11 27.52
N TRP E 193 34.21 -22.53 27.04
CA TRP E 193 34.87 -23.70 27.63
C TRP E 193 36.36 -23.51 27.84
N GLY E 194 37.04 -24.62 28.14
CA GLY E 194 38.47 -24.62 28.37
C GLY E 194 38.92 -25.88 29.08
N SER E 195 40.23 -26.09 29.17
CA SER E 195 40.76 -27.25 29.85
C SER E 195 41.21 -26.89 31.26
N GLY E 196 40.42 -27.26 32.25
CA GLY E 196 40.68 -26.89 33.62
C GLY E 196 40.47 -25.41 33.85
N CYS E 197 40.89 -24.91 35.00
CA CYS E 197 40.77 -23.49 35.31
C CYS E 197 42.12 -22.89 35.65
N ALA E 198 42.45 -21.78 35.01
CA ALA E 198 43.71 -21.07 35.22
C ALA E 198 44.91 -21.99 35.03
N GLN E 199 44.84 -22.84 34.00
CA GLN E 199 45.90 -23.80 33.74
C GLN E 199 46.95 -23.24 32.78
N LYS E 200 48.18 -23.70 32.96
CA LYS E 200 49.28 -23.30 32.08
C LYS E 200 49.01 -23.72 30.64
N ASN E 201 49.26 -22.80 29.72
CA ASN E 201 49.10 -23.02 28.27
C ASN E 201 47.66 -23.25 27.83
N LYS E 202 46.72 -23.29 28.77
CA LYS E 202 45.33 -23.55 28.40
C LYS E 202 44.40 -22.49 29.00
N PRO E 203 44.29 -21.34 28.33
CA PRO E 203 43.46 -20.22 28.78
C PRO E 203 41.98 -20.44 28.52
N GLY E 204 41.22 -19.35 28.50
CA GLY E 204 39.78 -19.46 28.33
C GLY E 204 39.35 -19.43 26.87
N VAL E 205 38.38 -20.27 26.53
CA VAL E 205 37.79 -20.26 25.19
C VAL E 205 36.42 -19.57 25.23
N TYR E 206 36.25 -18.62 24.32
CA TYR E 206 35.05 -17.79 24.31
C TYR E 206 34.41 -17.73 22.92
N THR E 207 33.09 -17.72 22.91
CA THR E 207 32.33 -17.63 21.67
C THR E 207 32.46 -16.22 21.09
N LYS E 208 32.78 -16.17 19.80
CA LYS E 208 32.97 -14.94 19.04
C LYS E 208 31.63 -14.30 18.68
N VAL E 209 31.25 -13.27 19.42
CA VAL E 209 29.92 -12.68 19.27
C VAL E 209 29.75 -11.93 17.95
N CYS E 210 30.85 -11.43 17.39
CA CYS E 210 30.79 -10.61 16.18
C CYS E 210 30.24 -11.38 14.97
N ASN E 211 30.22 -12.71 15.08
CA ASN E 211 29.71 -13.54 14.00
C ASN E 211 28.23 -13.89 14.15
N TYR E 212 27.57 -13.25 15.11
CA TYR E 212 26.19 -13.61 15.42
C TYR E 212 25.24 -12.42 15.52
N VAL E 213 25.76 -11.21 15.31
CA VAL E 213 24.95 -10.01 15.37
C VAL E 213 23.74 -10.11 14.44
N SER E 214 23.99 -10.68 13.25
CA SER E 214 22.94 -10.91 12.27
C SER E 214 21.84 -11.82 12.82
N TRP E 215 22.23 -12.97 13.36
CA TRP E 215 21.28 -13.96 13.91
C TRP E 215 20.59 -13.39 15.16
N ILE E 216 21.38 -12.78 16.01
CA ILE E 216 20.91 -12.15 17.27
C ILE E 216 19.89 -11.10 16.86
N LYS E 217 20.25 -10.30 15.86
CA LYS E 217 19.38 -9.22 15.30
C LYS E 217 18.13 -9.82 14.66
N GLN E 218 18.27 -10.95 13.98
CA GLN E 218 17.13 -11.64 13.33
C GLN E 218 16.21 -12.30 14.35
N THR E 219 16.78 -13.06 15.26
CA THR E 219 16.04 -13.77 16.32
C THR E 219 15.08 -12.85 17.10
N ILE E 220 15.56 -11.68 17.55
CA ILE E 220 14.76 -10.75 18.35
C ILE E 220 13.54 -10.26 17.58
N ALA E 221 13.68 -10.05 16.28
CA ALA E 221 12.59 -9.55 15.45
C ALA E 221 11.56 -10.64 15.13
N SER E 222 12.05 -11.80 14.73
CA SER E 222 11.19 -12.93 14.34
C SER E 222 10.43 -13.48 15.55
N ASN E 223 11.06 -13.40 16.72
CA ASN E 223 10.43 -13.87 17.95
C ASN E 223 9.95 -12.71 18.82
N GLU F 3 22.82 -24.63 48.50
CA GLU F 3 23.84 -25.62 48.16
C GLU F 3 23.26 -26.81 47.40
N CYS F 4 24.11 -27.76 47.05
CA CYS F 4 23.69 -28.96 46.35
C CYS F 4 23.39 -30.08 47.34
N PRO F 5 22.43 -30.95 46.99
CA PRO F 5 22.07 -32.06 47.88
C PRO F 5 23.07 -33.22 47.80
N GLY F 6 23.19 -33.97 48.90
CA GLY F 6 24.02 -35.16 48.91
C GLY F 6 25.50 -34.89 49.13
N LYS F 7 26.30 -35.95 49.02
CA LYS F 7 27.74 -35.86 49.19
C LYS F 7 28.36 -34.99 48.09
N GLN F 8 29.32 -34.17 48.47
CA GLN F 8 29.88 -33.17 47.55
C GLN F 8 31.23 -33.57 46.97
N GLU F 9 32.11 -34.10 47.80
CA GLU F 9 33.46 -34.45 47.35
C GLU F 9 33.80 -35.91 47.66
N TRP F 10 34.57 -36.52 46.76
CA TRP F 10 34.99 -37.91 46.93
C TRP F 10 36.51 -38.06 46.92
N PRO F 11 37.18 -37.59 47.97
CA PRO F 11 38.64 -37.64 48.02
C PRO F 11 39.21 -39.06 48.10
N GLU F 12 38.40 -40.01 48.56
CA GLU F 12 38.87 -41.38 48.74
C GLU F 12 39.00 -42.13 47.42
N LEU F 13 38.38 -41.60 46.38
CA LEU F 13 38.37 -42.27 45.08
C LEU F 13 39.53 -41.82 44.18
N VAL F 14 40.50 -41.13 44.77
CA VAL F 14 41.69 -40.71 44.03
C VAL F 14 42.71 -41.84 43.99
N GLY F 15 42.88 -42.44 42.82
CA GLY F 15 43.78 -43.57 42.67
C GLY F 15 43.08 -44.79 42.11
N GLU F 16 41.76 -44.66 41.94
CA GLU F 16 40.95 -45.73 41.37
C GLU F 16 40.72 -45.52 39.88
N TYR F 17 40.13 -46.53 39.24
CA TYR F 17 39.76 -46.43 37.83
C TYR F 17 38.46 -45.65 37.71
N GLY F 18 38.34 -44.87 36.64
CA GLY F 18 37.27 -43.91 36.47
C GLY F 18 35.83 -44.41 36.61
N TYR F 19 35.55 -45.57 36.01
CA TYR F 19 34.17 -46.02 35.90
C TYR F 19 33.64 -46.69 37.17
N LYS F 20 34.51 -47.40 37.89
CA LYS F 20 34.13 -47.94 39.19
C LYS F 20 33.84 -46.79 40.15
N ALA F 21 34.71 -45.78 40.10
CA ALA F 21 34.52 -44.56 40.88
C ALA F 21 33.20 -43.90 40.52
N ALA F 22 32.89 -43.86 39.22
CA ALA F 22 31.64 -43.29 38.75
C ALA F 22 30.46 -44.03 39.36
N ALA F 23 30.54 -45.36 39.35
CA ALA F 23 29.51 -46.21 39.93
C ALA F 23 29.31 -45.91 41.40
N ILE F 24 30.40 -45.82 42.15
CA ILE F 24 30.32 -45.52 43.58
C ILE F 24 29.71 -44.14 43.81
N ILE F 25 30.12 -43.18 43.01
CA ILE F 25 29.61 -41.80 43.10
C ILE F 25 28.11 -41.76 42.90
N GLU F 26 27.62 -42.46 41.89
CA GLU F 26 26.18 -42.49 41.65
C GLU F 26 25.45 -43.27 42.74
N ARG F 27 26.10 -44.31 43.26
CA ARG F 27 25.52 -45.15 44.28
C ARG F 27 25.36 -44.39 45.61
N GLU F 28 26.23 -43.41 45.83
CA GLU F 28 26.20 -42.65 47.08
C GLU F 28 25.37 -41.37 46.97
N ASN F 29 25.40 -40.73 45.81
CA ASN F 29 24.58 -39.55 45.57
C ASN F 29 23.65 -39.78 44.39
N PRO F 30 22.39 -40.09 44.67
CA PRO F 30 21.38 -40.38 43.64
C PRO F 30 20.96 -39.15 42.82
N ASN F 31 21.57 -38.01 43.09
CA ASN F 31 21.22 -36.77 42.39
C ASN F 31 22.21 -36.41 41.27
N VAL F 32 23.28 -37.18 41.14
CA VAL F 32 24.34 -36.82 40.21
C VAL F 32 24.53 -37.81 39.06
N ARG F 33 25.02 -37.30 37.95
CA ARG F 33 25.41 -38.14 36.80
C ARG F 33 26.92 -38.06 36.61
N SER F 34 27.64 -39.06 37.09
CA SER F 34 29.08 -39.08 37.00
C SER F 34 29.57 -39.21 35.55
N ILE F 35 30.52 -38.36 35.17
CA ILE F 35 31.07 -38.37 33.84
C ILE F 35 32.58 -38.58 33.86
N VAL F 36 33.04 -39.65 33.23
CA VAL F 36 34.47 -39.92 33.15
C VAL F 36 35.08 -39.13 31.99
N LYS F 37 35.93 -38.16 32.32
CA LYS F 37 36.61 -37.37 31.29
C LYS F 37 38.12 -37.35 31.50
N HIS F 38 38.84 -36.92 30.48
CA HIS F 38 40.30 -36.87 30.54
C HIS F 38 40.79 -35.48 30.92
N GLU F 39 41.95 -35.42 31.57
CA GLU F 39 42.61 -34.15 31.88
C GLU F 39 42.86 -33.38 30.60
N ARG F 40 43.27 -34.10 29.57
CA ARG F 40 43.58 -33.58 28.25
C ARG F 40 42.39 -32.82 27.63
N SER F 41 41.19 -33.30 27.93
CA SER F 41 39.98 -32.82 27.25
C SER F 41 39.55 -31.44 27.70
N GLY F 42 38.52 -30.91 27.04
CA GLY F 42 37.99 -29.60 27.36
C GLY F 42 36.71 -29.69 28.17
N PHE F 43 36.51 -28.70 29.04
CA PHE F 43 35.37 -28.70 29.94
C PHE F 43 34.53 -27.44 29.78
N THR F 44 33.21 -27.61 29.75
CA THR F 44 32.31 -26.46 29.78
C THR F 44 32.39 -25.81 31.15
N LYS F 45 32.13 -24.50 31.21
CA LYS F 45 32.31 -23.76 32.46
C LYS F 45 30.98 -23.41 33.11
N ASP F 46 30.01 -24.32 33.01
CA ASP F 46 28.73 -24.15 33.68
C ASP F 46 28.78 -24.83 35.04
N PHE F 47 27.71 -24.68 35.83
CA PHE F 47 27.64 -25.29 37.14
C PHE F 47 26.41 -26.17 37.26
N ARG F 48 26.61 -27.44 37.61
CA ARG F 48 25.52 -28.39 37.74
C ARG F 48 25.65 -29.20 39.03
N CYS F 49 24.57 -29.25 39.80
CA CYS F 49 24.51 -30.09 40.99
C CYS F 49 24.30 -31.55 40.59
N ASP F 50 23.81 -31.74 39.37
CA ASP F 50 23.53 -33.08 38.85
C ASP F 50 24.67 -33.60 37.99
N ARG F 51 25.90 -33.30 38.37
CA ARG F 51 27.06 -33.71 37.60
C ARG F 51 28.32 -33.84 38.45
N VAL F 52 28.99 -34.97 38.32
CA VAL F 52 30.28 -35.18 38.99
C VAL F 52 31.32 -35.63 37.98
N TRP F 53 32.16 -34.70 37.55
CA TRP F 53 33.25 -35.00 36.63
C TRP F 53 34.29 -35.90 37.29
N VAL F 54 34.59 -37.02 36.65
CA VAL F 54 35.66 -37.91 37.10
C VAL F 54 36.84 -37.79 36.15
N VAL F 55 37.77 -36.90 36.47
CA VAL F 55 38.87 -36.60 35.58
C VAL F 55 39.99 -37.61 35.69
N VAL F 56 40.32 -38.25 34.58
CA VAL F 56 41.38 -39.26 34.54
C VAL F 56 42.49 -38.83 33.57
N ASP F 57 43.55 -39.61 33.52
CA ASP F 57 44.69 -39.26 32.67
C ASP F 57 44.98 -40.32 31.59
N SER F 58 46.26 -40.50 31.31
CA SER F 58 46.72 -41.42 30.27
C SER F 58 46.31 -42.87 30.49
N THR F 59 46.22 -43.27 31.75
CA THR F 59 45.98 -44.68 32.07
C THR F 59 44.53 -44.98 32.46
N GLY F 60 43.76 -43.93 32.73
CA GLY F 60 42.37 -44.10 33.11
C GLY F 60 42.18 -44.18 34.61
N VAL F 61 43.13 -43.60 35.35
CA VAL F 61 43.07 -43.57 36.80
C VAL F 61 42.65 -42.18 37.26
N VAL F 62 41.88 -42.11 38.35
CA VAL F 62 41.41 -40.83 38.88
C VAL F 62 42.56 -40.03 39.48
N VAL F 63 42.85 -38.88 38.88
CA VAL F 63 43.97 -38.05 39.32
C VAL F 63 43.51 -36.71 39.84
N ARG F 64 42.26 -36.65 40.30
CA ARG F 64 41.67 -35.43 40.84
C ARG F 64 40.40 -35.75 41.62
N THR F 65 40.25 -35.12 42.78
CA THR F 65 39.09 -35.37 43.64
C THR F 65 37.79 -35.03 42.94
N PRO F 66 36.93 -36.04 42.72
CA PRO F 66 35.63 -35.84 42.07
C PRO F 66 34.75 -34.89 42.87
N ARG F 67 34.33 -33.80 42.25
CA ARG F 67 33.50 -32.81 42.92
C ARG F 67 32.19 -32.56 42.18
N VAL F 68 31.16 -32.19 42.96
CA VAL F 68 29.85 -31.90 42.40
C VAL F 68 29.82 -30.46 41.87
N THR F 69 30.28 -30.29 40.63
CA THR F 69 30.21 -28.99 39.96
C THR F 69 29.74 -29.20 38.53
N ILE G 1 34.19 19.36 -22.17
CA ILE G 1 35.47 19.65 -22.80
C ILE G 1 36.62 19.29 -21.85
N VAL G 2 37.58 18.53 -22.37
CA VAL G 2 38.76 18.18 -21.60
C VAL G 2 39.83 19.26 -21.71
N GLY G 3 40.26 19.80 -20.56
CA GLY G 3 41.27 20.83 -20.53
C GLY G 3 40.77 22.18 -21.01
N GLY G 4 39.54 22.52 -20.62
CA GLY G 4 38.97 23.79 -20.99
C GLY G 4 38.79 24.71 -19.78
N TYR G 5 38.26 25.90 -20.02
CA TYR G 5 38.04 26.85 -18.93
C TYR G 5 36.54 27.03 -18.67
N THR G 6 36.22 27.62 -17.52
CA THR G 6 34.84 27.94 -17.21
C THR G 6 34.40 29.15 -18.03
N CYS G 7 33.42 28.94 -18.91
CA CYS G 7 32.94 30.00 -19.79
C CYS G 7 32.42 31.19 -19.00
N GLY G 8 31.62 30.90 -17.99
CA GLY G 8 30.87 31.93 -17.29
C GLY G 8 29.42 31.79 -17.71
N ALA G 9 28.51 32.28 -16.87
CA ALA G 9 27.08 32.12 -17.12
C ALA G 9 26.66 32.83 -18.42
N ASN G 10 26.17 32.03 -19.36
CA ASN G 10 25.57 32.53 -20.60
C ASN G 10 26.51 33.34 -21.47
N THR G 11 27.77 32.92 -21.55
CA THR G 11 28.72 33.55 -22.46
C THR G 11 28.60 32.89 -23.82
N VAL G 12 27.91 31.75 -23.86
CA VAL G 12 27.58 31.07 -25.11
C VAL G 12 26.06 30.92 -25.20
N PRO G 13 25.37 32.02 -25.55
CA PRO G 13 23.91 32.08 -25.52
C PRO G 13 23.24 31.21 -26.58
N TYR G 14 24.02 30.70 -27.51
CA TYR G 14 23.48 29.86 -28.58
C TYR G 14 23.70 28.38 -28.28
N GLN G 15 24.41 28.08 -27.20
CA GLN G 15 24.60 26.71 -26.76
C GLN G 15 23.30 26.15 -26.18
N VAL G 16 22.80 25.07 -26.79
CA VAL G 16 21.59 24.41 -26.28
C VAL G 16 21.94 23.02 -25.78
N SER G 17 21.15 22.51 -24.84
CA SER G 17 21.39 21.19 -24.27
C SER G 17 20.26 20.22 -24.56
N LEU G 18 20.57 19.10 -25.20
CA LEU G 18 19.58 18.08 -25.47
C LEU G 18 19.33 17.24 -24.22
N ASN G 19 18.08 17.18 -23.79
CA ASN G 19 17.72 16.50 -22.55
C ASN G 19 16.69 15.38 -22.76
N SER G 20 16.81 14.33 -21.94
CA SER G 20 15.87 13.22 -21.97
C SER G 20 15.93 12.49 -20.64
N GLY G 21 15.75 13.25 -19.56
CA GLY G 21 15.96 12.74 -18.21
C GLY G 21 17.37 13.09 -17.77
N TYR G 22 18.30 13.01 -18.70
CA TYR G 22 19.69 13.37 -18.46
C TYR G 22 20.25 14.08 -19.69
N HIS G 23 21.34 14.82 -19.51
CA HIS G 23 22.01 15.48 -20.61
C HIS G 23 22.80 14.46 -21.45
N PHE G 24 22.47 14.36 -22.73
CA PHE G 24 23.12 13.35 -23.57
C PHE G 24 23.86 13.94 -24.77
N CYS G 25 23.37 15.07 -25.29
CA CYS G 25 24.03 15.74 -26.41
C CYS G 25 23.89 17.25 -26.32
N GLY G 26 24.65 17.95 -27.15
CA GLY G 26 24.58 19.40 -27.21
C GLY G 26 24.05 19.88 -28.55
N GLY G 27 23.89 21.19 -28.70
CA GLY G 27 23.39 21.74 -29.94
C GLY G 27 23.57 23.24 -30.09
N SER G 28 23.23 23.75 -31.27
CA SER G 28 23.38 25.18 -31.56
C SER G 28 22.11 25.76 -32.18
N LEU G 29 21.53 26.76 -31.53
CA LEU G 29 20.33 27.41 -32.04
C LEU G 29 20.63 28.19 -33.33
N ILE G 30 19.80 28.02 -34.36
CA ILE G 30 20.00 28.77 -35.59
C ILE G 30 18.91 29.82 -35.82
N ASN G 31 17.71 29.54 -35.30
CA ASN G 31 16.66 30.54 -35.22
C ASN G 31 15.66 30.19 -34.13
N SER G 32 14.56 30.91 -34.06
CA SER G 32 13.60 30.78 -32.97
C SER G 32 13.06 29.37 -32.78
N GLN G 33 13.07 28.57 -33.84
CA GLN G 33 12.41 27.27 -33.81
C GLN G 33 13.32 26.11 -34.22
N TRP G 34 14.57 26.37 -34.57
CA TRP G 34 15.43 25.31 -35.09
C TRP G 34 16.82 25.21 -34.44
N VAL G 35 17.25 23.98 -34.24
CA VAL G 35 18.52 23.67 -33.57
C VAL G 35 19.34 22.68 -34.39
N VAL G 36 20.61 23.02 -34.62
CA VAL G 36 21.54 22.12 -35.30
C VAL G 36 22.26 21.24 -34.30
N SER G 37 22.31 19.93 -34.58
CA SER G 37 23.04 18.98 -33.75
C SER G 37 23.69 17.91 -34.61
N ALA G 38 24.28 16.90 -33.95
CA ALA G 38 24.86 15.77 -34.67
C ALA G 38 23.81 14.69 -34.86
N ALA G 39 23.84 14.02 -36.01
CA ALA G 39 22.85 13.01 -36.36
C ALA G 39 22.80 11.84 -35.38
N HIS G 40 23.97 11.50 -34.83
CA HIS G 40 24.06 10.36 -33.92
C HIS G 40 23.58 10.69 -32.51
N CYS G 41 22.99 11.87 -32.36
CA CYS G 41 22.36 12.26 -31.10
C CYS G 41 20.85 12.09 -31.19
N TYR G 42 20.42 11.25 -32.13
CA TYR G 42 19.01 11.04 -32.41
C TYR G 42 18.30 10.26 -31.30
N LYS G 43 17.13 10.77 -30.91
CA LYS G 43 16.29 10.09 -29.92
C LYS G 43 14.82 10.41 -30.15
N SER G 44 13.94 9.64 -29.51
CA SER G 44 12.51 9.86 -29.63
C SER G 44 11.97 10.60 -28.42
N GLY G 45 11.69 11.89 -28.58
CA GLY G 45 11.17 12.70 -27.49
C GLY G 45 12.24 13.54 -26.84
N ILE G 46 12.97 14.30 -27.64
CA ILE G 46 14.02 15.18 -27.15
C ILE G 46 13.45 16.45 -26.54
N GLN G 47 13.95 16.83 -25.38
CA GLN G 47 13.57 18.10 -24.78
C GLN G 47 14.76 19.06 -24.79
N VAL G 48 14.67 20.08 -25.63
CA VAL G 48 15.75 21.06 -25.75
C VAL G 48 15.73 22.06 -24.60
N ARG G 49 16.90 22.31 -24.03
CA ARG G 49 17.03 23.26 -22.93
C ARG G 49 17.92 24.42 -23.34
N LEU G 50 17.34 25.61 -23.38
CA LEU G 50 18.05 26.82 -23.79
C LEU G 50 18.28 27.75 -22.61
N GLY G 51 19.33 28.58 -22.72
CA GLY G 51 19.68 29.51 -21.67
C GLY G 51 20.16 28.79 -20.43
N GLU G 52 21.12 27.90 -20.61
CA GLU G 52 21.62 27.07 -19.52
C GLU G 52 23.09 27.30 -19.23
N ASP G 53 23.44 27.29 -17.95
CA ASP G 53 24.84 27.31 -17.52
C ASP G 53 25.09 26.11 -16.61
N ASN G 54 24.28 26.02 -15.55
CA ASN G 54 24.32 24.87 -14.65
C ASN G 54 23.12 23.97 -14.91
N ILE G 55 23.35 22.86 -15.58
CA ILE G 55 22.28 21.98 -16.00
C ILE G 55 21.68 21.16 -14.85
N ASN G 56 22.28 21.27 -13.66
CA ASN G 56 21.79 20.53 -12.51
C ASN G 56 20.99 21.40 -11.53
N VAL G 57 21.14 22.72 -11.66
CA VAL G 57 20.44 23.67 -10.81
C VAL G 57 19.58 24.62 -11.64
N VAL G 58 18.30 24.72 -11.31
CA VAL G 58 17.42 25.63 -12.03
C VAL G 58 17.73 27.09 -11.67
N GLU G 59 18.18 27.86 -12.64
CA GLU G 59 18.71 29.20 -12.40
C GLU G 59 17.65 30.31 -12.55
N GLY G 60 16.81 30.21 -13.57
CA GLY G 60 15.71 31.17 -13.72
C GLY G 60 15.47 31.72 -15.10
N ASN G 61 16.53 31.84 -15.90
CA ASN G 61 16.44 32.43 -17.23
C ASN G 61 16.52 31.39 -18.35
N GLU G 62 15.88 30.24 -18.12
CA GLU G 62 16.01 29.12 -19.04
C GLU G 62 14.69 28.71 -19.65
N GLN G 63 14.75 28.13 -20.85
CA GLN G 63 13.56 27.69 -21.55
C GLN G 63 13.64 26.21 -21.91
N PHE G 64 12.68 25.43 -21.41
CA PHE G 64 12.60 24.01 -21.73
C PHE G 64 11.52 23.80 -22.80
N ILE G 65 11.96 23.57 -24.03
CA ILE G 65 11.03 23.41 -25.14
C ILE G 65 11.16 22.03 -25.78
N SER G 66 10.03 21.33 -25.91
CA SER G 66 10.02 19.99 -26.47
C SER G 66 10.33 19.99 -27.97
N ALA G 67 10.89 18.89 -28.45
CA ALA G 67 11.09 18.72 -29.89
C ALA G 67 9.79 18.19 -30.50
N SER G 68 9.46 18.68 -31.69
CA SER G 68 8.25 18.25 -32.38
C SER G 68 8.59 17.55 -33.68
N LYS G 69 9.79 17.80 -34.17
CA LYS G 69 10.25 17.25 -35.44
C LYS G 69 11.77 17.11 -35.43
N SER G 70 12.26 15.95 -35.84
CA SER G 70 13.69 15.69 -35.85
C SER G 70 14.11 15.09 -37.19
N ILE G 71 15.02 15.77 -37.87
CA ILE G 71 15.39 15.38 -39.23
C ILE G 71 16.88 15.11 -39.38
N VAL G 72 17.19 13.86 -39.75
CA VAL G 72 18.56 13.44 -40.01
C VAL G 72 18.88 13.64 -41.49
N HIS G 73 20.11 14.03 -41.79
CA HIS G 73 20.56 14.16 -43.17
C HIS G 73 20.39 12.83 -43.90
N PRO G 74 19.77 12.85 -45.09
CA PRO G 74 19.45 11.65 -45.87
C PRO G 74 20.67 10.80 -46.19
N SER G 75 21.84 11.42 -46.28
CA SER G 75 23.06 10.71 -46.64
C SER G 75 23.92 10.36 -45.44
N TYR G 76 23.36 10.50 -44.24
CA TYR G 76 24.09 10.18 -43.02
C TYR G 76 24.41 8.68 -42.94
N ASN G 77 25.68 8.39 -42.67
CA ASN G 77 26.14 7.00 -42.58
C ASN G 77 26.63 6.70 -41.17
N SER G 78 25.85 5.92 -40.42
CA SER G 78 26.20 5.57 -39.05
C SER G 78 27.53 4.82 -38.96
N ASN G 79 27.93 4.21 -40.07
CA ASN G 79 29.20 3.48 -40.13
C ASN G 79 30.40 4.43 -40.13
N THR G 80 30.48 5.28 -41.14
CA THR G 80 31.62 6.16 -41.31
C THR G 80 31.39 7.55 -40.72
N LEU G 81 30.20 7.76 -40.15
CA LEU G 81 29.82 9.03 -39.53
C LEU G 81 29.85 10.19 -40.51
N ASN G 82 29.84 9.88 -41.80
CA ASN G 82 29.78 10.92 -42.84
C ASN G 82 28.40 11.56 -42.85
N ASN G 83 28.37 12.87 -43.09
CA ASN G 83 27.14 13.65 -43.04
C ASN G 83 26.44 13.53 -41.69
N ASP G 84 27.20 13.71 -40.62
CA ASP G 84 26.68 13.63 -39.26
C ASP G 84 26.06 14.96 -38.84
N ILE G 85 24.86 15.24 -39.36
CA ILE G 85 24.20 16.51 -39.05
C ILE G 85 22.67 16.35 -39.00
N MET G 86 22.05 16.99 -38.01
CA MET G 86 20.62 16.84 -37.77
C MET G 86 19.97 18.17 -37.40
N LEU G 87 18.74 18.39 -37.90
CA LEU G 87 17.99 19.58 -37.54
C LEU G 87 16.78 19.24 -36.67
N ILE G 88 16.65 19.94 -35.55
CA ILE G 88 15.55 19.71 -34.62
C ILE G 88 14.65 20.94 -34.54
N LYS G 89 13.37 20.76 -34.86
CA LYS G 89 12.40 21.84 -34.76
C LYS G 89 11.77 21.85 -33.38
N LEU G 90 11.76 23.01 -32.74
CA LEU G 90 11.18 23.15 -31.41
C LEU G 90 9.65 23.27 -31.51
N LYS G 91 8.96 22.65 -30.57
CA LYS G 91 7.50 22.62 -30.55
C LYS G 91 6.91 24.02 -30.62
N SER G 92 7.56 24.96 -29.92
CA SER G 92 7.19 26.37 -30.00
C SER G 92 8.46 27.22 -30.06
N ALA G 93 8.32 28.47 -30.50
CA ALA G 93 9.46 29.36 -30.64
C ALA G 93 10.02 29.75 -29.28
N ALA G 94 11.31 30.07 -29.24
CA ALA G 94 11.97 30.48 -28.01
C ALA G 94 12.10 31.99 -27.94
N SER G 95 12.08 32.53 -26.72
CA SER G 95 12.21 33.96 -26.51
C SER G 95 13.67 34.40 -26.63
N LEU G 96 14.03 34.95 -27.79
CA LEU G 96 15.38 35.42 -28.02
C LEU G 96 15.67 36.67 -27.20
N ASN G 97 16.79 36.65 -26.48
CA ASN G 97 17.20 37.80 -25.67
C ASN G 97 18.70 37.80 -25.41
N SER G 98 19.09 38.31 -24.25
CA SER G 98 20.50 38.43 -23.89
C SER G 98 21.14 37.05 -23.67
N ARG G 99 20.39 36.16 -23.04
CA ARG G 99 20.92 34.84 -22.67
C ARG G 99 20.54 33.76 -23.67
N VAL G 100 19.46 33.99 -24.43
CA VAL G 100 19.05 33.05 -25.46
C VAL G 100 19.15 33.70 -26.84
N ALA G 101 20.10 33.23 -27.64
CA ALA G 101 20.31 33.76 -28.97
C ALA G 101 20.67 32.64 -29.94
N SER G 102 20.70 32.97 -31.22
CA SER G 102 21.11 32.00 -32.24
C SER G 102 22.46 32.39 -32.83
N ILE G 103 22.98 31.55 -33.72
CA ILE G 103 24.25 31.83 -34.36
C ILE G 103 24.08 31.82 -35.88
N SER G 104 24.87 32.64 -36.56
CA SER G 104 24.73 32.79 -38.01
C SER G 104 25.45 31.69 -38.79
N LEU G 105 24.81 31.26 -39.86
CA LEU G 105 25.36 30.24 -40.76
C LEU G 105 26.61 30.76 -41.47
N PRO G 106 27.55 29.86 -41.78
CA PRO G 106 28.76 30.27 -42.50
C PRO G 106 28.50 30.49 -43.99
N THR G 107 29.21 31.44 -44.59
CA THR G 107 29.07 31.70 -46.02
C THR G 107 30.28 31.16 -46.78
N SER G 108 31.32 30.81 -46.03
CA SER G 108 32.52 30.24 -46.61
C SER G 108 33.24 29.38 -45.57
N CYS G 109 34.04 28.42 -46.05
CA CYS G 109 34.78 27.53 -45.16
C CYS G 109 35.99 28.24 -44.57
N ALA G 110 36.16 28.13 -43.26
CA ALA G 110 37.30 28.74 -42.58
C ALA G 110 38.59 28.04 -42.96
N SER G 111 39.70 28.73 -42.77
CA SER G 111 41.01 28.18 -43.13
C SER G 111 41.63 27.43 -41.96
N ALA G 112 42.72 26.70 -42.23
CA ALA G 112 43.45 26.00 -41.20
C ALA G 112 44.29 26.97 -40.39
N GLY G 113 44.06 27.01 -39.08
CA GLY G 113 44.79 27.92 -38.21
C GLY G 113 43.88 28.94 -37.57
N THR G 114 42.63 28.99 -38.03
CA THR G 114 41.63 29.89 -37.47
C THR G 114 41.23 29.45 -36.06
N GLN G 115 41.37 30.37 -35.10
CA GLN G 115 41.03 30.07 -33.72
C GLN G 115 39.52 30.03 -33.53
N CYS G 116 39.01 28.84 -33.20
CA CYS G 116 37.57 28.64 -33.04
C CYS G 116 37.21 28.33 -31.58
N LEU G 117 35.97 28.62 -31.21
CA LEU G 117 35.49 28.36 -29.86
C LEU G 117 34.61 27.11 -29.81
N ILE G 118 35.01 26.15 -28.99
CA ILE G 118 34.27 24.92 -28.81
C ILE G 118 33.68 24.85 -27.39
N SER G 119 32.39 24.55 -27.31
CA SER G 119 31.67 24.59 -26.05
C SER G 119 30.89 23.31 -25.78
N GLY G 120 30.61 23.03 -24.51
CA GLY G 120 29.83 21.85 -24.15
C GLY G 120 29.87 21.44 -22.68
N TRP G 121 28.99 20.51 -22.32
CA TRP G 121 28.92 19.97 -20.97
C TRP G 121 29.48 18.54 -20.91
N GLY G 122 30.43 18.24 -21.78
CA GLY G 122 30.96 16.89 -21.89
C GLY G 122 31.93 16.48 -20.80
N ASN G 123 32.49 15.29 -20.95
CA ASN G 123 33.47 14.76 -20.00
C ASN G 123 34.70 15.66 -19.94
N THR G 124 35.27 15.80 -18.74
CA THR G 124 36.38 16.72 -18.53
C THR G 124 37.67 16.00 -18.15
N LYS G 125 37.85 14.78 -18.67
CA LYS G 125 39.04 14.00 -18.38
C LYS G 125 39.41 13.06 -19.52
N SER G 126 40.71 12.95 -19.80
CA SER G 126 41.21 12.00 -20.80
C SER G 126 40.93 10.57 -20.35
N SER G 127 41.42 10.24 -19.17
CA SER G 127 41.16 8.93 -18.56
C SER G 127 40.43 9.11 -17.24
N GLY G 128 39.29 8.42 -17.09
CA GLY G 128 38.44 8.61 -15.93
C GLY G 128 37.27 9.50 -16.31
N THR G 129 36.36 9.76 -15.38
CA THR G 129 35.19 10.57 -15.67
C THR G 129 34.87 11.59 -14.56
N SER G 130 34.52 12.80 -14.98
CA SER G 130 34.22 13.89 -14.05
C SER G 130 33.40 14.95 -14.75
N TYR G 131 32.08 14.83 -14.66
CA TYR G 131 31.17 15.69 -15.39
C TYR G 131 30.83 16.96 -14.63
N PRO G 132 31.00 18.12 -15.30
CA PRO G 132 30.87 19.45 -14.70
C PRO G 132 29.42 19.92 -14.57
N ASP G 133 29.19 20.84 -13.64
CA ASP G 133 27.89 21.48 -13.50
C ASP G 133 27.78 22.63 -14.49
N VAL G 134 28.91 23.29 -14.72
CA VAL G 134 28.95 24.51 -15.53
C VAL G 134 29.50 24.24 -16.94
N LEU G 135 28.88 24.87 -17.93
CA LEU G 135 29.31 24.79 -19.33
C LEU G 135 30.79 25.07 -19.51
N LYS G 136 31.47 24.24 -20.30
CA LYS G 136 32.90 24.38 -20.53
C LYS G 136 33.21 24.87 -21.95
N CYS G 137 34.30 25.63 -22.07
CA CYS G 137 34.71 26.17 -23.36
C CYS G 137 36.20 25.94 -23.63
N LEU G 138 36.62 26.13 -24.88
CA LEU G 138 38.00 25.92 -25.28
C LEU G 138 38.29 26.57 -26.63
N LYS G 139 39.48 27.14 -26.78
CA LYS G 139 39.90 27.72 -28.04
C LYS G 139 40.81 26.75 -28.78
N ALA G 140 40.48 26.46 -30.04
CA ALA G 140 41.25 25.49 -30.80
C ALA G 140 41.41 25.91 -32.27
N PRO G 141 42.63 25.74 -32.81
CA PRO G 141 42.91 26.05 -34.21
C PRO G 141 42.39 24.96 -35.14
N ILE G 142 42.07 25.34 -36.38
CA ILE G 142 41.66 24.36 -37.38
C ILE G 142 42.90 23.73 -38.00
N LEU G 143 42.90 22.40 -38.10
CA LEU G 143 44.07 21.68 -38.58
C LEU G 143 43.94 21.32 -40.06
N SER G 144 45.08 21.14 -40.72
CA SER G 144 45.10 20.79 -42.13
C SER G 144 44.49 19.41 -42.36
N ASP G 145 43.88 19.22 -43.53
CA ASP G 145 43.34 17.91 -43.90
C ASP G 145 44.49 16.94 -44.14
N SER G 146 45.68 17.48 -44.36
CA SER G 146 46.90 16.67 -44.41
C SER G 146 47.10 16.00 -43.06
N SER G 147 47.18 16.83 -42.02
CA SER G 147 47.34 16.35 -40.65
C SER G 147 46.12 15.59 -40.19
N CYS G 148 44.95 15.96 -40.70
CA CYS G 148 43.70 15.33 -40.31
C CYS G 148 43.60 13.90 -40.85
N LYS G 149 44.05 13.71 -42.08
CA LYS G 149 44.05 12.37 -42.68
C LYS G 149 45.26 11.57 -42.23
N SER G 150 46.30 12.26 -41.78
CA SER G 150 47.46 11.58 -41.22
C SER G 150 47.08 11.00 -39.86
N ALA G 151 46.32 11.78 -39.09
CA ALA G 151 45.85 11.36 -37.77
C ALA G 151 44.83 10.23 -37.90
N TYR G 152 44.01 10.31 -38.94
CA TYR G 152 42.98 9.30 -39.21
C TYR G 152 43.05 8.83 -40.65
N PRO G 153 43.93 7.85 -40.93
CA PRO G 153 44.14 7.31 -42.27
C PRO G 153 42.87 6.76 -42.91
N GLY G 154 42.43 7.39 -44.00
CA GLY G 154 41.30 6.91 -44.77
C GLY G 154 39.98 6.87 -44.01
N GLN G 155 39.78 7.83 -43.11
CA GLN G 155 38.54 7.90 -42.35
C GLN G 155 37.92 9.29 -42.43
N ILE G 156 38.66 10.22 -43.01
CA ILE G 156 38.19 11.60 -43.12
C ILE G 156 37.56 11.87 -44.48
N THR G 157 36.33 12.35 -44.46
CA THR G 157 35.62 12.73 -45.68
C THR G 157 35.79 14.22 -45.91
N SER G 158 35.38 14.69 -47.09
CA SER G 158 35.41 16.12 -47.39
C SER G 158 34.31 16.86 -46.62
N ASN G 159 33.52 16.10 -45.85
CA ASN G 159 32.51 16.67 -44.97
C ASN G 159 32.98 16.69 -43.52
N MET G 160 34.27 16.46 -43.32
CA MET G 160 34.85 16.40 -41.98
C MET G 160 36.08 17.27 -41.86
N PHE G 161 36.28 17.86 -40.69
CA PHE G 161 37.54 18.55 -40.41
C PHE G 161 37.98 18.33 -38.97
N CYS G 162 39.30 18.30 -38.77
CA CYS G 162 39.88 18.08 -37.46
C CYS G 162 40.23 19.38 -36.77
N ALA G 163 39.89 19.48 -35.48
CA ALA G 163 40.28 20.61 -34.67
C ALA G 163 40.79 20.14 -33.32
N GLY G 164 41.54 21.01 -32.65
CA GLY G 164 42.16 20.68 -31.38
C GLY G 164 43.65 20.90 -31.45
N TYR G 165 44.41 19.92 -30.96
CA TYR G 165 45.86 20.02 -30.96
C TYR G 165 46.50 18.65 -31.23
N LEU G 166 47.52 18.64 -32.07
CA LEU G 166 48.27 17.42 -32.35
C LEU G 166 48.96 16.94 -31.07
N GLU G 167 49.25 17.88 -30.18
CA GLU G 167 49.85 17.58 -28.89
C GLU G 167 48.92 16.74 -28.03
N GLY G 168 47.64 17.10 -28.03
CA GLY G 168 46.66 16.44 -27.20
C GLY G 168 46.37 17.29 -25.97
N GLY G 169 45.84 16.66 -24.93
CA GLY G 169 45.59 17.35 -23.68
C GLY G 169 44.30 18.14 -23.64
N LYS G 170 43.97 18.78 -24.77
CA LYS G 170 42.76 19.60 -24.86
C LYS G 170 41.94 19.21 -26.08
N ASP G 171 40.69 18.83 -25.84
CA ASP G 171 39.83 18.27 -26.89
C ASP G 171 38.39 18.19 -26.42
N SER G 172 37.46 18.00 -27.35
CA SER G 172 36.07 17.74 -27.01
C SER G 172 35.90 16.28 -26.57
N CYS G 173 34.88 16.02 -25.76
CA CYS G 173 34.71 14.68 -25.20
C CYS G 173 33.24 14.24 -25.16
N GLN G 174 32.99 13.12 -24.50
CA GLN G 174 31.65 12.53 -24.43
C GLN G 174 30.67 13.45 -23.71
N GLY G 175 29.64 13.89 -24.43
CA GLY G 175 28.66 14.80 -23.88
C GLY G 175 28.72 16.15 -24.56
N ASP G 176 29.62 16.26 -25.54
CA ASP G 176 29.80 17.49 -26.29
C ASP G 176 29.22 17.39 -27.69
N SER G 177 28.85 16.17 -28.09
CA SER G 177 28.34 15.92 -29.44
C SER G 177 27.15 16.81 -29.79
N GLY G 178 27.13 17.29 -31.03
CA GLY G 178 26.14 18.24 -31.48
C GLY G 178 26.57 19.65 -31.14
N GLY G 179 27.62 19.76 -30.34
CA GLY G 179 28.11 21.04 -29.87
C GLY G 179 28.67 21.92 -30.98
N PRO G 180 28.70 23.24 -30.73
CA PRO G 180 29.13 24.25 -31.70
C PRO G 180 30.65 24.36 -31.84
N VAL G 181 31.11 24.62 -33.05
CA VAL G 181 32.49 24.99 -33.29
C VAL G 181 32.50 26.29 -34.11
N VAL G 182 32.46 27.41 -33.41
CA VAL G 182 32.27 28.70 -34.09
C VAL G 182 33.59 29.41 -34.35
N CYS G 183 33.67 30.02 -35.52
CA CYS G 183 34.85 30.75 -35.95
C CYS G 183 34.42 32.08 -36.56
N SER G 184 35.11 33.16 -36.19
CA SER G 184 34.80 34.50 -36.67
C SER G 184 33.31 34.83 -36.54
N GLY G 185 32.70 34.35 -35.47
CA GLY G 185 31.30 34.61 -35.19
C GLY G 185 30.29 33.78 -35.96
N LYS G 186 30.74 32.67 -36.56
CA LYS G 186 29.85 31.81 -37.35
C LYS G 186 30.11 30.32 -37.15
N LEU G 187 29.01 29.57 -37.02
CA LEU G 187 29.06 28.13 -36.78
C LEU G 187 29.72 27.37 -37.94
N GLN G 188 30.94 26.90 -37.72
CA GLN G 188 31.70 26.22 -38.76
C GLN G 188 31.73 24.71 -38.59
N GLY G 189 31.61 24.24 -37.35
CA GLY G 189 31.71 22.82 -37.08
C GLY G 189 30.75 22.28 -36.04
N ILE G 190 30.63 20.97 -36.01
CA ILE G 190 29.76 20.26 -35.06
C ILE G 190 30.53 19.12 -34.40
N VAL G 191 30.56 19.12 -33.06
CA VAL G 191 31.26 18.08 -32.32
C VAL G 191 30.74 16.71 -32.69
N SER G 192 31.56 15.93 -33.37
CA SER G 192 31.12 14.64 -33.88
C SER G 192 31.83 13.46 -33.20
N TRP G 193 33.09 13.21 -33.57
CA TRP G 193 33.75 12.02 -33.03
C TRP G 193 35.26 12.17 -32.86
N GLY G 194 35.91 11.08 -32.46
CA GLY G 194 37.35 11.05 -32.29
C GLY G 194 37.78 9.72 -31.73
N SER G 195 39.06 9.60 -31.40
CA SER G 195 39.58 8.39 -30.81
C SER G 195 39.95 8.63 -29.35
N GLY G 196 38.96 8.52 -28.48
CA GLY G 196 39.14 8.86 -27.08
C GLY G 196 39.03 10.35 -26.91
N CYS G 197 39.65 10.88 -25.85
CA CYS G 197 39.61 12.31 -25.59
C CYS G 197 40.99 12.85 -25.24
N ALA G 198 41.39 13.91 -25.94
CA ALA G 198 42.65 14.60 -25.68
C ALA G 198 43.85 13.67 -25.78
N GLN G 199 43.76 12.68 -26.67
CA GLN G 199 44.87 11.76 -26.87
C GLN G 199 45.86 12.31 -27.89
N LYS G 200 47.10 11.84 -27.83
CA LYS G 200 48.14 12.31 -28.73
C LYS G 200 47.88 11.87 -30.18
N ASN G 201 48.13 12.80 -31.11
CA ASN G 201 48.04 12.54 -32.54
C ASN G 201 46.66 12.13 -33.04
N LYS G 202 45.65 12.21 -32.17
CA LYS G 202 44.29 11.92 -32.58
C LYS G 202 43.32 12.94 -31.97
N PRO G 203 43.22 14.12 -32.60
CA PRO G 203 42.41 15.24 -32.11
C PRO G 203 40.92 15.08 -32.37
N GLY G 204 40.18 16.18 -32.30
CA GLY G 204 38.74 16.14 -32.49
C GLY G 204 38.31 16.16 -33.94
N VAL G 205 37.26 15.41 -34.25
CA VAL G 205 36.71 15.41 -35.61
C VAL G 205 35.29 15.94 -35.65
N TYR G 206 35.09 16.95 -36.49
CA TYR G 206 33.87 17.74 -36.50
C TYR G 206 33.23 17.82 -37.89
N THR G 207 31.91 17.94 -37.90
CA THR G 207 31.12 18.02 -39.13
C THR G 207 31.25 19.39 -39.81
N LYS G 208 31.47 19.36 -41.12
CA LYS G 208 31.73 20.57 -41.90
C LYS G 208 30.44 21.29 -42.31
N VAL G 209 30.05 22.30 -41.53
CA VAL G 209 28.76 22.98 -41.72
C VAL G 209 28.63 23.70 -43.06
N CYS G 210 29.74 24.21 -43.58
CA CYS G 210 29.73 24.98 -44.81
C CYS G 210 29.30 24.16 -46.04
N ASN G 211 29.07 22.87 -45.83
CA ASN G 211 28.58 22.00 -46.88
C ASN G 211 27.08 21.75 -46.79
N TYR G 212 26.44 22.27 -45.74
CA TYR G 212 25.05 21.92 -45.46
C TYR G 212 24.11 23.11 -45.32
N VAL G 213 24.67 24.29 -45.48
CA VAL G 213 23.89 25.55 -45.35
C VAL G 213 22.74 25.46 -46.34
N SER G 214 23.00 24.84 -47.45
CA SER G 214 21.92 24.74 -48.41
C SER G 214 20.87 23.79 -47.84
N TRP G 215 21.32 22.70 -47.23
CA TRP G 215 20.40 21.67 -46.69
C TRP G 215 19.52 22.24 -45.59
N ILE G 216 20.12 22.96 -44.66
CA ILE G 216 19.41 23.56 -43.49
C ILE G 216 18.42 24.61 -43.99
N LYS G 217 18.81 25.39 -45.00
CA LYS G 217 17.93 26.44 -45.56
C LYS G 217 16.75 25.80 -46.27
N GLN G 218 16.97 24.64 -46.90
CA GLN G 218 15.85 23.96 -47.60
C GLN G 218 14.92 23.35 -46.57
N THR G 219 15.48 22.53 -45.69
CA THR G 219 14.74 21.80 -44.64
C THR G 219 13.85 22.71 -43.80
N ILE G 220 14.35 23.87 -43.39
CA ILE G 220 13.56 24.80 -42.53
C ILE G 220 12.42 25.42 -43.34
N ALA G 221 12.61 25.54 -44.65
CA ALA G 221 11.57 26.11 -45.52
C ALA G 221 10.50 25.08 -45.91
N SER G 222 10.88 23.79 -45.88
CA SER G 222 9.98 22.72 -46.30
C SER G 222 9.25 22.12 -45.11
N ASN G 223 9.89 22.16 -43.94
CA ASN G 223 9.32 21.59 -42.72
C ASN G 223 8.96 22.69 -41.73
N GLU H 3 21.46 10.77 -12.01
CA GLU H 3 22.48 9.77 -12.31
C GLU H 3 21.96 8.68 -13.24
N CYS H 4 22.83 7.70 -13.51
CA CYS H 4 22.47 6.58 -14.36
C CYS H 4 22.17 5.35 -13.49
N PRO H 5 21.17 4.55 -13.88
CA PRO H 5 20.76 3.40 -13.09
C PRO H 5 21.77 2.25 -13.10
N GLY H 6 21.74 1.43 -12.06
CA GLY H 6 22.59 0.26 -11.99
C GLY H 6 24.07 0.56 -11.76
N LYS H 7 24.89 -0.47 -11.95
CA LYS H 7 26.34 -0.35 -11.79
C LYS H 7 26.91 0.57 -12.87
N GLN H 8 27.99 1.28 -12.55
CA GLN H 8 28.52 2.29 -13.46
C GLN H 8 29.95 2.00 -13.91
N GLU H 9 30.72 1.34 -13.06
CA GLU H 9 32.13 1.13 -13.35
C GLU H 9 32.54 -0.32 -13.11
N TRP H 10 33.24 -0.90 -14.08
CA TRP H 10 33.72 -2.28 -13.98
C TRP H 10 35.24 -2.35 -14.04
N PRO H 11 35.93 -1.95 -12.96
CA PRO H 11 37.40 -2.03 -12.94
C PRO H 11 37.87 -3.47 -12.82
N GLU H 12 36.97 -4.32 -12.35
CA GLU H 12 37.23 -5.74 -12.15
C GLU H 12 37.52 -6.49 -13.45
N LEU H 13 37.04 -5.94 -14.56
CA LEU H 13 37.08 -6.66 -15.84
C LEU H 13 38.25 -6.25 -16.72
N VAL H 14 39.19 -5.51 -16.16
CA VAL H 14 40.41 -5.16 -16.90
C VAL H 14 41.34 -6.37 -16.90
N GLY H 15 41.76 -6.79 -18.09
CA GLY H 15 42.60 -7.95 -18.23
C GLY H 15 41.82 -9.12 -18.81
N GLU H 16 40.50 -9.06 -18.69
CA GLU H 16 39.63 -10.07 -19.28
C GLU H 16 39.51 -9.91 -20.79
N TYR H 17 39.07 -10.96 -21.44
CA TYR H 17 38.74 -10.88 -22.86
C TYR H 17 37.46 -10.07 -23.02
N GLY H 18 37.43 -9.21 -24.01
CA GLY H 18 36.36 -8.23 -24.19
C GLY H 18 34.93 -8.74 -24.13
N TYR H 19 34.67 -9.85 -24.80
CA TYR H 19 33.30 -10.32 -24.95
C TYR H 19 32.75 -11.01 -23.69
N LYS H 20 33.60 -11.74 -22.98
CA LYS H 20 33.19 -12.33 -21.71
C LYS H 20 32.88 -11.23 -20.71
N ALA H 21 33.75 -10.23 -20.67
CA ALA H 21 33.55 -9.07 -19.81
C ALA H 21 32.26 -8.36 -20.17
N ALA H 22 31.99 -8.25 -21.47
CA ALA H 22 30.75 -7.65 -21.94
C ALA H 22 29.55 -8.42 -21.41
N ALA H 23 29.64 -9.75 -21.48
CA ALA H 23 28.59 -10.63 -20.96
C ALA H 23 28.37 -10.38 -19.47
N ILE H 24 29.45 -10.28 -18.71
CA ILE H 24 29.37 -9.99 -17.29
C ILE H 24 28.68 -8.66 -17.04
N ILE H 25 29.04 -7.66 -17.86
CA ILE H 25 28.47 -6.32 -17.74
C ILE H 25 26.96 -6.33 -17.97
N GLU H 26 26.52 -6.97 -19.04
CA GLU H 26 25.08 -7.03 -19.33
C GLU H 26 24.35 -7.90 -18.31
N ARG H 27 25.06 -8.86 -17.73
CA ARG H 27 24.49 -9.73 -16.71
C ARG H 27 24.26 -8.97 -15.41
N GLU H 28 25.16 -8.04 -15.10
CA GLU H 28 25.06 -7.26 -13.87
C GLU H 28 24.16 -6.03 -14.02
N ASN H 29 24.34 -5.29 -15.12
CA ASN H 29 23.53 -4.11 -15.37
C ASN H 29 22.57 -4.33 -16.54
N PRO H 30 21.31 -4.64 -16.23
CA PRO H 30 20.29 -4.93 -17.25
C PRO H 30 19.91 -3.73 -18.10
N ASN H 31 20.38 -2.54 -17.72
CA ASN H 31 20.00 -1.32 -18.41
C ASN H 31 20.92 -0.95 -19.57
N VAL H 32 22.05 -1.64 -19.68
CA VAL H 32 23.06 -1.27 -20.68
C VAL H 32 23.28 -2.32 -21.76
N ARG H 33 23.67 -1.84 -22.94
CA ARG H 33 24.13 -2.69 -24.03
C ARG H 33 25.64 -2.54 -24.17
N SER H 34 26.38 -3.60 -23.86
CA SER H 34 27.84 -3.56 -23.90
C SER H 34 28.35 -3.70 -25.33
N ILE H 35 29.33 -2.86 -25.69
CA ILE H 35 29.91 -2.90 -27.02
C ILE H 35 31.43 -3.02 -26.97
N VAL H 36 31.95 -4.08 -27.58
CA VAL H 36 33.38 -4.26 -27.70
C VAL H 36 33.91 -3.47 -28.89
N LYS H 37 34.87 -2.59 -28.62
CA LYS H 37 35.46 -1.77 -29.68
C LYS H 37 36.97 -1.64 -29.48
N HIS H 38 37.70 -1.55 -30.58
CA HIS H 38 39.15 -1.37 -30.53
C HIS H 38 39.48 0.12 -30.40
N GLU H 39 40.45 0.44 -29.55
CA GLU H 39 40.75 1.84 -29.23
C GLU H 39 41.44 2.58 -30.38
N ARG H 40 41.90 1.84 -31.39
CA ARG H 40 42.46 2.44 -32.60
C ARG H 40 41.35 3.07 -33.47
N SER H 41 40.12 2.62 -33.27
CA SER H 41 38.98 3.13 -34.02
C SER H 41 38.46 4.45 -33.43
N GLY H 42 37.39 4.97 -34.02
CA GLY H 42 36.81 6.22 -33.57
C GLY H 42 35.63 6.04 -32.64
N PHE H 43 35.52 6.92 -31.65
CA PHE H 43 34.42 6.89 -30.70
C PHE H 43 33.56 8.15 -30.83
N THR H 44 32.25 7.97 -30.86
CA THR H 44 31.34 9.12 -30.88
C THR H 44 31.38 9.80 -29.53
N LYS H 45 30.99 11.08 -29.48
CA LYS H 45 31.12 11.85 -28.26
C LYS H 45 29.78 12.19 -27.63
N ASP H 46 28.83 11.26 -27.72
CA ASP H 46 27.55 11.41 -27.04
C ASP H 46 27.60 10.70 -25.70
N PHE H 47 26.68 11.05 -24.80
CA PHE H 47 26.62 10.39 -23.49
C PHE H 47 25.38 9.53 -23.35
N ARG H 48 25.56 8.27 -22.96
CA ARG H 48 24.44 7.34 -22.85
C ARG H 48 24.45 6.56 -21.53
N CYS H 49 23.30 6.56 -20.86
CA CYS H 49 23.15 5.76 -19.65
C CYS H 49 22.82 4.31 -19.98
N ASP H 50 22.73 4.01 -21.28
CA ASP H 50 22.36 2.68 -21.82
C ASP H 50 23.49 2.06 -22.66
N ARG H 51 24.75 2.43 -22.35
CA ARG H 51 25.95 2.02 -23.09
C ARG H 51 27.17 1.82 -22.19
N VAL H 52 27.88 0.71 -22.40
CA VAL H 52 29.18 0.46 -21.78
C VAL H 52 30.18 0.02 -22.86
N TRP H 53 31.08 0.92 -23.24
CA TRP H 53 32.14 0.62 -24.20
C TRP H 53 33.18 -0.30 -23.59
N VAL H 54 33.26 -1.53 -24.10
CA VAL H 54 34.29 -2.46 -23.68
C VAL H 54 35.49 -2.30 -24.62
N VAL H 55 36.41 -1.43 -24.24
CA VAL H 55 37.53 -1.09 -25.11
C VAL H 55 38.65 -2.12 -25.02
N VAL H 56 39.06 -2.64 -26.17
CA VAL H 56 40.14 -3.63 -26.23
C VAL H 56 41.22 -3.19 -27.22
N ASP H 57 42.31 -3.94 -27.27
CA ASP H 57 43.40 -3.65 -28.19
C ASP H 57 43.52 -4.74 -29.26
N SER H 58 44.69 -4.85 -29.85
CA SER H 58 44.93 -5.85 -30.90
C SER H 58 44.91 -7.27 -30.35
N THR H 59 45.12 -7.39 -29.04
CA THR H 59 45.11 -8.69 -28.37
C THR H 59 43.67 -9.15 -28.17
N GLY H 60 42.77 -8.21 -27.88
CA GLY H 60 41.39 -8.54 -27.59
C GLY H 60 41.15 -8.48 -26.10
N VAL H 61 42.15 -8.00 -25.37
CA VAL H 61 42.07 -7.86 -23.92
C VAL H 61 41.59 -6.46 -23.56
N VAL H 62 40.74 -6.36 -22.55
CA VAL H 62 40.22 -5.07 -22.10
C VAL H 62 41.33 -4.22 -21.49
N VAL H 63 41.70 -3.15 -22.19
CA VAL H 63 42.79 -2.29 -21.75
C VAL H 63 42.29 -0.90 -21.33
N ARG H 64 41.06 -0.86 -20.83
CA ARG H 64 40.45 0.38 -20.35
C ARG H 64 39.21 0.04 -19.55
N THR H 65 39.06 0.64 -18.37
CA THR H 65 37.93 0.35 -17.49
C THR H 65 36.58 0.61 -18.16
N PRO H 66 35.79 -0.46 -18.35
CA PRO H 66 34.45 -0.36 -18.92
C PRO H 66 33.56 0.55 -18.10
N ARG H 67 33.27 1.73 -18.63
CA ARG H 67 32.51 2.74 -17.91
C ARG H 67 31.19 3.02 -18.64
N VAL H 68 30.17 3.41 -17.87
CA VAL H 68 28.87 3.74 -18.45
C VAL H 68 28.88 5.15 -19.02
N THR H 69 29.14 5.25 -20.32
CA THR H 69 29.10 6.52 -21.03
C THR H 69 28.56 6.30 -22.44
N ILE I 1 4.78 16.74 1.99
CA ILE I 1 3.70 16.26 2.84
C ILE I 1 3.59 14.74 2.76
N VAL I 2 3.58 14.10 3.92
CA VAL I 2 3.40 12.65 3.99
C VAL I 2 1.92 12.29 3.87
N GLY I 3 1.60 11.43 2.91
CA GLY I 3 0.23 10.97 2.72
C GLY I 3 -0.68 11.99 2.06
N GLY I 4 -0.09 12.91 1.31
CA GLY I 4 -0.87 13.92 0.60
C GLY I 4 -1.13 13.53 -0.84
N TYR I 5 -1.51 14.51 -1.66
CA TYR I 5 -1.77 14.27 -3.07
C TYR I 5 -1.15 15.36 -3.95
N THR I 6 -1.19 15.15 -5.26
CA THR I 6 -0.71 16.14 -6.21
C THR I 6 -1.73 17.25 -6.38
N CYS I 7 -1.35 18.47 -6.05
CA CYS I 7 -2.24 19.62 -6.09
C CYS I 7 -2.68 19.95 -7.50
N GLY I 8 -1.73 19.94 -8.42
CA GLY I 8 -1.95 20.43 -9.77
C GLY I 8 -1.23 21.75 -9.92
N ALA I 9 -0.93 22.14 -11.16
CA ALA I 9 -0.16 23.35 -11.43
C ALA I 9 -0.87 24.61 -10.92
N ASN I 10 -0.25 25.25 -9.94
CA ASN I 10 -0.71 26.52 -9.39
C ASN I 10 -2.15 26.52 -8.87
N THR I 11 -2.52 25.46 -8.17
CA THR I 11 -3.81 25.44 -7.47
C THR I 11 -3.64 26.14 -6.13
N VAL I 12 -2.39 26.39 -5.76
CA VAL I 12 -2.08 27.14 -4.55
C VAL I 12 -1.17 28.31 -4.91
N PRO I 13 -1.77 29.40 -5.43
CA PRO I 13 -1.03 30.56 -5.95
C PRO I 13 -0.30 31.36 -4.88
N TYR I 14 -0.60 31.12 -3.61
CA TYR I 14 0.01 31.88 -2.52
C TYR I 14 1.18 31.12 -1.88
N GLN I 15 1.31 29.84 -2.23
CA GLN I 15 2.44 29.05 -1.75
C GLN I 15 3.73 29.50 -2.43
N VAL I 16 4.68 29.97 -1.63
CA VAL I 16 5.98 30.38 -2.16
C VAL I 16 7.09 29.54 -1.55
N SER I 17 8.21 29.45 -2.25
CA SER I 17 9.34 28.65 -1.77
C SER I 17 10.50 29.54 -1.33
N LEU I 18 11.03 29.25 -0.15
CA LEU I 18 12.23 29.92 0.33
C LEU I 18 13.47 29.18 -0.17
N ASN I 19 14.40 29.93 -0.75
CA ASN I 19 15.54 29.35 -1.44
C ASN I 19 16.88 29.88 -0.93
N SER I 20 17.80 28.94 -0.67
CA SER I 20 19.15 29.24 -0.26
C SER I 20 20.11 28.36 -1.06
N GLY I 21 19.94 28.38 -2.37
CA GLY I 21 20.60 27.43 -3.25
C GLY I 21 19.70 26.23 -3.45
N TYR I 22 19.11 25.77 -2.36
CA TYR I 22 18.12 24.70 -2.38
C TYR I 22 16.83 25.18 -1.72
N HIS I 23 15.77 24.41 -1.85
CA HIS I 23 14.53 24.69 -1.15
C HIS I 23 14.64 24.26 0.31
N PHE I 24 14.47 25.20 1.24
CA PHE I 24 14.64 24.88 2.65
C PHE I 24 13.41 25.16 3.51
N CYS I 25 12.48 25.97 2.99
CA CYS I 25 11.27 26.30 3.72
C CYS I 25 10.13 26.72 2.79
N GLY I 26 8.91 26.70 3.30
CA GLY I 26 7.76 27.18 2.57
C GLY I 26 7.37 28.57 3.03
N GLY I 27 6.36 29.15 2.38
CA GLY I 27 5.90 30.47 2.76
C GLY I 27 4.55 30.83 2.19
N SER I 28 3.89 31.80 2.82
CA SER I 28 2.60 32.28 2.35
C SER I 28 2.69 33.74 1.95
N LEU I 29 2.02 34.10 0.87
CA LEU I 29 2.01 35.47 0.39
C LEU I 29 0.78 36.22 0.91
N ILE I 30 1.00 37.34 1.58
CA ILE I 30 -0.11 38.12 2.13
C ILE I 30 -0.38 39.38 1.32
N ASN I 31 0.65 39.92 0.69
CA ASN I 31 0.48 41.00 -0.29
C ASN I 31 1.60 40.96 -1.31
N SER I 32 1.66 41.97 -2.17
CA SER I 32 2.61 41.99 -3.26
C SER I 32 4.05 42.22 -2.79
N GLN I 33 4.25 42.38 -1.49
CA GLN I 33 5.57 42.70 -0.96
C GLN I 33 5.99 41.87 0.26
N TRP I 34 5.05 41.14 0.85
CA TRP I 34 5.34 40.44 2.11
C TRP I 34 4.98 38.97 2.11
N VAL I 35 5.81 38.18 2.78
CA VAL I 35 5.63 36.74 2.89
C VAL I 35 5.60 36.30 4.36
N VAL I 36 4.56 35.56 4.75
CA VAL I 36 4.46 35.04 6.09
C VAL I 36 5.04 33.62 6.18
N SER I 37 6.05 33.46 7.03
CA SER I 37 6.71 32.16 7.20
C SER I 37 6.98 31.87 8.67
N ALA I 38 7.71 30.79 8.94
CA ALA I 38 8.07 30.42 10.30
C ALA I 38 9.37 31.09 10.71
N ALA I 39 9.48 31.45 11.99
CA ALA I 39 10.62 32.19 12.48
C ALA I 39 11.92 31.39 12.41
N HIS I 40 11.82 30.08 12.61
CA HIS I 40 13.01 29.23 12.63
C HIS I 40 13.55 28.95 11.23
N CYS I 41 12.94 29.57 10.23
CA CYS I 41 13.39 29.43 8.85
C CYS I 41 14.30 30.58 8.44
N TYR I 42 14.61 31.46 9.38
CA TYR I 42 15.42 32.65 9.10
C TYR I 42 16.83 32.28 8.63
N LYS I 43 17.24 32.89 7.53
CA LYS I 43 18.59 32.68 7.00
C LYS I 43 19.19 33.98 6.48
N SER I 44 20.37 33.88 5.89
CA SER I 44 21.03 35.02 5.28
C SER I 44 20.76 35.07 3.78
N GLY I 45 20.21 36.19 3.32
CA GLY I 45 19.94 36.40 1.92
C GLY I 45 18.99 35.38 1.32
N ILE I 46 17.78 35.30 1.84
CA ILE I 46 16.77 34.39 1.34
C ILE I 46 16.29 34.81 -0.05
N GLN I 47 16.07 33.84 -0.92
CA GLN I 47 15.47 34.13 -2.22
C GLN I 47 14.05 33.58 -2.28
N VAL I 48 13.08 34.43 -2.63
CA VAL I 48 11.69 33.99 -2.65
C VAL I 48 11.26 33.60 -4.07
N ARG I 49 10.77 32.37 -4.21
CA ARG I 49 10.30 31.88 -5.50
C ARG I 49 8.78 31.77 -5.50
N LEU I 50 8.15 32.56 -6.37
CA LEU I 50 6.70 32.67 -6.42
C LEU I 50 6.12 32.09 -7.70
N GLY I 51 4.97 31.41 -7.56
CA GLY I 51 4.25 30.86 -8.70
C GLY I 51 4.96 29.68 -9.33
N GLU I 52 5.22 28.65 -8.53
CA GLU I 52 5.97 27.50 -9.01
C GLU I 52 5.35 26.18 -8.57
N ASP I 53 5.27 25.23 -9.49
CA ASP I 53 4.74 23.91 -9.19
C ASP I 53 5.87 22.88 -9.12
N ASN I 54 6.76 22.93 -10.10
CA ASN I 54 7.93 22.07 -10.13
C ASN I 54 9.19 22.86 -9.79
N ILE I 55 9.87 22.47 -8.72
CA ILE I 55 11.04 23.20 -8.25
C ILE I 55 12.32 22.81 -8.99
N ASN I 56 12.25 21.72 -9.76
CA ASN I 56 13.41 21.24 -10.48
C ASN I 56 13.28 21.49 -11.99
N VAL I 57 12.25 22.23 -12.37
CA VAL I 57 11.99 22.57 -13.76
C VAL I 57 11.45 24.00 -13.89
N VAL I 58 11.97 24.76 -14.83
CA VAL I 58 11.50 26.13 -15.06
C VAL I 58 10.14 26.14 -15.77
N GLU I 59 9.13 26.66 -15.08
CA GLU I 59 7.75 26.64 -15.60
C GLU I 59 7.55 27.60 -16.77
N GLY I 60 7.99 28.84 -16.58
CA GLY I 60 7.80 29.88 -17.57
C GLY I 60 7.23 31.14 -16.95
N ASN I 61 6.32 30.96 -15.99
CA ASN I 61 5.72 32.08 -15.28
C ASN I 61 6.06 32.09 -13.79
N GLU I 62 7.36 32.07 -13.49
CA GLU I 62 7.82 32.14 -12.11
C GLU I 62 8.36 33.51 -11.78
N GLN I 63 8.49 33.81 -10.50
CA GLN I 63 9.10 35.07 -10.08
C GLN I 63 10.12 34.84 -8.98
N PHE I 64 11.39 35.11 -9.30
CA PHE I 64 12.47 34.98 -8.34
C PHE I 64 12.82 36.35 -7.78
N ILE I 65 12.36 36.62 -6.56
CA ILE I 65 12.52 37.94 -5.94
C ILE I 65 13.26 37.83 -4.61
N SER I 66 14.35 38.57 -4.49
CA SER I 66 15.21 38.50 -3.31
C SER I 66 14.54 39.10 -2.07
N ALA I 67 15.06 38.72 -0.91
CA ALA I 67 14.60 39.29 0.36
C ALA I 67 15.50 40.44 0.77
N SER I 68 14.90 41.59 1.04
CA SER I 68 15.65 42.78 1.45
C SER I 68 15.51 42.99 2.96
N LYS I 69 14.54 42.30 3.56
CA LYS I 69 14.27 42.46 4.97
C LYS I 69 13.56 41.22 5.53
N SER I 70 14.02 40.76 6.68
CA SER I 70 13.38 39.64 7.35
C SER I 70 13.22 39.95 8.83
N ILE I 71 11.99 39.84 9.33
CA ILE I 71 11.68 40.25 10.69
C ILE I 71 11.06 39.11 11.51
N VAL I 72 11.77 38.72 12.56
CA VAL I 72 11.32 37.70 13.49
C VAL I 72 10.50 38.31 14.61
N HIS I 73 9.45 37.62 15.03
CA HIS I 73 8.66 38.04 16.18
C HIS I 73 9.57 38.15 17.41
N PRO I 74 9.54 39.31 18.08
CA PRO I 74 10.43 39.58 19.22
C PRO I 74 10.28 38.56 20.36
N SER I 75 9.10 37.97 20.49
CA SER I 75 8.85 37.01 21.57
C SER I 75 9.09 35.58 21.14
N TYR I 76 9.73 35.39 20.00
CA TYR I 76 10.04 34.06 19.49
C TYR I 76 11.03 33.34 20.40
N ASN I 77 10.61 32.21 20.94
CA ASN I 77 11.44 31.39 21.81
C ASN I 77 12.07 30.25 21.02
N SER I 78 13.40 30.21 21.01
CA SER I 78 14.14 29.25 20.17
C SER I 78 13.96 27.79 20.61
N ASN I 79 13.61 27.58 21.88
CA ASN I 79 13.51 26.23 22.41
C ASN I 79 12.09 25.69 22.47
N THR I 80 11.17 26.47 23.03
CA THR I 80 9.78 26.05 23.10
C THR I 80 9.08 26.27 21.76
N LEU I 81 9.78 26.93 20.85
CA LEU I 81 9.26 27.25 19.51
C LEU I 81 8.00 28.09 19.57
N ASN I 82 7.77 28.74 20.71
CA ASN I 82 6.64 29.64 20.88
C ASN I 82 6.84 30.91 20.07
N ASN I 83 5.75 31.44 19.52
CA ASN I 83 5.78 32.60 18.63
C ASN I 83 6.73 32.37 17.45
N ASP I 84 6.55 31.23 16.78
CA ASP I 84 7.36 30.86 15.63
C ASP I 84 6.78 31.48 14.35
N ILE I 85 6.95 32.79 14.20
CA ILE I 85 6.42 33.50 13.05
C ILE I 85 7.36 34.61 12.59
N MET I 86 7.51 34.74 11.27
CA MET I 86 8.43 35.71 10.68
C MET I 86 7.85 36.31 9.40
N LEU I 87 8.05 37.61 9.21
CA LEU I 87 7.63 38.27 7.97
C LEU I 87 8.84 38.57 7.09
N ILE I 88 8.66 38.44 5.78
CA ILE I 88 9.74 38.69 4.83
C ILE I 88 9.32 39.70 3.77
N LYS I 89 9.98 40.85 3.75
CA LYS I 89 9.69 41.86 2.74
C LYS I 89 10.46 41.56 1.46
N LEU I 90 9.77 41.66 0.32
CA LEU I 90 10.40 41.44 -0.98
C LEU I 90 11.09 42.71 -1.45
N LYS I 91 12.25 42.56 -2.10
CA LYS I 91 13.02 43.69 -2.59
C LYS I 91 12.22 44.49 -3.61
N SER I 92 11.50 43.78 -4.48
CA SER I 92 10.58 44.41 -5.42
C SER I 92 9.21 43.73 -5.32
N ALA I 93 8.18 44.46 -5.73
CA ALA I 93 6.82 43.92 -5.69
C ALA I 93 6.65 42.76 -6.66
N ALA I 94 5.71 41.88 -6.37
CA ALA I 94 5.45 40.73 -7.23
C ALA I 94 4.24 40.98 -8.12
N SER I 95 4.33 40.54 -9.37
CA SER I 95 3.23 40.67 -10.31
C SER I 95 2.09 39.72 -9.96
N LEU I 96 1.03 40.26 -9.36
CA LEU I 96 -0.10 39.45 -8.95
C LEU I 96 -1.02 39.12 -10.12
N ASN I 97 -1.22 37.83 -10.35
CA ASN I 97 -2.10 37.36 -11.42
C ASN I 97 -2.82 36.09 -11.01
N SER I 98 -3.01 35.18 -11.97
CA SER I 98 -3.64 33.90 -11.69
C SER I 98 -2.68 32.97 -10.95
N ARG I 99 -1.48 32.81 -11.49
CA ARG I 99 -0.49 31.91 -10.92
C ARG I 99 0.03 32.42 -9.58
N VAL I 100 0.12 33.74 -9.45
CA VAL I 100 0.64 34.36 -8.23
C VAL I 100 -0.39 35.27 -7.59
N ALA I 101 -0.84 34.88 -6.39
CA ALA I 101 -1.83 35.66 -5.66
C ALA I 101 -1.54 35.59 -4.16
N SER I 102 -2.14 36.50 -3.41
CA SER I 102 -1.97 36.51 -1.96
C SER I 102 -3.13 35.80 -1.28
N ILE I 103 -3.12 35.76 0.04
CA ILE I 103 -4.20 35.15 0.79
C ILE I 103 -4.58 36.01 1.99
N SER I 104 -5.87 36.06 2.30
CA SER I 104 -6.38 36.94 3.33
C SER I 104 -6.13 36.42 4.74
N LEU I 105 -5.65 37.31 5.61
CA LEU I 105 -5.43 36.99 7.02
C LEU I 105 -6.77 36.76 7.71
N PRO I 106 -6.78 35.94 8.78
CA PRO I 106 -8.05 35.59 9.43
C PRO I 106 -8.61 36.71 10.28
N THR I 107 -9.90 36.63 10.58
CA THR I 107 -10.55 37.58 11.47
C THR I 107 -11.12 36.83 12.68
N SER I 108 -10.99 35.51 12.63
CA SER I 108 -11.46 34.65 13.72
C SER I 108 -10.65 33.36 13.75
N CYS I 109 -10.37 32.86 14.95
CA CYS I 109 -9.72 31.57 15.08
C CYS I 109 -10.69 30.46 14.75
N ALA I 110 -10.29 29.59 13.82
CA ALA I 110 -11.14 28.48 13.41
C ALA I 110 -11.32 27.49 14.54
N SER I 111 -12.42 26.74 14.51
CA SER I 111 -12.73 25.79 15.57
C SER I 111 -12.24 24.39 15.22
N ALA I 112 -12.15 23.53 16.24
CA ALA I 112 -11.71 22.16 16.06
C ALA I 112 -12.71 21.37 15.22
N GLY I 113 -12.25 20.87 14.08
CA GLY I 113 -13.11 20.13 13.17
C GLY I 113 -13.12 20.77 11.79
N THR I 114 -12.70 22.02 11.73
CA THR I 114 -12.63 22.75 10.47
C THR I 114 -11.59 22.12 9.55
N GLN I 115 -12.01 21.78 8.33
CA GLN I 115 -11.13 21.16 7.35
C GLN I 115 -10.17 22.17 6.74
N CYS I 116 -8.88 21.93 6.89
CA CYS I 116 -7.86 22.85 6.40
C CYS I 116 -7.02 22.24 5.27
N LEU I 117 -6.40 23.11 4.48
CA LEU I 117 -5.49 22.69 3.42
C LEU I 117 -4.06 22.98 3.83
N ILE I 118 -3.24 21.94 3.89
CA ILE I 118 -1.82 22.06 4.22
C ILE I 118 -1.00 21.76 2.97
N SER I 119 -0.08 22.65 2.62
CA SER I 119 0.67 22.52 1.37
C SER I 119 2.17 22.72 1.55
N GLY I 120 2.96 22.13 0.66
CA GLY I 120 4.41 22.28 0.72
C GLY I 120 5.20 21.33 -0.16
N TRP I 121 6.52 21.46 -0.08
CA TRP I 121 7.45 20.62 -0.85
C TRP I 121 8.32 19.76 0.07
N GLY I 122 7.76 19.36 1.20
CA GLY I 122 8.54 18.63 2.19
C GLY I 122 8.66 17.15 1.93
N ASN I 123 9.30 16.45 2.86
CA ASN I 123 9.47 15.01 2.77
C ASN I 123 8.12 14.29 2.72
N THR I 124 8.05 13.23 1.92
CA THR I 124 6.78 12.53 1.70
C THR I 124 6.81 11.09 2.22
N LYS I 125 7.58 10.87 3.28
CA LYS I 125 7.71 9.54 3.85
C LYS I 125 7.91 9.59 5.36
N SER I 126 7.15 8.77 6.08
CA SER I 126 7.23 8.73 7.55
C SER I 126 8.59 8.20 8.01
N SER I 127 9.17 7.32 7.22
CA SER I 127 10.50 6.80 7.48
C SER I 127 11.28 6.72 6.18
N GLY I 128 12.47 7.31 6.16
CA GLY I 128 13.24 7.45 4.93
C GLY I 128 12.97 8.81 4.32
N THR I 129 13.48 9.05 3.12
CA THR I 129 13.27 10.33 2.45
C THR I 129 12.78 10.18 1.02
N SER I 130 11.92 11.11 0.61
CA SER I 130 11.40 11.16 -0.75
C SER I 130 10.93 12.58 -1.07
N TYR I 131 11.82 13.37 -1.66
CA TYR I 131 11.51 14.76 -1.94
C TYR I 131 11.00 14.94 -3.37
N PRO I 132 9.76 15.44 -3.49
CA PRO I 132 9.03 15.54 -4.76
C PRO I 132 9.51 16.69 -5.64
N ASP I 133 9.07 16.68 -6.90
CA ASP I 133 9.29 17.79 -7.81
C ASP I 133 8.08 18.70 -7.77
N VAL I 134 6.91 18.08 -7.67
CA VAL I 134 5.63 18.78 -7.71
C VAL I 134 5.15 19.12 -6.29
N LEU I 135 4.49 20.26 -6.15
CA LEU I 135 3.94 20.71 -4.87
C LEU I 135 2.92 19.72 -4.33
N LYS I 136 3.02 19.40 -3.04
CA LYS I 136 2.09 18.46 -2.42
C LYS I 136 1.11 19.14 -1.47
N CYS I 137 -0.15 18.70 -1.53
CA CYS I 137 -1.20 19.25 -0.68
C CYS I 137 -1.78 18.18 0.24
N LEU I 138 -2.70 18.58 1.11
CA LEU I 138 -3.31 17.68 2.09
C LEU I 138 -4.53 18.33 2.72
N LYS I 139 -5.55 17.53 3.00
CA LYS I 139 -6.69 18.02 3.76
C LYS I 139 -6.60 17.46 5.18
N ALA I 140 -6.84 18.32 6.17
CA ALA I 140 -6.66 17.93 7.56
C ALA I 140 -7.45 18.83 8.51
N PRO I 141 -8.23 18.21 9.41
CA PRO I 141 -9.06 18.95 10.36
C PRO I 141 -8.25 19.55 11.50
N ILE I 142 -8.83 20.51 12.20
CA ILE I 142 -8.20 21.08 13.38
C ILE I 142 -8.56 20.24 14.61
N LEU I 143 -7.56 19.94 15.43
CA LEU I 143 -7.77 19.09 16.60
C LEU I 143 -7.93 19.94 17.86
N SER I 144 -8.62 19.38 18.85
CA SER I 144 -8.89 20.09 20.10
C SER I 144 -7.62 20.29 20.92
N ASP I 145 -7.63 21.31 21.76
CA ASP I 145 -6.50 21.56 22.67
C ASP I 145 -6.36 20.42 23.67
N SER I 146 -7.47 19.73 23.92
CA SER I 146 -7.45 18.54 24.76
C SER I 146 -6.53 17.49 24.16
N SER I 147 -6.82 17.14 22.91
CA SER I 147 -6.02 16.16 22.17
C SER I 147 -4.61 16.67 21.92
N CYS I 148 -4.50 17.95 21.60
CA CYS I 148 -3.21 18.55 21.26
C CYS I 148 -2.27 18.57 22.46
N LYS I 149 -2.83 18.74 23.65
CA LYS I 149 -2.03 18.74 24.87
C LYS I 149 -1.82 17.32 25.40
N SER I 150 -2.74 16.43 25.06
CA SER I 150 -2.56 15.01 25.37
C SER I 150 -1.38 14.46 24.60
N ALA I 151 -1.27 14.87 23.33
CA ALA I 151 -0.18 14.47 22.47
C ALA I 151 1.15 14.97 23.01
N TYR I 152 1.25 16.30 23.15
CA TYR I 152 2.46 16.93 23.66
C TYR I 152 2.19 17.58 25.01
N PRO I 153 2.38 16.81 26.10
CA PRO I 153 2.11 17.28 27.47
C PRO I 153 3.01 18.45 27.87
N GLY I 154 2.41 19.61 28.10
CA GLY I 154 3.16 20.78 28.54
C GLY I 154 4.12 21.34 27.51
N GLN I 155 3.80 21.13 26.23
CA GLN I 155 4.62 21.67 25.16
C GLN I 155 3.80 22.58 24.25
N ILE I 156 2.49 22.61 24.47
CA ILE I 156 1.60 23.42 23.66
C ILE I 156 1.29 24.75 24.34
N THR I 157 1.55 25.85 23.62
CA THR I 157 1.29 27.18 24.15
C THR I 157 -0.02 27.73 23.60
N SER I 158 -0.33 28.97 23.98
CA SER I 158 -1.55 29.63 23.53
C SER I 158 -1.47 29.97 22.05
N ASN I 159 -0.26 30.01 21.52
CA ASN I 159 -0.01 30.42 20.15
C ASN I 159 0.18 29.25 19.19
N MET I 160 -0.21 28.06 19.65
CA MET I 160 -0.03 26.85 18.85
C MET I 160 -1.33 26.06 18.72
N PHE I 161 -1.42 25.24 17.67
CA PHE I 161 -2.54 24.30 17.56
C PHE I 161 -2.14 23.08 16.73
N CYS I 162 -2.75 21.94 17.03
CA CYS I 162 -2.44 20.70 16.32
C CYS I 162 -3.45 20.43 15.21
N ALA I 163 -2.93 20.00 14.06
CA ALA I 163 -3.78 19.58 12.95
C ALA I 163 -3.27 18.28 12.36
N GLY I 164 -4.15 17.56 11.67
CA GLY I 164 -3.81 16.27 11.09
C GLY I 164 -4.70 15.16 11.60
N TYR I 165 -4.10 14.03 11.95
CA TYR I 165 -4.85 12.89 12.44
C TYR I 165 -4.12 12.18 13.58
N LEU I 166 -4.87 11.83 14.63
CA LEU I 166 -4.32 11.06 15.73
C LEU I 166 -3.91 9.68 15.26
N GLU I 167 -4.60 9.21 14.22
CA GLU I 167 -4.32 7.90 13.62
C GLU I 167 -2.96 7.88 12.94
N GLY I 168 -2.58 9.02 12.37
CA GLY I 168 -1.30 9.15 11.68
C GLY I 168 -1.43 9.05 10.18
N GLY I 169 -0.36 8.62 9.51
CA GLY I 169 -0.37 8.43 8.07
C GLY I 169 -0.22 9.71 7.28
N LYS I 170 -1.05 10.70 7.59
CA LYS I 170 -1.05 11.97 6.87
C LYS I 170 -0.51 13.09 7.76
N ASP I 171 0.49 13.81 7.28
CA ASP I 171 1.15 14.85 8.07
C ASP I 171 2.08 15.72 7.22
N SER I 172 2.38 16.91 7.73
CA SER I 172 3.41 17.76 7.14
C SER I 172 4.77 17.31 7.67
N CYS I 173 5.82 17.48 6.86
CA CYS I 173 7.13 16.97 7.22
C CYS I 173 8.24 17.98 6.95
N GLN I 174 9.48 17.48 6.96
CA GLN I 174 10.66 18.31 6.80
C GLN I 174 10.72 18.98 5.43
N GLY I 175 10.72 20.31 5.42
CA GLY I 175 10.75 21.07 4.18
C GLY I 175 9.42 21.74 3.92
N ASP I 176 8.51 21.61 4.87
CA ASP I 176 7.18 22.21 4.75
C ASP I 176 7.03 23.42 5.66
N SER I 177 8.02 23.64 6.54
CA SER I 177 7.98 24.74 7.50
C SER I 177 7.83 26.09 6.82
N GLY I 178 7.04 26.97 7.42
CA GLY I 178 6.73 28.25 6.83
C GLY I 178 5.52 28.16 5.93
N GLY I 179 5.15 26.93 5.58
CA GLY I 179 4.03 26.67 4.70
C GLY I 179 2.70 27.06 5.30
N PRO I 180 1.72 27.34 4.44
CA PRO I 180 0.37 27.77 4.82
C PRO I 180 -0.52 26.65 5.34
N VAL I 181 -1.42 27.00 6.26
CA VAL I 181 -2.48 26.10 6.70
C VAL I 181 -3.79 26.87 6.57
N VAL I 182 -4.52 26.59 5.50
CA VAL I 182 -5.63 27.44 5.08
C VAL I 182 -7.01 26.89 5.45
N CYS I 183 -7.83 27.72 6.08
CA CYS I 183 -9.18 27.31 6.45
C CYS I 183 -10.20 28.36 6.03
N SER I 184 -11.25 27.90 5.33
CA SER I 184 -12.33 28.77 4.87
C SER I 184 -11.81 29.95 4.05
N GLY I 185 -10.82 29.70 3.20
CA GLY I 185 -10.27 30.71 2.32
C GLY I 185 -9.35 31.69 3.01
N LYS I 186 -9.02 31.42 4.27
CA LYS I 186 -8.17 32.32 5.04
C LYS I 186 -7.09 31.55 5.80
N LEU I 187 -5.92 32.18 5.93
CA LEU I 187 -4.75 31.55 6.54
C LEU I 187 -4.87 31.40 8.05
N GLN I 188 -4.98 30.16 8.52
CA GLN I 188 -5.17 29.92 9.94
C GLN I 188 -3.90 29.48 10.66
N GLY I 189 -3.06 28.72 9.98
CA GLY I 189 -1.87 28.20 10.62
C GLY I 189 -0.59 28.25 9.81
N ILE I 190 0.54 28.00 10.48
CA ILE I 190 1.82 27.88 9.79
C ILE I 190 2.57 26.61 10.21
N VAL I 191 3.02 25.82 9.23
CA VAL I 191 3.73 24.58 9.51
C VAL I 191 4.94 24.83 10.41
N SER I 192 4.88 24.34 11.64
CA SER I 192 5.96 24.60 12.59
C SER I 192 6.76 23.33 12.90
N TRP I 193 6.32 22.58 13.89
CA TRP I 193 7.07 21.43 14.35
C TRP I 193 6.20 20.20 14.62
N GLY I 194 6.80 19.21 15.27
CA GLY I 194 6.09 17.99 15.62
C GLY I 194 7.07 16.93 16.09
N SER I 195 6.59 15.71 16.25
CA SER I 195 7.46 14.60 16.63
C SER I 195 7.54 13.60 15.47
N GLY I 196 8.64 13.67 14.72
CA GLY I 196 8.78 12.88 13.52
C GLY I 196 7.80 13.33 12.46
N CYS I 197 7.36 12.41 11.63
CA CYS I 197 6.36 12.70 10.61
C CYS I 197 5.33 11.58 10.51
N ALA I 198 4.05 11.97 10.50
CA ALA I 198 2.93 11.04 10.37
C ALA I 198 2.97 9.95 11.43
N GLN I 199 3.32 10.32 12.65
CA GLN I 199 3.43 9.35 13.74
C GLN I 199 2.14 9.30 14.55
N LYS I 200 1.84 8.12 15.08
CA LYS I 200 0.65 7.89 15.88
C LYS I 200 0.63 8.80 17.12
N ASN I 201 -0.52 9.40 17.37
CA ASN I 201 -0.74 10.28 18.52
C ASN I 201 0.15 11.53 18.54
N LYS I 202 0.92 11.74 17.48
CA LYS I 202 1.76 12.93 17.40
C LYS I 202 1.52 13.67 16.09
N PRO I 203 0.41 14.41 16.01
CA PRO I 203 0.06 15.14 14.78
C PRO I 203 0.95 16.36 14.56
N GLY I 204 0.62 17.17 13.55
CA GLY I 204 1.43 18.32 13.23
C GLY I 204 1.13 19.51 14.13
N VAL I 205 2.17 20.23 14.52
CA VAL I 205 2.01 21.45 15.31
C VAL I 205 2.22 22.70 14.44
N TYR I 206 1.26 23.61 14.55
CA TYR I 206 1.21 24.78 13.69
C TYR I 206 1.05 26.07 14.48
N THR I 207 1.68 27.13 13.98
CA THR I 207 1.58 28.45 14.57
C THR I 207 0.21 29.07 14.31
N LYS I 208 -0.40 29.55 15.39
CA LYS I 208 -1.71 30.19 15.36
C LYS I 208 -1.64 31.61 14.79
N VAL I 209 -2.01 31.76 13.52
CA VAL I 209 -1.87 33.03 12.82
C VAL I 209 -2.80 34.12 13.39
N CYS I 210 -3.98 33.70 13.85
CA CYS I 210 -4.98 34.65 14.34
C CYS I 210 -4.50 35.48 15.53
N ASN I 211 -3.42 35.04 16.17
CA ASN I 211 -2.85 35.78 17.29
C ASN I 211 -1.74 36.75 16.86
N TYR I 212 -1.61 36.96 15.56
CA TYR I 212 -0.52 37.80 15.05
C TYR I 212 -0.95 38.76 13.95
N VAL I 213 -2.25 38.82 13.67
CA VAL I 213 -2.77 39.73 12.65
C VAL I 213 -2.40 41.17 12.99
N SER I 214 -2.55 41.52 14.25
CA SER I 214 -2.18 42.85 14.75
C SER I 214 -0.70 43.13 14.50
N TRP I 215 0.15 42.20 14.94
CA TRP I 215 1.62 42.34 14.79
C TRP I 215 2.02 42.35 13.31
N ILE I 216 1.28 41.64 12.47
CA ILE I 216 1.57 41.58 11.00
C ILE I 216 1.26 42.94 10.40
N LYS I 217 0.08 43.47 10.73
CA LYS I 217 -0.39 44.78 10.26
C LYS I 217 0.57 45.87 10.75
N GLN I 218 1.04 45.74 12.00
CA GLN I 218 1.96 46.75 12.59
C GLN I 218 3.34 46.70 11.96
N THR I 219 3.83 45.52 11.61
CA THR I 219 5.16 45.35 11.05
C THR I 219 5.23 45.85 9.62
N ILE I 220 4.20 45.57 8.83
CA ILE I 220 4.17 46.00 7.44
C ILE I 220 4.15 47.53 7.33
N ALA I 221 3.36 48.17 8.19
CA ALA I 221 3.24 49.63 8.18
C ALA I 221 4.51 50.30 8.70
N SER I 222 5.17 49.66 9.65
CA SER I 222 6.38 50.22 10.25
C SER I 222 7.60 50.05 9.36
N ASN I 223 7.58 49.02 8.52
CA ASN I 223 8.71 48.73 7.64
C ASN I 223 8.34 48.82 6.16
N GLU J 3 21.49 18.93 -5.01
CA GLU J 3 21.75 18.02 -3.89
C GLU J 3 22.61 18.67 -2.82
N CYS J 4 22.67 18.03 -1.65
CA CYS J 4 23.52 18.49 -0.56
C CYS J 4 24.92 17.91 -0.72
N PRO J 5 25.95 18.67 -0.34
CA PRO J 5 27.34 18.22 -0.49
C PRO J 5 27.74 17.16 0.52
N GLY J 6 28.61 16.24 0.10
CA GLY J 6 29.15 15.24 1.00
C GLY J 6 28.28 14.02 1.19
N LYS J 7 28.60 13.24 2.23
CA LYS J 7 27.85 12.03 2.57
C LYS J 7 26.46 12.39 3.06
N GLN J 8 25.45 11.65 2.61
CA GLN J 8 24.06 11.98 2.90
C GLN J 8 23.44 11.12 4.00
N GLU J 9 23.81 9.85 4.03
CA GLU J 9 23.20 8.91 4.97
C GLU J 9 24.26 8.12 5.74
N TRP J 10 23.90 7.71 6.95
CA TRP J 10 24.77 6.87 7.77
C TRP J 10 24.02 5.67 8.34
N PRO J 11 23.69 4.69 7.48
CA PRO J 11 22.97 3.51 7.93
C PRO J 11 23.81 2.62 8.85
N GLU J 12 25.13 2.68 8.69
CA GLU J 12 26.03 1.82 9.45
C GLU J 12 26.17 2.27 10.90
N LEU J 13 25.75 3.50 11.18
CA LEU J 13 25.87 4.06 12.52
C LEU J 13 24.64 3.78 13.38
N VAL J 14 23.74 2.94 12.89
CA VAL J 14 22.58 2.55 13.67
C VAL J 14 22.97 1.45 14.67
N GLY J 15 22.89 1.78 15.95
CA GLY J 15 23.28 0.85 17.00
C GLY J 15 24.41 1.41 17.84
N GLU J 16 25.03 2.48 17.35
CA GLU J 16 26.10 3.14 18.07
C GLU J 16 25.52 4.13 19.09
N TYR J 17 26.36 4.60 20.00
CA TYR J 17 25.94 5.64 20.93
C TYR J 17 25.93 6.99 20.22
N GLY J 18 24.93 7.81 20.54
CA GLY J 18 24.66 9.04 19.82
C GLY J 18 25.81 9.99 19.55
N TYR J 19 26.65 10.23 20.55
CA TYR J 19 27.70 11.23 20.42
C TYR J 19 28.92 10.71 19.66
N LYS J 20 29.18 9.42 19.77
CA LYS J 20 30.20 8.76 18.95
C LYS J 20 29.80 8.91 17.49
N ALA J 21 28.53 8.64 17.22
CA ALA J 21 27.96 8.80 15.89
C ALA J 21 28.08 10.24 15.43
N ALA J 22 27.83 11.18 16.32
CA ALA J 22 27.95 12.59 15.99
C ALA J 22 29.37 12.93 15.56
N ALA J 23 30.34 12.48 16.35
CA ALA J 23 31.75 12.68 16.05
C ALA J 23 32.11 12.11 14.68
N ILE J 24 31.70 10.88 14.42
CA ILE J 24 31.99 10.24 13.14
C ILE J 24 31.34 11.00 11.96
N ILE J 25 30.10 11.43 12.17
CA ILE J 25 29.35 12.17 11.16
C ILE J 25 30.05 13.47 10.78
N GLU J 26 30.41 14.27 11.78
CA GLU J 26 31.11 15.52 11.49
C GLU J 26 32.51 15.25 10.95
N ARG J 27 33.05 14.08 11.29
CA ARG J 27 34.36 13.67 10.82
C ARG J 27 34.35 13.36 9.32
N GLU J 28 33.26 12.77 8.84
CA GLU J 28 33.19 12.36 7.44
C GLU J 28 32.63 13.45 6.52
N ASN J 29 31.72 14.26 7.05
CA ASN J 29 31.16 15.37 6.27
C ASN J 29 31.35 16.70 6.99
N PRO J 30 32.38 17.47 6.59
CA PRO J 30 32.75 18.73 7.25
C PRO J 30 31.85 19.90 6.85
N ASN J 31 30.61 19.62 6.46
CA ASN J 31 29.66 20.68 6.12
C ASN J 31 28.41 20.62 6.98
N VAL J 32 28.34 19.62 7.85
CA VAL J 32 27.15 19.41 8.67
C VAL J 32 27.42 19.59 10.15
N ARG J 33 26.37 19.92 10.90
CA ARG J 33 26.44 19.97 12.36
C ARG J 33 25.54 18.88 12.95
N SER J 34 26.16 17.84 13.49
CA SER J 34 25.41 16.73 14.07
C SER J 34 24.72 17.14 15.37
N ILE J 35 23.42 16.88 15.45
CA ILE J 35 22.64 17.19 16.63
C ILE J 35 21.99 15.93 17.22
N VAL J 36 22.41 15.56 18.42
CA VAL J 36 21.86 14.40 19.09
C VAL J 36 20.55 14.75 19.79
N LYS J 37 19.49 14.04 19.44
CA LYS J 37 18.17 14.29 20.02
C LYS J 37 17.43 13.00 20.38
N HIS J 38 16.46 13.12 21.27
CA HIS J 38 15.60 12.00 21.63
C HIS J 38 14.41 11.93 20.67
N GLU J 39 13.89 10.72 20.46
CA GLU J 39 12.86 10.52 19.45
C GLU J 39 11.48 11.04 19.88
N ARG J 40 11.27 11.15 21.19
CA ARG J 40 9.99 11.66 21.69
C ARG J 40 10.03 13.17 21.87
N SER J 41 11.14 13.79 21.48
CA SER J 41 11.24 15.24 21.52
C SER J 41 10.71 15.83 20.22
N GLY J 42 10.60 17.16 20.18
CA GLY J 42 10.07 17.84 19.00
C GLY J 42 11.11 18.12 17.94
N PHE J 43 10.69 18.06 16.69
CA PHE J 43 11.56 18.35 15.56
C PHE J 43 10.94 19.40 14.65
N THR J 44 11.70 20.46 14.37
CA THR J 44 11.25 21.47 13.42
C THR J 44 11.22 20.85 12.02
N LYS J 45 10.41 21.42 11.14
CA LYS J 45 10.19 20.82 9.83
C LYS J 45 10.83 21.62 8.70
N ASP J 46 12.00 22.19 8.99
CA ASP J 46 12.79 22.86 7.96
C ASP J 46 13.78 21.87 7.35
N PHE J 47 14.34 22.22 6.21
CA PHE J 47 15.34 21.37 5.56
C PHE J 47 16.69 22.07 5.49
N ARG J 48 17.71 21.44 6.06
CA ARG J 48 19.04 22.02 6.09
C ARG J 48 20.08 21.02 5.59
N CYS J 49 21.01 21.49 4.75
CA CYS J 49 22.07 20.64 4.22
C CYS J 49 23.27 20.62 5.16
N ASP J 50 23.21 21.42 6.21
CA ASP J 50 24.29 21.50 7.18
C ASP J 50 23.89 20.90 8.53
N ARG J 51 22.88 20.04 8.53
CA ARG J 51 22.37 19.48 9.77
C ARG J 51 22.09 17.99 9.65
N VAL J 52 22.62 17.23 10.60
CA VAL J 52 22.34 15.79 10.68
C VAL J 52 21.83 15.43 12.07
N TRP J 53 20.51 15.26 12.18
CA TRP J 53 19.89 14.82 13.42
C TRP J 53 20.36 13.42 13.79
N VAL J 54 20.87 13.27 15.02
CA VAL J 54 21.21 11.96 15.55
C VAL J 54 20.14 11.55 16.55
N VAL J 55 19.15 10.80 16.06
CA VAL J 55 17.99 10.45 16.88
C VAL J 55 18.26 9.22 17.75
N VAL J 56 18.09 9.37 19.05
CA VAL J 56 18.26 8.27 19.98
C VAL J 56 17.00 8.08 20.83
N ASP J 57 17.00 7.03 21.65
CA ASP J 57 15.88 6.80 22.56
C ASP J 57 16.31 7.05 24.01
N SER J 58 15.69 6.33 24.93
CA SER J 58 15.92 6.51 26.35
C SER J 58 17.34 6.14 26.77
N THR J 59 17.98 5.27 25.99
CA THR J 59 19.27 4.72 26.36
C THR J 59 20.45 5.38 25.65
N GLY J 60 20.15 6.34 24.77
CA GLY J 60 21.19 7.08 24.08
C GLY J 60 21.82 6.33 22.92
N VAL J 61 21.09 5.34 22.40
CA VAL J 61 21.56 4.57 21.26
C VAL J 61 20.82 5.00 19.99
N VAL J 62 21.54 5.09 18.88
CA VAL J 62 20.94 5.50 17.61
C VAL J 62 19.92 4.47 17.12
N VAL J 63 18.66 4.87 17.08
CA VAL J 63 17.58 3.97 16.67
C VAL J 63 16.99 4.37 15.32
N ARG J 64 17.55 5.42 14.72
CA ARG J 64 17.07 5.90 13.42
C ARG J 64 18.25 6.33 12.56
N THR J 65 18.20 6.00 11.28
CA THR J 65 19.30 6.30 10.37
C THR J 65 19.54 7.80 10.24
N PRO J 66 20.73 8.26 10.67
CA PRO J 66 21.11 9.67 10.60
C PRO J 66 21.19 10.18 9.17
N ARG J 67 20.16 10.92 8.75
CA ARG J 67 20.12 11.49 7.41
C ARG J 67 20.38 13.00 7.45
N VAL J 68 20.78 13.54 6.31
CA VAL J 68 21.01 14.98 6.20
C VAL J 68 19.71 15.69 5.79
N THR J 69 18.98 16.19 6.78
CA THR J 69 17.76 16.96 6.54
C THR J 69 17.72 18.17 7.46
N ILE K 1 -61.71 40.08 5.46
CA ILE K 1 -62.76 39.55 6.34
C ILE K 1 -62.76 38.02 6.32
N VAL K 2 -62.77 37.42 7.49
CA VAL K 2 -62.83 35.96 7.61
C VAL K 2 -64.28 35.48 7.55
N GLY K 3 -64.61 34.74 6.49
CA GLY K 3 -65.93 34.19 6.33
C GLY K 3 -66.93 35.16 5.73
N GLY K 4 -66.47 35.99 4.79
CA GLY K 4 -67.33 36.96 4.15
C GLY K 4 -67.52 36.69 2.67
N TYR K 5 -68.14 37.63 1.98
CA TYR K 5 -68.38 37.49 0.54
C TYR K 5 -67.69 38.59 -0.25
N THR K 6 -67.46 38.32 -1.54
CA THR K 6 -66.93 39.32 -2.46
C THR K 6 -67.95 40.43 -2.66
N CYS K 7 -67.60 41.64 -2.23
CA CYS K 7 -68.50 42.78 -2.32
C CYS K 7 -68.91 43.09 -3.76
N GLY K 8 -67.93 43.08 -4.65
CA GLY K 8 -68.12 43.58 -6.00
C GLY K 8 -67.44 44.93 -6.09
N ALA K 9 -67.14 45.36 -7.32
CA ALA K 9 -66.40 46.59 -7.55
C ALA K 9 -67.14 47.82 -7.04
N ASN K 10 -66.57 48.47 -6.03
CA ASN K 10 -67.06 49.75 -5.52
C ASN K 10 -68.49 49.71 -4.99
N THR K 11 -68.87 48.57 -4.40
CA THR K 11 -70.11 48.47 -3.65
C THR K 11 -69.97 49.33 -2.39
N VAL K 12 -68.73 49.44 -1.93
CA VAL K 12 -68.41 50.26 -0.77
C VAL K 12 -67.51 51.43 -1.18
N PRO K 13 -68.12 52.51 -1.69
CA PRO K 13 -67.36 53.65 -2.24
C PRO K 13 -66.68 54.50 -1.17
N TYR K 14 -67.06 54.30 0.08
CA TYR K 14 -66.47 55.07 1.18
C TYR K 14 -65.32 54.31 1.83
N GLN K 15 -65.11 53.07 1.40
CA GLN K 15 -63.98 52.28 1.88
C GLN K 15 -62.68 52.81 1.30
N VAL K 16 -61.80 53.32 2.17
CA VAL K 16 -60.50 53.79 1.70
C VAL K 16 -59.39 52.92 2.26
N SER K 17 -58.25 52.91 1.58
CA SER K 17 -57.14 52.06 1.95
C SER K 17 -55.89 52.86 2.34
N LEU K 18 -55.51 52.75 3.61
CA LEU K 18 -54.28 53.37 4.08
C LEU K 18 -53.07 52.57 3.57
N ASN K 19 -52.16 53.26 2.90
CA ASN K 19 -51.04 52.58 2.24
C ASN K 19 -49.68 53.21 2.54
N SER K 20 -48.65 52.37 2.52
CA SER K 20 -47.26 52.81 2.69
C SER K 20 -46.35 51.89 1.89
N GLY K 21 -46.75 51.61 0.65
CA GLY K 21 -46.10 50.61 -0.15
C GLY K 21 -46.89 49.32 -0.07
N TYR K 22 -47.29 48.98 1.15
CA TYR K 22 -48.19 47.85 1.41
C TYR K 22 -49.39 48.34 2.20
N HIS K 23 -50.55 47.73 1.95
CA HIS K 23 -51.78 48.08 2.65
C HIS K 23 -51.75 47.59 4.09
N PHE K 24 -51.74 48.53 5.03
CA PHE K 24 -51.59 48.19 6.45
C PHE K 24 -52.88 48.39 7.25
N CYS K 25 -53.68 49.38 6.86
CA CYS K 25 -54.94 49.65 7.55
C CYS K 25 -56.02 50.15 6.59
N GLY K 26 -57.26 50.12 7.05
CA GLY K 26 -58.38 50.62 6.27
C GLY K 26 -58.89 51.93 6.83
N GLY K 27 -59.89 52.51 6.17
CA GLY K 27 -60.45 53.77 6.63
C GLY K 27 -61.79 54.10 6.00
N SER K 28 -62.47 55.10 6.56
CA SER K 28 -63.77 55.52 6.06
C SER K 28 -63.78 57.00 5.74
N LEU K 29 -64.24 57.35 4.54
CA LEU K 29 -64.32 58.75 4.13
C LEU K 29 -65.52 59.44 4.77
N ILE K 30 -65.29 60.55 5.47
CA ILE K 30 -66.42 61.27 6.10
C ILE K 30 -66.82 62.49 5.29
N ASN K 31 -65.86 63.23 4.77
CA ASN K 31 -66.13 64.25 3.77
C ASN K 31 -65.04 64.25 2.70
N SER K 32 -65.09 65.24 1.81
CA SER K 32 -64.17 65.29 0.68
C SER K 32 -62.72 65.50 1.09
N GLN K 33 -62.48 65.72 2.38
CA GLN K 33 -61.14 66.04 2.85
C GLN K 33 -60.67 65.20 4.04
N TRP K 34 -61.57 64.42 4.63
CA TRP K 34 -61.22 63.71 5.87
C TRP K 34 -61.62 62.24 5.92
N VAL K 35 -60.81 61.47 6.63
CA VAL K 35 -60.96 60.02 6.76
C VAL K 35 -60.81 59.56 8.21
N VAL K 36 -61.81 58.86 8.72
CA VAL K 36 -61.75 58.27 10.05
C VAL K 36 -61.14 56.87 10.00
N SER K 37 -60.27 56.59 10.96
CA SER K 37 -59.64 55.26 11.06
C SER K 37 -59.38 54.95 12.53
N ALA K 38 -58.59 53.90 12.79
CA ALA K 38 -58.23 53.54 14.15
C ALA K 38 -56.95 54.25 14.58
N ALA K 39 -56.83 54.52 15.87
CA ALA K 39 -55.70 55.28 16.40
C ALA K 39 -54.41 54.45 16.42
N HIS K 40 -54.56 53.13 16.39
CA HIS K 40 -53.39 52.24 16.41
C HIS K 40 -52.87 52.00 15.00
N CYS K 41 -53.43 52.71 14.03
CA CYS K 41 -52.96 52.62 12.65
C CYS K 41 -52.09 53.82 12.31
N TYR K 42 -51.63 54.52 13.33
CA TYR K 42 -50.83 55.72 13.15
C TYR K 42 -49.46 55.42 12.55
N LYS K 43 -49.16 56.07 11.44
CA LYS K 43 -47.83 56.03 10.85
C LYS K 43 -47.39 57.44 10.49
N SER K 44 -46.25 57.54 9.81
CA SER K 44 -45.74 58.84 9.40
C SER K 44 -45.59 58.89 7.88
N GLY K 45 -46.47 59.64 7.23
CA GLY K 45 -46.45 59.76 5.79
C GLY K 45 -47.36 58.75 5.13
N ILE K 46 -48.60 58.69 5.61
CA ILE K 46 -49.59 57.75 5.06
C ILE K 46 -50.09 58.21 3.70
N GLN K 47 -50.17 57.27 2.76
CA GLN K 47 -50.75 57.57 1.45
C GLN K 47 -52.10 56.88 1.30
N VAL K 48 -53.16 57.67 1.23
CA VAL K 48 -54.51 57.14 1.15
C VAL K 48 -54.89 56.78 -0.29
N ARG K 49 -55.58 55.65 -0.44
CA ARG K 49 -56.04 55.20 -1.75
C ARG K 49 -57.56 55.01 -1.76
N LEU K 50 -58.24 55.82 -2.56
CA LEU K 50 -59.70 55.80 -2.63
C LEU K 50 -60.22 55.24 -3.95
N GLY K 51 -61.35 54.55 -3.88
CA GLY K 51 -62.02 54.02 -5.06
C GLY K 51 -61.28 52.89 -5.72
N GLU K 52 -60.98 51.83 -4.96
CA GLU K 52 -60.24 50.71 -5.50
C GLU K 52 -60.76 49.39 -4.95
N ASP K 53 -61.02 48.43 -5.83
CA ASP K 53 -61.45 47.11 -5.41
C ASP K 53 -60.26 46.15 -5.40
N ASN K 54 -59.62 45.99 -6.56
CA ASN K 54 -58.41 45.21 -6.66
C ASN K 54 -57.20 46.08 -6.29
N ILE K 55 -56.62 45.82 -5.14
CA ILE K 55 -55.56 46.65 -4.60
C ILE K 55 -54.18 46.31 -5.17
N ASN K 56 -54.15 45.39 -6.13
CA ASN K 56 -52.90 45.01 -6.78
C ASN K 56 -53.00 45.18 -8.29
N VAL K 57 -54.19 45.54 -8.76
CA VAL K 57 -54.43 45.83 -10.17
C VAL K 57 -54.86 47.28 -10.33
N VAL K 58 -54.25 47.98 -11.29
CA VAL K 58 -54.56 49.38 -11.53
C VAL K 58 -55.15 49.59 -12.92
N GLU K 59 -56.43 49.97 -12.97
CA GLU K 59 -57.07 50.26 -14.25
C GLU K 59 -58.23 51.23 -14.10
N GLY K 60 -57.93 52.46 -13.68
CA GLY K 60 -58.90 53.54 -13.71
C GLY K 60 -59.68 53.81 -12.44
N ASN K 61 -60.15 55.05 -12.32
CA ASN K 61 -60.98 55.48 -11.20
C ASN K 61 -60.38 55.21 -9.82
N GLU K 62 -59.08 55.46 -9.68
CA GLU K 62 -58.39 55.27 -8.41
C GLU K 62 -57.67 56.54 -8.01
N GLN K 63 -57.92 57.04 -6.80
CA GLN K 63 -57.27 58.25 -6.33
C GLN K 63 -56.21 57.98 -5.27
N PHE K 64 -54.98 58.38 -5.55
CA PHE K 64 -53.89 58.23 -4.58
C PHE K 64 -53.51 59.58 -3.98
N ILE K 65 -54.09 59.89 -2.82
CA ILE K 65 -53.86 61.18 -2.18
C ILE K 65 -53.13 61.03 -0.85
N SER K 66 -52.02 61.76 -0.71
CA SER K 66 -51.22 61.71 0.51
C SER K 66 -51.93 62.39 1.67
N ALA K 67 -51.54 62.03 2.89
CA ALA K 67 -52.06 62.67 4.08
C ALA K 67 -51.19 63.86 4.46
N SER K 68 -51.82 64.97 4.83
CA SER K 68 -51.09 66.16 5.22
C SER K 68 -51.13 66.36 6.73
N LYS K 69 -52.16 65.80 7.36
CA LYS K 69 -52.34 65.92 8.80
C LYS K 69 -53.02 64.67 9.34
N SER K 70 -52.51 64.17 10.46
CA SER K 70 -53.10 62.99 11.11
C SER K 70 -53.21 63.22 12.60
N ILE K 71 -54.42 63.09 13.13
CA ILE K 71 -54.71 63.45 14.50
C ILE K 71 -55.32 62.30 15.30
N VAL K 72 -54.60 61.91 16.35
CA VAL K 72 -55.08 60.89 17.27
C VAL K 72 -55.89 61.54 18.37
N HIS K 73 -56.96 60.86 18.82
CA HIS K 73 -57.77 61.34 19.93
C HIS K 73 -56.88 61.53 21.16
N PRO K 74 -57.00 62.71 21.82
CA PRO K 74 -56.17 63.10 22.95
C PRO K 74 -56.19 62.12 24.12
N SER K 75 -57.20 61.26 24.17
CA SER K 75 -57.36 60.33 25.28
C SER K 75 -57.21 58.88 24.83
N TYR K 76 -56.60 58.66 23.67
CA TYR K 76 -56.38 57.31 23.18
C TYR K 76 -55.37 56.57 24.05
N ASN K 77 -55.75 55.38 24.50
CA ASN K 77 -54.87 54.57 25.34
C ASN K 77 -54.28 53.41 24.54
N SER K 78 -52.95 53.32 24.55
CA SER K 78 -52.25 52.30 23.76
C SER K 78 -52.47 50.88 24.29
N ASN K 79 -52.63 50.75 25.60
CA ASN K 79 -52.74 49.43 26.21
C ASN K 79 -54.17 48.92 26.31
N THR K 80 -55.10 49.77 26.75
CA THR K 80 -56.49 49.36 26.88
C THR K 80 -57.27 49.59 25.59
N LEU K 81 -56.61 50.22 24.61
CA LEU K 81 -57.19 50.49 23.30
C LEU K 81 -58.45 51.37 23.37
N ASN K 82 -58.60 52.08 24.49
CA ASN K 82 -59.74 52.98 24.68
C ASN K 82 -59.57 54.22 23.81
N ASN K 83 -60.68 54.71 23.25
CA ASN K 83 -60.67 55.83 22.32
C ASN K 83 -59.76 55.57 21.13
N ASP K 84 -60.00 54.45 20.44
CA ASP K 84 -59.17 54.05 19.30
C ASP K 84 -59.69 54.66 18.00
N ILE K 85 -59.48 55.96 17.84
CA ILE K 85 -59.98 56.67 16.67
C ILE K 85 -59.02 57.77 16.21
N MET K 86 -58.80 57.86 14.91
CA MET K 86 -57.87 58.83 14.33
C MET K 86 -58.44 59.51 13.09
N LEU K 87 -58.34 60.83 13.03
CA LEU K 87 -58.81 61.58 11.87
C LEU K 87 -57.64 61.90 10.93
N ILE K 88 -57.91 61.87 9.63
CA ILE K 88 -56.87 62.08 8.63
C ILE K 88 -57.29 63.09 7.56
N LYS K 89 -56.54 64.18 7.45
CA LYS K 89 -56.81 65.17 6.42
C LYS K 89 -56.03 64.86 5.16
N LEU K 90 -56.71 64.87 4.02
CA LEU K 90 -56.06 64.62 2.74
C LEU K 90 -55.40 65.91 2.25
N LYS K 91 -54.23 65.77 1.62
CA LYS K 91 -53.47 66.91 1.12
C LYS K 91 -54.33 67.79 0.22
N SER K 92 -55.06 67.16 -0.68
CA SER K 92 -56.04 67.83 -1.51
C SER K 92 -57.34 67.04 -1.51
N ALA K 93 -58.45 67.72 -1.76
CA ALA K 93 -59.76 67.08 -1.74
C ALA K 93 -59.85 66.02 -2.85
N ALA K 94 -60.72 65.04 -2.64
CA ALA K 94 -60.91 63.96 -3.62
C ALA K 94 -62.13 64.22 -4.50
N SER K 95 -62.06 63.75 -5.74
CA SER K 95 -63.18 63.85 -6.65
C SER K 95 -64.28 62.86 -6.27
N LEU K 96 -65.41 63.38 -5.81
CA LEU K 96 -66.51 62.54 -5.38
C LEU K 96 -67.40 62.12 -6.54
N ASN K 97 -67.22 60.89 -7.02
CA ASN K 97 -68.06 60.34 -8.06
C ASN K 97 -68.85 59.13 -7.57
N SER K 98 -69.20 58.24 -8.48
CA SER K 98 -69.96 57.05 -8.15
C SER K 98 -69.10 56.06 -7.35
N ARG K 99 -67.80 56.07 -7.65
CA ARG K 99 -66.87 55.12 -7.05
C ARG K 99 -66.27 55.67 -5.75
N VAL K 100 -66.21 56.99 -5.65
CA VAL K 100 -65.66 57.63 -4.46
C VAL K 100 -66.69 58.55 -3.81
N ALA K 101 -67.13 58.18 -2.62
CA ALA K 101 -68.10 58.99 -1.88
C ALA K 101 -67.84 58.84 -0.39
N SER K 102 -68.41 59.74 0.42
CA SER K 102 -68.23 59.69 1.86
C SER K 102 -69.45 59.06 2.53
N ILE K 103 -69.36 58.90 3.85
CA ILE K 103 -70.45 58.29 4.61
C ILE K 103 -70.84 59.19 5.80
N SER K 104 -72.13 59.25 6.09
CA SER K 104 -72.65 60.12 7.15
C SER K 104 -72.27 59.63 8.55
N LEU K 105 -72.10 60.58 9.46
CA LEU K 105 -71.85 60.28 10.86
C LEU K 105 -73.18 60.02 11.55
N PRO K 106 -73.18 59.16 12.59
CA PRO K 106 -74.46 58.68 13.11
C PRO K 106 -75.18 59.71 13.97
N THR K 107 -76.49 59.51 14.10
CA THR K 107 -77.33 60.41 14.87
C THR K 107 -77.30 60.00 16.34
N SER K 108 -77.74 58.76 16.59
CA SER K 108 -77.59 58.10 17.88
C SER K 108 -76.90 56.76 17.68
N CYS K 109 -76.68 56.03 18.76
CA CYS K 109 -76.07 54.71 18.67
C CYS K 109 -77.09 53.69 18.19
N ALA K 110 -76.63 52.69 17.45
CA ALA K 110 -77.50 51.61 17.02
C ALA K 110 -77.76 50.69 18.21
N SER K 111 -78.76 49.83 18.08
CA SER K 111 -79.14 48.94 19.16
C SER K 111 -78.74 47.50 18.89
N ALA K 112 -78.65 46.70 19.94
CA ALA K 112 -78.23 45.31 19.83
C ALA K 112 -79.17 44.50 18.93
N GLY K 113 -78.62 44.00 17.83
CA GLY K 113 -79.39 43.24 16.87
C GLY K 113 -79.36 43.87 15.50
N THR K 114 -78.89 45.12 15.44
CA THR K 114 -78.81 45.85 14.18
C THR K 114 -77.81 45.21 13.23
N GLN K 115 -78.31 44.72 12.10
CA GLN K 115 -77.45 44.11 11.08
C GLN K 115 -76.59 45.17 10.41
N CYS K 116 -75.27 45.05 10.59
CA CYS K 116 -74.34 46.06 10.07
C CYS K 116 -73.38 45.46 9.05
N LEU K 117 -72.93 46.29 8.11
CA LEU K 117 -71.99 45.87 7.09
C LEU K 117 -70.56 46.23 7.47
N ILE K 118 -69.71 45.22 7.58
CA ILE K 118 -68.29 45.41 7.85
C ILE K 118 -67.49 45.07 6.59
N SER K 119 -66.54 45.93 6.24
CA SER K 119 -65.77 45.74 5.02
C SER K 119 -64.27 45.90 5.24
N GLY K 120 -63.47 45.29 4.38
CA GLY K 120 -62.03 45.40 4.51
C GLY K 120 -61.20 44.45 3.66
N TRP K 121 -59.89 44.68 3.65
CA TRP K 121 -58.95 43.85 2.91
C TRP K 121 -58.11 42.99 3.84
N GLY K 122 -58.65 42.66 5.00
CA GLY K 122 -57.92 41.92 5.99
C GLY K 122 -57.79 40.44 5.68
N ASN K 123 -57.26 39.68 6.64
CA ASN K 123 -57.10 38.24 6.49
C ASN K 123 -58.45 37.56 6.34
N THR K 124 -58.46 36.41 5.65
CA THR K 124 -59.70 35.73 5.33
C THR K 124 -59.76 34.31 5.89
N LYS K 125 -58.83 33.99 6.78
CA LYS K 125 -58.76 32.66 7.37
C LYS K 125 -58.78 32.70 8.89
N SER K 126 -59.43 31.69 9.49
CA SER K 126 -59.48 31.56 10.94
C SER K 126 -58.09 31.30 11.49
N SER K 127 -57.45 30.24 11.00
CA SER K 127 -56.08 29.93 11.38
C SER K 127 -55.19 29.94 10.15
N GLY K 128 -54.16 30.77 10.18
CA GLY K 128 -53.26 30.92 9.04
C GLY K 128 -53.47 32.23 8.31
N THR K 129 -52.92 32.35 7.11
CA THR K 129 -52.99 33.59 6.35
C THR K 129 -53.38 33.39 4.89
N SER K 130 -54.27 34.24 4.40
CA SER K 130 -54.64 34.28 2.99
C SER K 130 -55.26 35.64 2.66
N TYR K 131 -54.50 36.50 2.01
CA TYR K 131 -54.95 37.86 1.74
C TYR K 131 -55.50 38.02 0.33
N PRO K 132 -56.68 38.65 0.22
CA PRO K 132 -57.44 38.75 -1.04
C PRO K 132 -56.97 39.86 -1.96
N ASP K 133 -57.38 39.77 -3.22
CA ASP K 133 -57.16 40.85 -4.18
C ASP K 133 -58.34 41.82 -4.11
N VAL K 134 -59.51 41.27 -3.77
CA VAL K 134 -60.76 42.02 -3.77
C VAL K 134 -61.24 42.33 -2.36
N LEU K 135 -61.74 43.56 -2.17
CA LEU K 135 -62.35 43.99 -0.92
C LEU K 135 -63.44 43.03 -0.45
N LYS K 136 -63.36 42.61 0.81
CA LYS K 136 -64.32 41.65 1.35
C LYS K 136 -65.34 42.30 2.30
N CYS K 137 -66.54 41.73 2.32
CA CYS K 137 -67.64 42.25 3.11
C CYS K 137 -68.26 41.17 4.00
N LEU K 138 -68.96 41.60 5.04
CA LEU K 138 -69.61 40.69 5.98
C LEU K 138 -70.76 41.41 6.67
N LYS K 139 -71.90 40.75 6.82
CA LYS K 139 -72.99 41.36 7.56
C LYS K 139 -73.08 40.68 8.93
N ALA K 140 -73.26 41.49 9.98
CA ALA K 140 -73.24 40.96 11.34
C ALA K 140 -74.03 41.84 12.31
N PRO K 141 -74.75 41.21 13.25
CA PRO K 141 -75.55 41.94 14.23
C PRO K 141 -74.71 42.54 15.34
N ILE K 142 -75.23 43.57 15.99
CA ILE K 142 -74.57 44.15 17.16
C ILE K 142 -74.94 43.36 18.40
N LEU K 143 -73.93 42.93 19.14
CA LEU K 143 -74.15 42.08 20.30
C LEU K 143 -74.37 42.91 21.57
N SER K 144 -75.03 42.30 22.56
CA SER K 144 -75.32 42.97 23.82
C SER K 144 -74.03 43.29 24.56
N ASP K 145 -74.07 44.34 25.39
CA ASP K 145 -72.92 44.68 26.22
C ASP K 145 -72.71 43.63 27.30
N SER K 146 -73.78 42.91 27.63
CA SER K 146 -73.69 41.78 28.54
C SER K 146 -72.82 40.69 27.92
N SER K 147 -73.12 40.37 26.67
CA SER K 147 -72.38 39.36 25.93
C SER K 147 -70.97 39.85 25.61
N CYS K 148 -70.82 41.15 25.44
CA CYS K 148 -69.53 41.73 25.09
C CYS K 148 -68.59 41.71 26.31
N LYS K 149 -69.17 41.95 27.49
CA LYS K 149 -68.40 41.90 28.73
C LYS K 149 -68.17 40.45 29.17
N SER K 150 -69.07 39.56 28.78
CA SER K 150 -68.93 38.15 29.10
C SER K 150 -67.82 37.53 28.26
N ALA K 151 -67.78 37.89 26.98
CA ALA K 151 -66.77 37.40 26.07
C ALA K 151 -65.40 37.99 26.42
N TYR K 152 -65.36 39.29 26.69
CA TYR K 152 -64.13 39.97 27.07
C TYR K 152 -64.25 40.58 28.46
N PRO K 153 -64.02 39.77 29.50
CA PRO K 153 -64.14 40.21 30.89
C PRO K 153 -63.19 41.35 31.27
N GLY K 154 -63.77 42.48 31.66
CA GLY K 154 -63.00 43.62 32.14
C GLY K 154 -62.08 44.25 31.11
N GLN K 155 -62.48 44.20 29.85
CA GLN K 155 -61.69 44.79 28.77
C GLN K 155 -62.52 45.71 27.90
N ILE K 156 -63.82 45.77 28.16
CA ILE K 156 -64.73 46.57 27.36
C ILE K 156 -65.11 47.88 28.05
N THR K 157 -64.79 48.99 27.39
CA THR K 157 -65.16 50.31 27.89
C THR K 157 -66.48 50.75 27.26
N SER K 158 -66.99 51.90 27.69
CA SER K 158 -68.21 52.44 27.13
C SER K 158 -67.97 53.07 25.76
N ASN K 159 -66.72 52.99 25.30
CA ASN K 159 -66.36 53.46 23.96
C ASN K 159 -66.18 52.30 23.00
N MET K 160 -66.54 51.10 23.45
CA MET K 160 -66.34 49.89 22.67
C MET K 160 -67.62 49.09 22.52
N PHE K 161 -67.79 48.45 21.36
CA PHE K 161 -68.89 47.50 21.21
C PHE K 161 -68.48 46.32 20.34
N CYS K 162 -69.02 45.14 20.67
CA CYS K 162 -68.67 43.92 19.96
C CYS K 162 -69.71 43.57 18.90
N ALA K 163 -69.22 43.18 17.72
CA ALA K 163 -70.08 42.71 16.65
C ALA K 163 -69.55 41.39 16.08
N GLY K 164 -70.44 40.64 15.45
CA GLY K 164 -70.10 39.33 14.92
C GLY K 164 -71.01 38.25 15.49
N TYR K 165 -70.41 37.11 15.86
CA TYR K 165 -71.18 36.00 16.40
C TYR K 165 -70.38 35.31 17.52
N LEU K 166 -71.07 34.89 18.57
CA LEU K 166 -70.44 34.10 19.61
C LEU K 166 -70.12 32.72 19.10
N GLU K 167 -70.74 32.35 17.98
CA GLU K 167 -70.47 31.08 17.33
C GLU K 167 -69.11 31.11 16.64
N GLY K 168 -68.63 32.31 16.33
CA GLY K 168 -67.39 32.47 15.60
C GLY K 168 -67.62 32.26 14.12
N GLY K 169 -66.57 31.89 13.39
CA GLY K 169 -66.68 31.58 11.98
C GLY K 169 -66.67 32.80 11.06
N LYS K 170 -67.25 33.91 11.52
CA LYS K 170 -67.31 35.13 10.73
C LYS K 170 -66.85 36.33 11.56
N ASP K 171 -65.78 36.99 11.11
CA ASP K 171 -65.19 38.08 11.87
C ASP K 171 -64.25 38.93 11.03
N SER K 172 -64.03 40.17 11.46
CA SER K 172 -62.99 41.02 10.88
C SER K 172 -61.62 40.53 11.37
N CYS K 173 -60.58 40.82 10.60
CA CYS K 173 -59.27 40.26 10.92
C CYS K 173 -58.12 41.24 10.68
N GLN K 174 -56.90 40.71 10.67
CA GLN K 174 -55.70 41.53 10.50
C GLN K 174 -55.64 42.17 9.12
N GLY K 175 -55.64 43.51 9.11
CA GLY K 175 -55.65 44.26 7.87
C GLY K 175 -56.96 44.98 7.67
N ASP K 176 -57.89 44.76 8.59
CA ASP K 176 -59.21 45.37 8.52
C ASP K 176 -59.32 46.61 9.39
N SER K 177 -58.31 46.84 10.24
CA SER K 177 -58.31 47.95 11.19
C SER K 177 -58.56 49.30 10.53
N GLY K 178 -59.39 50.11 11.17
CA GLY K 178 -59.76 51.40 10.64
C GLY K 178 -60.92 51.29 9.67
N GLY K 179 -61.26 50.06 9.31
CA GLY K 179 -62.33 49.79 8.37
C GLY K 179 -63.70 50.19 8.88
N PRO K 180 -64.62 50.49 7.95
CA PRO K 180 -65.98 50.94 8.26
C PRO K 180 -66.88 49.84 8.81
N VAL K 181 -67.71 50.21 9.79
CA VAL K 181 -68.78 49.35 10.26
C VAL K 181 -70.08 50.14 10.22
N VAL K 182 -70.80 50.01 9.11
CA VAL K 182 -71.97 50.85 8.87
C VAL K 182 -73.28 50.12 9.11
N CYS K 183 -74.24 50.85 9.65
CA CYS K 183 -75.57 50.33 9.97
C CYS K 183 -76.63 51.33 9.53
N SER K 184 -77.67 50.84 8.88
CA SER K 184 -78.82 51.66 8.47
C SER K 184 -78.43 52.96 7.77
N GLY K 185 -77.36 52.90 6.99
CA GLY K 185 -76.93 54.04 6.19
C GLY K 185 -75.89 54.95 6.82
N LYS K 186 -75.52 54.70 8.08
CA LYS K 186 -74.58 55.57 8.78
C LYS K 186 -73.47 54.79 9.50
N LEU K 187 -72.30 55.42 9.60
CA LEU K 187 -71.12 54.78 10.17
C LEU K 187 -71.19 54.67 11.70
N GLN K 188 -71.26 53.44 12.21
CA GLN K 188 -71.42 53.22 13.65
C GLN K 188 -70.15 52.73 14.34
N GLY K 189 -69.29 52.02 13.60
CA GLY K 189 -68.12 51.42 14.22
C GLY K 189 -66.83 51.46 13.42
N ILE K 190 -65.71 51.37 14.15
CA ILE K 190 -64.39 51.28 13.54
C ILE K 190 -63.72 49.97 13.95
N VAL K 191 -63.28 49.20 12.97
CA VAL K 191 -62.59 47.94 13.23
C VAL K 191 -61.36 48.16 14.09
N SER K 192 -61.40 47.65 15.32
CA SER K 192 -60.36 47.88 16.30
C SER K 192 -59.58 46.61 16.60
N TRP K 193 -60.09 45.78 17.52
CA TRP K 193 -59.31 44.63 17.97
C TRP K 193 -60.14 43.38 18.27
N GLY K 194 -59.47 42.36 18.81
CA GLY K 194 -60.13 41.11 19.17
C GLY K 194 -59.16 40.10 19.75
N SER K 195 -59.53 38.83 19.69
CA SER K 195 -58.66 37.75 20.13
C SER K 195 -58.56 36.71 19.04
N GLY K 196 -57.62 36.92 18.12
CA GLY K 196 -57.55 36.11 16.92
C GLY K 196 -58.65 36.53 15.97
N CYS K 197 -59.10 35.61 15.12
CA CYS K 197 -60.17 35.91 14.18
C CYS K 197 -61.15 34.76 14.07
N ALA K 198 -62.44 35.09 14.14
CA ALA K 198 -63.53 34.12 13.97
C ALA K 198 -63.44 32.96 14.96
N GLN K 199 -62.89 33.23 16.14
CA GLN K 199 -62.79 32.23 17.19
C GLN K 199 -64.04 32.26 18.07
N LYS K 200 -64.33 31.15 18.74
CA LYS K 200 -65.53 31.04 19.56
C LYS K 200 -65.50 31.97 20.77
N ASN K 201 -66.66 32.59 21.05
CA ASN K 201 -66.84 33.46 22.21
C ASN K 201 -65.89 34.65 22.25
N LYS K 202 -65.24 34.95 21.12
CA LYS K 202 -64.37 36.10 21.02
C LYS K 202 -64.63 36.84 19.70
N PRO K 203 -65.75 37.56 19.61
CA PRO K 203 -66.11 38.26 18.38
C PRO K 203 -65.26 39.50 18.13
N GLY K 204 -65.62 40.28 17.12
CA GLY K 204 -64.88 41.49 16.82
C GLY K 204 -65.21 42.61 17.78
N VAL K 205 -64.20 43.38 18.16
CA VAL K 205 -64.38 44.57 19.00
C VAL K 205 -64.12 45.84 18.21
N TYR K 206 -65.10 46.74 18.20
CA TYR K 206 -65.09 47.92 17.34
C TYR K 206 -65.31 49.21 18.13
N THR K 207 -64.74 50.30 17.63
CA THR K 207 -64.86 51.60 18.28
C THR K 207 -66.24 52.21 18.08
N LYS K 208 -66.88 52.61 19.18
CA LYS K 208 -68.21 53.22 19.12
C LYS K 208 -68.13 54.65 18.59
N VAL K 209 -68.52 54.84 17.33
CA VAL K 209 -68.37 56.13 16.66
C VAL K 209 -69.30 57.21 17.22
N CYS K 210 -70.49 56.82 17.65
CA CYS K 210 -71.49 57.78 18.13
C CYS K 210 -71.05 58.58 19.36
N ASN K 211 -69.92 58.20 19.94
CA ASN K 211 -69.37 58.94 21.08
C ASN K 211 -68.43 60.06 20.67
N TYR K 212 -68.09 60.11 19.39
CA TYR K 212 -67.04 61.03 18.94
C TYR K 212 -67.48 62.00 17.85
N VAL K 213 -68.79 62.07 17.60
CA VAL K 213 -69.33 62.96 16.57
C VAL K 213 -68.90 64.40 16.84
N SER K 214 -68.84 64.76 18.10
CA SER K 214 -68.46 66.15 18.44
C SER K 214 -67.02 66.43 17.98
N TRP K 215 -66.07 65.68 18.55
CA TRP K 215 -64.62 65.80 18.27
C TRP K 215 -64.35 65.70 16.77
N ILE K 216 -64.98 64.76 16.08
CA ILE K 216 -64.80 64.63 14.60
C ILE K 216 -65.25 65.93 13.93
N LYS K 217 -66.39 66.44 14.36
CA LYS K 217 -66.93 67.70 13.81
C LYS K 217 -66.05 68.86 14.26
N GLN K 218 -65.46 68.79 15.44
CA GLN K 218 -64.62 69.92 15.91
C GLN K 218 -63.29 69.96 15.18
N THR K 219 -62.58 68.84 15.17
CA THR K 219 -61.24 68.72 14.63
C THR K 219 -61.14 69.20 13.19
N ILE K 220 -62.17 68.92 12.40
CA ILE K 220 -62.22 69.37 11.01
C ILE K 220 -62.36 70.90 10.95
N ALA K 221 -63.08 71.46 11.91
CA ALA K 221 -63.34 72.90 11.93
C ALA K 221 -62.23 73.68 12.63
N SER K 222 -61.28 72.96 13.21
CA SER K 222 -60.17 73.58 13.93
C SER K 222 -58.86 73.35 13.18
N ASN K 223 -58.83 72.27 12.41
CA ASN K 223 -57.67 71.96 11.58
C ASN K 223 -58.02 72.07 10.10
N GLU L 3 -44.99 42.18 -1.58
CA GLU L 3 -44.87 41.32 -0.41
C GLU L 3 -44.07 41.99 0.70
N CYS L 4 -43.78 41.21 1.75
CA CYS L 4 -42.96 41.69 2.85
C CYS L 4 -41.56 41.07 2.76
N PRO L 5 -40.53 41.84 3.13
CA PRO L 5 -39.15 41.36 3.01
C PRO L 5 -38.76 40.36 4.10
N GLY L 6 -37.82 39.47 3.78
CA GLY L 6 -37.30 38.52 4.74
C GLY L 6 -38.14 37.26 4.89
N LYS L 7 -37.74 36.40 5.82
CA LYS L 7 -38.49 35.20 6.13
C LYS L 7 -39.85 35.56 6.70
N GLN L 8 -40.90 34.86 6.27
CA GLN L 8 -42.26 35.22 6.62
C GLN L 8 -42.83 34.42 7.79
N GLU L 9 -42.55 33.12 7.82
CA GLU L 9 -43.16 32.24 8.81
C GLU L 9 -42.16 31.28 9.44
N TRP L 10 -42.35 30.98 10.72
CA TRP L 10 -41.46 30.08 11.45
C TRP L 10 -42.20 28.88 12.03
N PRO L 11 -42.43 27.85 11.21
CA PRO L 11 -43.14 26.65 11.68
C PRO L 11 -42.29 25.79 12.62
N GLU L 12 -40.97 25.84 12.45
CA GLU L 12 -40.06 25.00 13.23
C GLU L 12 -39.96 25.45 14.69
N LEU L 13 -40.42 26.66 14.97
CA LEU L 13 -40.34 27.21 16.31
C LEU L 13 -41.57 26.91 17.14
N VAL L 14 -42.54 26.22 16.54
CA VAL L 14 -43.74 25.81 17.27
C VAL L 14 -43.39 24.72 18.28
N GLY L 15 -43.56 25.02 19.55
CA GLY L 15 -43.22 24.08 20.61
C GLY L 15 -42.05 24.58 21.44
N GLU L 16 -41.40 25.62 20.96
CA GLU L 16 -40.29 26.23 21.68
C GLU L 16 -40.80 27.24 22.70
N TYR L 17 -39.88 27.79 23.49
CA TYR L 17 -40.24 28.82 24.46
C TYR L 17 -40.30 30.18 23.79
N GLY L 18 -41.26 31.00 24.22
CA GLY L 18 -41.59 32.26 23.57
C GLY L 18 -40.46 33.20 23.22
N TYR L 19 -39.72 33.65 24.23
CA TYR L 19 -38.69 34.66 24.03
C TYR L 19 -37.49 34.13 23.26
N LYS L 20 -37.23 32.83 23.40
CA LYS L 20 -36.25 32.14 22.58
C LYS L 20 -36.61 32.29 21.11
N ALA L 21 -37.86 31.93 20.80
CA ALA L 21 -38.39 32.06 19.45
C ALA L 21 -38.31 33.50 18.97
N ALA L 22 -38.59 34.44 19.86
CA ALA L 22 -38.51 35.87 19.53
C ALA L 22 -37.10 36.24 19.09
N ALA L 23 -36.11 35.83 19.88
CA ALA L 23 -34.71 36.11 19.59
C ALA L 23 -34.29 35.51 18.25
N ILE L 24 -34.60 34.23 18.05
CA ILE L 24 -34.24 33.54 16.81
C ILE L 24 -34.90 34.18 15.59
N ILE L 25 -36.18 34.53 15.73
CA ILE L 25 -36.92 35.19 14.67
C ILE L 25 -36.29 36.53 14.30
N GLU L 26 -35.97 37.33 15.30
CA GLU L 26 -35.33 38.62 15.05
C GLU L 26 -33.94 38.44 14.45
N ARG L 27 -33.30 37.31 14.75
CA ARG L 27 -32.00 37.02 14.18
C ARG L 27 -32.13 36.59 12.72
N GLU L 28 -33.26 36.00 12.36
CA GLU L 28 -33.46 35.51 11.00
C GLU L 28 -34.10 36.56 10.08
N ASN L 29 -34.79 37.52 10.67
CA ASN L 29 -35.40 38.60 9.88
C ASN L 29 -35.12 39.96 10.52
N PRO L 30 -34.16 40.71 9.95
CA PRO L 30 -33.74 42.02 10.45
C PRO L 30 -34.76 43.13 10.22
N ASN L 31 -35.95 42.78 9.75
CA ASN L 31 -36.98 43.77 9.46
C ASN L 31 -38.05 43.85 10.55
N VAL L 32 -38.13 42.82 11.38
CA VAL L 32 -39.25 42.68 12.29
C VAL L 32 -38.89 42.78 13.77
N ARG L 33 -39.85 43.28 14.55
CA ARG L 33 -39.77 43.24 16.00
C ARG L 33 -40.74 42.19 16.53
N SER L 34 -40.19 41.10 17.07
CA SER L 34 -41.02 40.01 17.58
C SER L 34 -41.69 40.38 18.91
N ILE L 35 -42.98 40.08 19.01
CA ILE L 35 -43.74 40.38 20.22
C ILE L 35 -44.36 39.12 20.82
N VAL L 36 -43.85 38.69 21.97
CA VAL L 36 -44.41 37.56 22.67
C VAL L 36 -45.71 37.97 23.36
N LYS L 37 -46.77 37.21 23.15
CA LYS L 37 -48.08 37.57 23.69
C LYS L 37 -48.96 36.34 23.91
N HIS L 38 -49.85 36.42 24.91
CA HIS L 38 -50.69 35.30 25.27
C HIS L 38 -51.95 35.20 24.39
N GLU L 39 -52.45 33.98 24.20
CA GLU L 39 -53.60 33.74 23.34
C GLU L 39 -54.86 34.41 23.85
N ARG L 40 -55.09 34.31 25.16
CA ARG L 40 -56.31 34.85 25.77
C ARG L 40 -56.40 36.37 25.67
N SER L 41 -55.27 37.01 25.41
CA SER L 41 -55.22 38.47 25.36
C SER L 41 -55.83 39.04 24.08
N GLY L 42 -55.77 40.36 23.94
CA GLY L 42 -56.42 41.05 22.83
C GLY L 42 -55.47 41.56 21.77
N PHE L 43 -55.75 41.21 20.52
CA PHE L 43 -54.90 41.57 19.39
C PHE L 43 -55.55 42.63 18.50
N THR L 44 -54.80 43.67 18.17
CA THR L 44 -55.27 44.67 17.22
C THR L 44 -55.32 44.05 15.83
N LYS L 45 -56.10 44.65 14.93
CA LYS L 45 -56.35 44.04 13.63
C LYS L 45 -55.63 44.76 12.48
N ASP L 46 -54.54 45.45 12.80
CA ASP L 46 -53.73 46.10 11.77
C ASP L 46 -52.78 45.08 11.15
N PHE L 47 -52.16 45.46 10.03
CA PHE L 47 -51.20 44.58 9.36
C PHE L 47 -49.83 45.24 9.28
N ARG L 48 -48.80 44.52 9.71
CA ARG L 48 -47.45 45.05 9.70
C ARG L 48 -46.45 44.07 9.10
N CYS L 49 -45.52 44.59 8.30
CA CYS L 49 -44.45 43.79 7.74
C CYS L 49 -43.25 43.77 8.68
N ASP L 50 -43.30 44.62 9.70
CA ASP L 50 -42.21 44.74 10.67
C ASP L 50 -42.59 44.17 12.03
N ARG L 51 -43.56 43.25 12.04
CA ARG L 51 -44.04 42.67 13.29
C ARG L 51 -44.24 41.17 13.19
N VAL L 52 -43.81 40.45 14.22
CA VAL L 52 -44.05 39.02 14.32
C VAL L 52 -44.59 38.66 15.70
N TRP L 53 -45.90 38.44 15.77
CA TRP L 53 -46.53 38.00 17.01
C TRP L 53 -46.14 36.57 17.34
N VAL L 54 -45.42 36.39 18.45
CA VAL L 54 -45.08 35.06 18.95
C VAL L 54 -46.09 34.67 20.02
N VAL L 55 -47.17 34.03 19.61
CA VAL L 55 -48.27 33.73 20.52
C VAL L 55 -47.97 32.54 21.43
N VAL L 56 -48.17 32.75 22.73
CA VAL L 56 -47.91 31.70 23.71
C VAL L 56 -49.11 31.48 24.62
N ASP L 57 -48.99 30.50 25.53
CA ASP L 57 -50.07 30.22 26.46
C ASP L 57 -49.61 30.37 27.92
N SER L 58 -50.31 29.69 28.82
CA SER L 58 -50.09 29.81 30.25
C SER L 58 -48.76 29.21 30.70
N THR L 59 -48.11 28.46 29.81
CA THR L 59 -46.83 27.82 30.15
C THR L 59 -45.65 28.52 29.48
N GLY L 60 -45.91 29.21 28.37
CA GLY L 60 -44.88 29.95 27.70
C GLY L 60 -44.33 29.28 26.46
N VAL L 61 -45.05 28.27 25.96
CA VAL L 61 -44.66 27.59 24.74
C VAL L 61 -45.32 28.25 23.54
N VAL L 62 -44.70 28.14 22.37
CA VAL L 62 -45.25 28.74 21.17
C VAL L 62 -46.42 27.92 20.66
N VAL L 63 -47.63 28.44 20.87
CA VAL L 63 -48.86 27.72 20.56
C VAL L 63 -49.18 27.73 19.06
N ARG L 64 -48.91 28.86 18.39
CA ARG L 64 -49.19 28.97 16.96
C ARG L 64 -47.98 29.41 16.16
N THR L 65 -48.01 29.10 14.86
CA THR L 65 -46.92 29.44 13.95
C THR L 65 -46.73 30.95 13.85
N PRO L 66 -45.55 31.44 14.28
CA PRO L 66 -45.19 32.84 14.19
C PRO L 66 -45.08 33.31 12.74
N ARG L 67 -45.92 34.27 12.36
CA ARG L 67 -45.95 34.79 11.00
C ARG L 67 -45.70 36.29 10.97
N VAL L 68 -45.36 36.82 9.81
CA VAL L 68 -45.17 38.25 9.66
C VAL L 68 -46.50 38.91 9.33
N THR L 69 -47.20 39.36 10.38
CA THR L 69 -48.47 40.05 10.22
C THR L 69 -48.58 41.20 11.23
N ILE M 1 19.16 -57.66 14.64
CA ILE M 1 19.90 -57.55 13.39
C ILE M 1 18.97 -57.12 12.25
N VAL M 2 19.38 -56.10 11.50
CA VAL M 2 18.62 -55.64 10.35
C VAL M 2 18.95 -56.48 9.12
N GLY M 3 17.93 -57.14 8.57
CA GLY M 3 18.11 -57.95 7.38
C GLY M 3 18.82 -59.26 7.64
N GLY M 4 18.49 -59.90 8.75
CA GLY M 4 19.10 -61.17 9.10
C GLY M 4 18.10 -62.31 9.02
N TYR M 5 18.55 -63.51 9.38
CA TYR M 5 17.67 -64.67 9.39
C TYR M 5 17.48 -65.20 10.80
N THR M 6 16.46 -66.03 10.99
CA THR M 6 16.21 -66.66 12.28
C THR M 6 17.26 -67.74 12.54
N CYS M 7 18.04 -67.55 13.61
CA CYS M 7 19.09 -68.49 13.97
C CYS M 7 18.54 -69.88 14.25
N GLY M 8 17.48 -69.93 15.04
CA GLY M 8 16.97 -71.19 15.56
C GLY M 8 17.33 -71.28 17.02
N ALA M 9 16.61 -72.12 17.76
CA ALA M 9 16.79 -72.22 19.21
C ALA M 9 18.21 -72.62 19.58
N ASN M 10 18.96 -71.64 20.09
CA ASN M 10 20.28 -71.86 20.66
C ASN M 10 21.29 -72.48 19.69
N THR M 11 21.32 -71.96 18.47
CA THR M 11 22.35 -72.33 17.51
C THR M 11 23.57 -71.48 17.77
N VAL M 12 23.39 -70.47 18.61
CA VAL M 12 24.50 -69.63 19.07
C VAL M 12 24.52 -69.67 20.59
N PRO M 13 25.14 -70.72 21.16
CA PRO M 13 25.09 -70.95 22.60
C PRO M 13 26.04 -70.09 23.41
N TYR M 14 26.84 -69.27 22.72
CA TYR M 14 27.76 -68.37 23.41
C TYR M 14 27.22 -66.95 23.47
N GLN M 15 26.08 -66.75 22.82
CA GLN M 15 25.37 -65.47 22.87
C GLN M 15 24.68 -65.31 24.21
N VAL M 16 25.07 -64.27 24.96
CA VAL M 16 24.41 -63.97 26.22
C VAL M 16 23.65 -62.64 26.15
N SER M 17 22.62 -62.53 26.96
CA SER M 17 21.78 -61.34 26.97
C SER M 17 21.91 -60.57 28.28
N LEU M 18 22.36 -59.32 28.18
CA LEU M 18 22.48 -58.46 29.35
C LEU M 18 21.12 -57.88 29.74
N ASN M 19 20.70 -58.10 30.97
CA ASN M 19 19.37 -57.72 31.41
C ASN M 19 19.39 -56.81 32.65
N SER M 20 18.36 -55.99 32.78
CA SER M 20 18.20 -55.10 33.93
C SER M 20 16.74 -54.64 34.03
N GLY M 21 15.83 -55.58 33.85
CA GLY M 21 14.42 -55.27 33.75
C GLY M 21 13.99 -55.39 32.31
N TYR M 22 14.96 -55.25 31.42
CA TYR M 22 14.76 -55.42 29.99
C TYR M 22 16.10 -55.70 29.31
N HIS M 23 16.06 -56.20 28.08
CA HIS M 23 17.27 -56.42 27.30
C HIS M 23 17.83 -55.08 26.81
N PHE M 24 19.10 -54.83 27.07
CA PHE M 24 19.71 -53.57 26.67
C PHE M 24 20.99 -53.76 25.86
N CYS M 25 21.71 -54.84 26.14
CA CYS M 25 22.93 -55.16 25.40
C CYS M 25 23.13 -56.66 25.26
N GLY M 26 24.02 -57.05 24.37
CA GLY M 26 24.34 -58.46 24.16
C GLY M 26 25.75 -58.75 24.64
N GLY M 27 26.20 -59.99 24.47
CA GLY M 27 27.54 -60.36 24.85
C GLY M 27 27.95 -61.76 24.45
N SER M 28 29.20 -62.10 24.74
CA SER M 28 29.73 -63.42 24.41
C SER M 28 30.30 -64.09 25.66
N LEU M 29 30.21 -65.41 25.73
CA LEU M 29 30.73 -66.16 26.86
C LEU M 29 32.15 -66.64 26.56
N ILE M 30 33.10 -66.38 27.45
CA ILE M 30 34.46 -66.84 27.19
C ILE M 30 34.88 -67.99 28.11
N ASN M 31 34.32 -68.03 29.31
CA ASN M 31 34.46 -69.20 30.17
C ASN M 31 33.32 -69.28 31.18
N SER M 32 33.45 -70.17 32.14
CA SER M 32 32.38 -70.45 33.10
C SER M 32 31.92 -69.22 33.88
N GLN M 33 32.81 -68.24 34.02
CA GLN M 33 32.53 -67.10 34.89
C GLN M 33 32.67 -65.74 34.22
N TRP M 34 33.05 -65.71 32.94
CA TRP M 34 33.36 -64.43 32.31
C TRP M 34 32.69 -64.20 30.95
N VAL M 35 32.25 -62.97 30.75
CA VAL M 35 31.54 -62.56 29.54
C VAL M 35 32.13 -61.27 28.94
N VAL M 36 32.41 -61.30 27.64
CA VAL M 36 32.89 -60.12 26.93
C VAL M 36 31.73 -59.34 26.31
N SER M 37 31.77 -58.02 26.46
CA SER M 37 30.77 -57.14 25.88
C SER M 37 31.41 -55.81 25.49
N ALA M 38 30.59 -54.85 25.07
CA ALA M 38 31.08 -53.52 24.74
C ALA M 38 31.09 -52.65 25.99
N ALA M 39 32.11 -51.78 26.09
CA ALA M 39 32.31 -50.96 27.28
C ALA M 39 31.14 -50.00 27.53
N HIS M 40 30.50 -49.55 26.47
CA HIS M 40 29.42 -48.57 26.59
C HIS M 40 28.10 -49.20 26.99
N CYS M 41 28.14 -50.49 27.35
CA CYS M 41 26.96 -51.19 27.84
C CYS M 41 26.99 -51.27 29.36
N TYR M 42 27.85 -50.46 29.97
CA TYR M 42 28.07 -50.51 31.42
C TYR M 42 26.83 -50.09 32.21
N LYS M 43 26.45 -50.91 33.18
CA LYS M 43 25.36 -50.59 34.08
C LYS M 43 25.65 -51.09 35.49
N SER M 44 24.95 -50.56 36.48
CA SER M 44 25.11 -50.99 37.86
C SER M 44 24.13 -52.10 38.20
N GLY M 45 24.64 -53.33 38.31
CA GLY M 45 23.81 -54.47 38.61
C GLY M 45 23.23 -55.13 37.38
N ILE M 46 24.10 -55.71 36.56
CA ILE M 46 23.68 -56.40 35.35
C ILE M 46 23.30 -57.85 35.66
N GLN M 47 22.21 -58.32 35.06
CA GLN M 47 21.82 -59.72 35.19
C GLN M 47 22.04 -60.44 33.86
N VAL M 48 23.03 -61.31 33.81
CA VAL M 48 23.35 -62.03 32.59
C VAL M 48 22.40 -63.21 32.38
N ARG M 49 21.88 -63.31 31.16
CA ARG M 49 20.99 -64.41 30.81
C ARG M 49 21.60 -65.27 29.71
N LEU M 50 21.89 -66.52 30.05
CA LEU M 50 22.49 -67.47 29.12
C LEU M 50 21.48 -68.52 28.67
N GLY M 51 21.77 -69.16 27.53
CA GLY M 51 20.92 -70.21 27.01
C GLY M 51 19.55 -69.69 26.60
N GLU M 52 19.53 -68.51 26.00
CA GLU M 52 18.27 -67.87 25.61
C GLU M 52 18.00 -67.99 24.12
N ASP M 53 16.71 -68.00 23.76
CA ASP M 53 16.29 -67.92 22.38
C ASP M 53 15.19 -66.87 22.26
N ASN M 54 14.04 -67.18 22.87
CA ASN M 54 12.97 -66.21 23.01
C ASN M 54 13.07 -65.53 24.37
N ILE M 55 13.53 -64.28 24.37
CA ILE M 55 13.78 -63.55 25.61
C ILE M 55 12.49 -63.18 26.34
N ASN M 56 11.37 -63.21 25.62
CA ASN M 56 10.08 -62.86 26.20
C ASN M 56 9.30 -64.08 26.69
N VAL M 57 9.88 -65.26 26.52
CA VAL M 57 9.23 -66.50 26.93
C VAL M 57 10.20 -67.43 27.66
N VAL M 58 9.85 -67.81 28.89
CA VAL M 58 10.65 -68.75 29.66
C VAL M 58 10.52 -70.15 29.09
N GLU M 59 11.63 -70.69 28.57
CA GLU M 59 11.61 -71.94 27.82
C GLU M 59 12.12 -73.13 28.62
N GLY M 60 13.03 -72.89 29.56
CA GLY M 60 13.46 -73.93 30.47
C GLY M 60 14.95 -74.18 30.58
N ASN M 61 15.65 -74.06 29.46
CA ASN M 61 17.09 -74.33 29.42
C ASN M 61 17.93 -73.08 29.61
N GLU M 62 17.36 -72.07 30.26
CA GLU M 62 18.04 -70.80 30.45
C GLU M 62 18.77 -70.73 31.79
N GLN M 63 19.65 -69.74 31.93
CA GLN M 63 20.35 -69.51 33.19
C GLN M 63 20.44 -68.02 33.49
N PHE M 64 19.85 -67.60 34.60
CA PHE M 64 19.88 -66.20 35.00
C PHE M 64 20.89 -65.98 36.11
N ILE M 65 22.08 -65.53 35.76
CA ILE M 65 23.15 -65.32 36.73
C ILE M 65 23.51 -63.84 36.86
N SER M 66 23.44 -63.33 38.09
CA SER M 66 23.76 -61.94 38.36
C SER M 66 25.24 -61.65 38.13
N ALA M 67 25.55 -60.41 37.76
CA ALA M 67 26.93 -59.99 37.63
C ALA M 67 27.46 -59.57 38.99
N SER M 68 28.65 -60.05 39.33
CA SER M 68 29.30 -59.68 40.57
C SER M 68 30.40 -58.67 40.31
N LYS M 69 30.97 -58.71 39.12
CA LYS M 69 32.04 -57.77 38.77
C LYS M 69 31.89 -57.25 37.34
N SER M 70 32.28 -56.00 37.13
CA SER M 70 32.23 -55.39 35.81
C SER M 70 33.44 -54.48 35.60
N ILE M 71 34.23 -54.79 34.58
CA ILE M 71 35.49 -54.10 34.35
C ILE M 71 35.60 -53.54 32.94
N VAL M 72 35.64 -52.21 32.85
CA VAL M 72 35.82 -51.51 31.59
C VAL M 72 37.31 -51.32 31.32
N HIS M 73 37.71 -51.43 30.05
CA HIS M 73 39.10 -51.21 29.67
C HIS M 73 39.52 -49.80 30.06
N PRO M 74 40.65 -49.69 30.78
CA PRO M 74 41.16 -48.42 31.33
C PRO M 74 41.34 -47.33 30.28
N SER M 75 41.52 -47.72 29.02
CA SER M 75 41.76 -46.75 27.95
C SER M 75 40.52 -46.45 27.13
N TYR M 76 39.37 -46.92 27.58
CA TYR M 76 38.10 -46.69 26.89
C TYR M 76 37.76 -45.21 26.80
N ASN M 77 37.65 -44.71 25.57
CA ASN M 77 37.34 -43.31 25.33
C ASN M 77 35.88 -43.15 24.91
N SER M 78 35.06 -42.65 25.84
CA SER M 78 33.62 -42.52 25.63
C SER M 78 33.23 -41.71 24.40
N ASN M 79 34.09 -40.79 23.99
CA ASN M 79 33.78 -39.91 22.86
C ASN M 79 34.12 -40.51 21.50
N THR M 80 35.33 -41.05 21.37
CA THR M 80 35.76 -41.64 20.11
C THR M 80 35.48 -43.14 20.08
N LEU M 81 34.91 -43.66 21.18
CA LEU M 81 34.52 -45.06 21.31
C LEU M 81 35.69 -46.03 21.14
N ASN M 82 36.92 -45.52 21.22
CA ASN M 82 38.11 -46.35 21.13
C ASN M 82 38.22 -47.24 22.36
N ASN M 83 38.62 -48.49 22.14
CA ASN M 83 38.69 -49.50 23.20
C ASN M 83 37.34 -49.74 23.86
N ASP M 84 36.30 -49.91 23.05
CA ASP M 84 34.95 -50.17 23.55
C ASP M 84 34.80 -51.64 23.92
N ILE M 85 35.41 -52.04 25.03
CA ILE M 85 35.39 -53.43 25.46
C ILE M 85 35.30 -53.55 26.99
N MET M 86 34.50 -54.50 27.45
CA MET M 86 34.25 -54.68 28.88
C MET M 86 34.12 -56.16 29.25
N LEU M 87 34.69 -56.53 30.39
CA LEU M 87 34.55 -57.90 30.89
C LEU M 87 33.61 -57.96 32.08
N ILE M 88 32.83 -59.03 32.18
CA ILE M 88 31.88 -59.20 33.27
C ILE M 88 32.07 -60.53 33.97
N LYS M 89 32.25 -60.48 35.28
CA LYS M 89 32.37 -61.68 36.10
C LYS M 89 31.05 -62.00 36.79
N LEU M 90 30.51 -63.16 36.43
CA LEU M 90 29.26 -63.67 36.98
C LEU M 90 29.42 -64.03 38.45
N LYS M 91 28.34 -63.90 39.22
CA LYS M 91 28.37 -64.20 40.65
C LYS M 91 28.75 -65.66 40.89
N SER M 92 28.19 -66.55 40.08
CA SER M 92 28.51 -67.96 40.14
C SER M 92 28.69 -68.52 38.73
N ALA M 93 29.36 -69.66 38.63
CA ALA M 93 29.63 -70.28 37.34
C ALA M 93 28.35 -70.83 36.71
N ALA M 94 28.39 -71.01 35.39
CA ALA M 94 27.24 -71.53 34.66
C ALA M 94 27.47 -72.98 34.24
N SER M 95 26.37 -73.72 34.09
CA SER M 95 26.44 -75.10 33.65
C SER M 95 26.64 -75.18 32.13
N LEU M 96 27.89 -75.40 31.72
CA LEU M 96 28.21 -75.52 30.30
C LEU M 96 27.61 -76.79 29.71
N ASN M 97 26.85 -76.66 28.63
CA ASN M 97 26.21 -77.80 28.00
C ASN M 97 25.81 -77.56 26.56
N SER M 98 24.78 -78.26 26.11
CA SER M 98 24.32 -78.22 24.73
C SER M 98 23.85 -76.83 24.30
N ARG M 99 23.34 -76.06 25.25
CA ARG M 99 22.73 -74.77 24.93
C ARG M 99 23.46 -73.61 25.59
N VAL M 100 24.37 -73.93 26.50
CA VAL M 100 25.23 -72.93 27.11
C VAL M 100 26.69 -73.34 26.93
N ALA M 101 27.41 -72.63 26.07
CA ALA M 101 28.81 -72.91 25.81
C ALA M 101 29.56 -71.61 25.57
N SER M 102 30.89 -71.65 25.74
CA SER M 102 31.69 -70.46 25.51
C SER M 102 32.40 -70.51 24.16
N ILE M 103 32.88 -69.35 23.71
CA ILE M 103 33.57 -69.28 22.43
C ILE M 103 35.05 -68.97 22.65
N SER M 104 35.90 -69.49 21.76
CA SER M 104 37.35 -69.36 21.90
C SER M 104 37.87 -68.00 21.47
N LEU M 105 38.89 -67.53 22.17
CA LEU M 105 39.56 -66.27 21.83
C LEU M 105 40.34 -66.40 20.53
N PRO M 106 40.56 -65.28 19.84
CA PRO M 106 41.38 -65.30 18.62
C PRO M 106 42.87 -65.40 18.92
N THR M 107 43.64 -65.91 17.98
CA THR M 107 45.09 -65.97 18.11
C THR M 107 45.75 -65.10 17.05
N SER M 108 44.99 -64.81 16.00
CA SER M 108 45.45 -63.90 14.96
C SER M 108 44.26 -63.19 14.33
N CYS M 109 44.46 -61.94 13.92
CA CYS M 109 43.39 -61.17 13.29
C CYS M 109 43.03 -61.76 11.93
N ALA M 110 41.74 -61.70 11.61
CA ALA M 110 41.28 -62.15 10.30
C ALA M 110 41.52 -61.07 9.26
N SER M 111 41.56 -61.47 7.99
CA SER M 111 41.78 -60.52 6.91
C SER M 111 40.47 -60.13 6.24
N ALA M 112 40.52 -59.10 5.39
CA ALA M 112 39.33 -58.61 4.70
C ALA M 112 38.79 -59.64 3.72
N GLY M 113 37.47 -59.86 3.77
CA GLY M 113 36.83 -60.82 2.89
C GLY M 113 36.38 -62.06 3.63
N THR M 114 36.82 -62.20 4.88
CA THR M 114 36.44 -63.34 5.70
C THR M 114 34.98 -63.26 6.13
N GLN M 115 34.23 -64.34 5.90
CA GLN M 115 32.82 -64.38 6.28
C GLN M 115 32.65 -64.61 7.77
N CYS M 116 32.01 -63.65 8.43
CA CYS M 116 31.79 -63.73 9.87
C CYS M 116 30.31 -63.82 10.22
N LEU M 117 30.01 -64.29 11.42
CA LEU M 117 28.65 -64.36 11.91
C LEU M 117 28.42 -63.32 13.00
N ILE M 118 27.32 -62.59 12.85
CA ILE M 118 26.93 -61.55 13.79
C ILE M 118 25.52 -61.82 14.30
N SER M 119 25.37 -61.97 15.61
CA SER M 119 24.06 -62.31 16.19
C SER M 119 23.61 -61.28 17.22
N GLY M 120 22.32 -61.31 17.55
CA GLY M 120 21.78 -60.40 18.54
C GLY M 120 20.26 -60.28 18.53
N TRP M 121 19.74 -59.50 19.47
CA TRP M 121 18.31 -59.26 19.59
C TRP M 121 17.95 -57.81 19.29
N GLY M 122 18.76 -57.15 18.47
CA GLY M 122 18.58 -55.74 18.18
C GLY M 122 17.47 -55.42 17.21
N ASN M 123 17.31 -54.13 16.91
CA ASN M 123 16.28 -53.65 15.98
C ASN M 123 16.43 -54.28 14.61
N THR M 124 15.31 -54.51 13.93
CA THR M 124 15.33 -55.25 12.67
C THR M 124 14.84 -54.44 11.47
N LYS M 125 14.92 -53.12 11.56
CA LYS M 125 14.52 -52.26 10.44
C LYS M 125 15.46 -51.07 10.26
N SER M 126 15.63 -50.65 9.02
CA SER M 126 16.43 -49.46 8.71
C SER M 126 15.76 -48.22 9.24
N SER M 127 14.45 -48.14 9.06
CA SER M 127 13.64 -47.04 9.59
C SER M 127 12.42 -47.61 10.32
N GLY M 128 12.12 -47.04 11.48
CA GLY M 128 11.07 -47.57 12.33
C GLY M 128 11.66 -48.59 13.28
N THR M 129 10.84 -49.17 14.16
CA THR M 129 11.35 -50.16 15.11
C THR M 129 10.48 -51.42 15.16
N SER M 130 11.13 -52.58 15.13
CA SER M 130 10.46 -53.86 15.26
C SER M 130 11.40 -54.88 15.93
N TYR M 131 11.29 -54.98 17.25
CA TYR M 131 12.20 -55.83 18.02
C TYR M 131 11.73 -57.26 18.10
N PRO M 132 12.63 -58.21 17.79
CA PRO M 132 12.33 -59.64 17.66
C PRO M 132 12.20 -60.35 19.01
N ASP M 133 11.48 -61.47 19.00
CA ASP M 133 11.40 -62.34 20.16
C ASP M 133 12.55 -63.35 20.09
N VAL M 134 12.86 -63.78 18.88
CA VAL M 134 13.87 -64.80 18.63
C VAL M 134 15.18 -64.20 18.14
N LEU M 135 16.29 -64.72 18.63
CA LEU M 135 17.64 -64.29 18.25
C LEU M 135 17.83 -64.22 16.73
N LYS M 136 18.46 -63.16 16.25
CA LYS M 136 18.71 -62.98 14.82
C LYS M 136 20.19 -63.05 14.49
N CYS M 137 20.51 -63.62 13.34
CA CYS M 137 21.90 -63.77 12.91
C CYS M 137 22.12 -63.18 11.52
N LEU M 138 23.38 -63.06 11.13
CA LEU M 138 23.73 -62.50 9.82
C LEU M 138 25.16 -62.85 9.44
N LYS M 139 25.37 -63.18 8.17
CA LYS M 139 26.71 -63.42 7.66
C LYS M 139 27.23 -62.20 6.92
N ALA M 140 28.42 -61.73 7.31
CA ALA M 140 28.99 -60.51 6.74
C ALA M 140 30.49 -60.61 6.58
N PRO M 141 31.00 -60.17 5.41
CA PRO M 141 32.44 -60.16 5.14
C PRO M 141 33.15 -59.02 5.85
N ILE M 142 34.45 -59.17 6.08
CA ILE M 142 35.24 -58.11 6.70
C ILE M 142 35.67 -57.10 5.65
N LEU M 143 35.39 -55.83 5.91
CA LEU M 143 35.71 -54.77 4.96
C LEU M 143 37.10 -54.20 5.24
N SER M 144 37.82 -53.88 4.17
CA SER M 144 39.18 -53.36 4.29
C SER M 144 39.20 -52.02 5.03
N ASP M 145 40.30 -51.74 5.71
CA ASP M 145 40.45 -50.50 6.47
C ASP M 145 40.46 -49.27 5.55
N SER M 146 40.71 -49.50 4.27
CA SER M 146 40.60 -48.43 3.29
C SER M 146 39.14 -48.02 3.15
N SER M 147 38.29 -49.01 2.89
CA SER M 147 36.86 -48.80 2.80
C SER M 147 36.29 -48.31 4.12
N CYS M 148 36.87 -48.79 5.21
CA CYS M 148 36.42 -48.44 6.56
C CYS M 148 36.73 -46.98 6.88
N LYS M 149 37.91 -46.52 6.48
CA LYS M 149 38.31 -45.14 6.69
C LYS M 149 37.61 -44.22 5.70
N SER M 150 37.18 -44.78 4.57
CA SER M 150 36.41 -44.01 3.61
C SER M 150 35.00 -43.78 4.12
N ALA M 151 34.41 -44.83 4.70
CA ALA M 151 33.06 -44.74 5.26
C ALA M 151 33.02 -43.81 6.46
N TYR M 152 34.10 -43.82 7.25
CA TYR M 152 34.20 -42.97 8.43
C TYR M 152 35.57 -42.28 8.49
N PRO M 153 35.67 -41.12 7.83
CA PRO M 153 36.92 -40.35 7.75
C PRO M 153 37.48 -39.96 9.12
N GLY M 154 38.65 -40.50 9.47
CA GLY M 154 39.31 -40.16 10.71
C GLY M 154 38.54 -40.53 11.96
N GLN M 155 37.84 -41.65 11.92
CA GLN M 155 37.07 -42.11 13.07
C GLN M 155 37.34 -43.58 13.38
N ILE M 156 38.19 -44.20 12.57
CA ILE M 156 38.53 -45.61 12.77
C ILE M 156 39.94 -45.75 13.32
N THR M 157 40.03 -46.25 14.55
CA THR M 157 41.32 -46.42 15.22
C THR M 157 41.96 -47.76 14.86
N SER M 158 43.09 -48.05 15.51
CA SER M 158 43.78 -49.31 15.33
C SER M 158 42.98 -50.46 15.94
N ASN M 159 41.98 -50.12 16.74
CA ASN M 159 41.19 -51.12 17.46
C ASN M 159 39.78 -51.28 16.91
N MET M 160 39.56 -50.81 15.70
CA MET M 160 38.23 -50.86 15.09
C MET M 160 38.26 -51.47 13.69
N PHE M 161 37.24 -52.27 13.37
CA PHE M 161 37.10 -52.73 12.00
C PHE M 161 35.63 -52.69 11.58
N CYS M 162 35.40 -52.39 10.30
CA CYS M 162 34.05 -52.33 9.77
C CYS M 162 33.62 -53.68 9.21
N ALA M 163 32.33 -53.97 9.33
CA ALA M 163 31.78 -55.18 8.71
C ALA M 163 30.35 -54.94 8.23
N GLY M 164 29.91 -55.81 7.32
CA GLY M 164 28.62 -55.66 6.69
C GLY M 164 28.77 -55.53 5.20
N TYR M 165 28.08 -54.56 4.62
CA TYR M 165 28.14 -54.32 3.19
C TYR M 165 28.11 -52.83 2.90
N LEU M 166 28.91 -52.38 1.94
CA LEU M 166 28.90 -50.99 1.54
C LEU M 166 27.59 -50.65 0.84
N GLU M 167 26.90 -51.69 0.37
CA GLU M 167 25.57 -51.54 -0.20
C GLU M 167 24.59 -51.10 0.88
N GLY M 168 24.66 -51.77 2.03
CA GLY M 168 23.73 -51.53 3.12
C GLY M 168 22.70 -52.63 3.19
N GLY M 169 21.53 -52.32 3.73
CA GLY M 169 20.43 -53.27 3.79
C GLY M 169 20.56 -54.28 4.91
N LYS M 170 21.76 -54.81 5.11
CA LYS M 170 22.01 -55.79 6.15
C LYS M 170 23.14 -55.32 7.07
N ASP M 171 22.84 -55.23 8.36
CA ASP M 171 23.75 -54.66 9.33
C ASP M 171 23.25 -54.90 10.75
N SER M 172 24.16 -54.82 11.73
CA SER M 172 23.76 -54.86 13.12
C SER M 172 23.02 -53.58 13.47
N CYS M 173 22.32 -53.57 14.60
CA CYS M 173 21.55 -52.39 14.98
C CYS M 173 21.45 -52.22 16.50
N GLN M 174 20.62 -51.26 16.91
CA GLN M 174 20.49 -50.91 18.33
C GLN M 174 19.90 -52.07 19.13
N GLY M 175 20.70 -52.63 20.03
CA GLY M 175 20.29 -53.76 20.83
C GLY M 175 21.21 -54.94 20.59
N ASP M 176 22.26 -54.71 19.80
CA ASP M 176 23.21 -55.75 19.45
C ASP M 176 24.57 -55.53 20.10
N SER M 177 24.75 -54.36 20.70
CA SER M 177 26.03 -53.99 21.29
C SER M 177 26.52 -55.01 22.31
N GLY M 178 27.82 -55.31 22.24
CA GLY M 178 28.40 -56.36 23.05
C GLY M 178 28.33 -57.68 22.33
N GLY M 179 27.48 -57.74 21.30
CA GLY M 179 27.25 -58.94 20.54
C GLY M 179 28.49 -59.47 19.84
N PRO M 180 28.57 -60.79 19.66
CA PRO M 180 29.70 -61.49 19.05
C PRO M 180 29.80 -61.29 17.54
N VAL M 181 31.03 -61.20 17.05
CA VAL M 181 31.31 -61.23 15.62
C VAL M 181 32.35 -62.31 15.39
N VAL M 182 31.90 -63.54 15.12
CA VAL M 182 32.80 -64.68 15.12
C VAL M 182 33.24 -65.07 13.70
N CYS M 183 34.50 -65.46 13.57
CA CYS M 183 35.05 -65.82 12.27
C CYS M 183 35.91 -67.07 12.38
N SER M 184 35.60 -68.07 11.56
CA SER M 184 36.30 -69.35 11.58
C SER M 184 36.27 -69.98 12.96
N GLY M 185 35.13 -69.85 13.64
CA GLY M 185 34.94 -70.45 14.95
C GLY M 185 35.57 -69.70 16.10
N LYS M 186 35.92 -68.44 15.88
CA LYS M 186 36.55 -67.64 16.93
C LYS M 186 36.05 -66.20 16.94
N LEU M 187 35.86 -65.67 18.15
CA LEU M 187 35.35 -64.32 18.37
C LEU M 187 36.31 -63.25 17.86
N GLN M 188 35.96 -62.62 16.75
CA GLN M 188 36.84 -61.62 16.13
C GLN M 188 36.46 -60.19 16.50
N GLY M 189 35.17 -59.91 16.61
CA GLY M 189 34.72 -58.54 16.87
C GLY M 189 33.62 -58.39 17.89
N ILE M 190 33.46 -57.17 18.37
CA ILE M 190 32.36 -56.85 19.28
C ILE M 190 31.48 -55.75 18.68
N VAL M 191 30.18 -55.99 18.60
CA VAL M 191 29.25 -55.01 18.05
C VAL M 191 29.37 -53.67 18.79
N SER M 192 29.89 -52.66 18.11
CA SER M 192 30.12 -51.38 18.79
C SER M 192 29.15 -50.29 18.35
N TRP M 193 29.42 -49.70 17.20
CA TRP M 193 28.64 -48.56 16.75
C TRP M 193 28.49 -48.51 15.23
N GLY M 194 27.89 -47.42 14.76
CA GLY M 194 27.70 -47.19 13.34
C GLY M 194 26.97 -45.88 13.15
N SER M 195 26.53 -45.61 11.92
CA SER M 195 25.74 -44.42 11.65
C SER M 195 24.36 -44.83 11.14
N GLY M 196 23.43 -45.05 12.06
CA GLY M 196 22.14 -45.61 11.72
C GLY M 196 22.28 -47.11 11.53
N CYS M 197 21.27 -47.73 10.94
CA CYS M 197 21.31 -49.16 10.69
C CYS M 197 21.08 -49.48 9.22
N ALA M 198 21.94 -50.31 8.66
CA ALA M 198 21.84 -50.77 7.27
C ALA M 198 21.83 -49.61 6.27
N GLN M 199 22.43 -48.49 6.66
CA GLN M 199 22.50 -47.32 5.78
C GLN M 199 23.62 -47.47 4.76
N LYS M 200 23.51 -46.75 3.64
CA LYS M 200 24.48 -46.82 2.56
C LYS M 200 25.83 -46.23 2.95
N ASN M 201 26.90 -46.94 2.57
CA ASN M 201 28.27 -46.48 2.79
C ASN M 201 28.63 -46.22 4.25
N LYS M 202 27.80 -46.71 5.17
CA LYS M 202 28.08 -46.59 6.59
C LYS M 202 27.73 -47.91 7.29
N PRO M 203 28.59 -48.94 7.14
CA PRO M 203 28.36 -50.27 7.70
C PRO M 203 28.55 -50.33 9.20
N GLY M 204 28.59 -51.54 9.77
CA GLY M 204 28.75 -51.69 11.21
C GLY M 204 30.18 -51.53 11.67
N VAL M 205 30.37 -50.93 12.84
CA VAL M 205 31.71 -50.81 13.40
C VAL M 205 31.86 -51.71 14.62
N TYR M 206 32.98 -52.44 14.63
CA TYR M 206 33.17 -53.48 15.62
C TYR M 206 34.54 -53.41 16.28
N THR M 207 34.55 -53.64 17.59
CA THR M 207 35.75 -53.68 18.39
C THR M 207 36.63 -54.87 18.03
N LYS M 208 37.88 -54.58 17.73
CA LYS M 208 38.89 -55.57 17.35
C LYS M 208 39.35 -56.37 18.56
N VAL M 209 38.82 -57.57 18.73
CA VAL M 209 39.08 -58.38 19.91
C VAL M 209 40.54 -58.85 20.00
N CYS M 210 41.15 -59.09 18.83
CA CYS M 210 42.50 -59.63 18.77
C CYS M 210 43.55 -58.74 19.44
N ASN M 211 43.17 -57.51 19.75
CA ASN M 211 44.07 -56.57 20.41
C ASN M 211 43.93 -56.59 21.94
N TYR M 212 43.08 -57.46 22.46
CA TYR M 212 42.78 -57.44 23.89
C TYR M 212 42.89 -58.79 24.57
N VAL M 213 43.32 -59.82 23.84
CA VAL M 213 43.46 -61.16 24.40
C VAL M 213 44.36 -61.16 25.64
N SER M 214 45.42 -60.36 25.58
CA SER M 214 46.33 -60.19 26.70
C SER M 214 45.61 -59.58 27.90
N TRP M 215 44.81 -58.57 27.59
CA TRP M 215 44.04 -57.81 28.62
C TRP M 215 42.96 -58.73 29.19
N ILE M 216 42.28 -59.47 28.34
CA ILE M 216 41.21 -60.40 28.81
C ILE M 216 41.87 -61.52 29.63
N LYS M 217 42.92 -62.11 29.07
CA LYS M 217 43.69 -63.18 29.73
C LYS M 217 44.19 -62.68 31.09
N GLN M 218 44.71 -61.45 31.16
CA GLN M 218 45.19 -60.89 32.46
C GLN M 218 44.04 -60.55 33.38
N THR M 219 42.99 -59.91 32.89
CA THR M 219 41.88 -59.49 33.79
C THR M 219 41.24 -60.67 34.53
N ILE M 220 41.00 -61.80 33.87
CA ILE M 220 40.38 -62.94 34.62
C ILE M 220 41.38 -63.52 35.64
N ALA M 221 42.68 -63.41 35.40
CA ALA M 221 43.65 -63.97 36.33
C ALA M 221 43.82 -63.12 37.59
N SER M 222 43.61 -61.82 37.45
CA SER M 222 43.83 -60.88 38.56
C SER M 222 42.55 -60.60 39.34
N ASN M 223 41.41 -60.94 38.74
CA ASN M 223 40.12 -60.74 39.38
C ASN M 223 39.36 -62.05 39.54
N GLU N 3 7.77 -53.43 28.31
CA GLU N 3 7.91 -52.19 27.55
C GLU N 3 8.67 -51.12 28.33
N CYS N 4 8.82 -49.95 27.72
CA CYS N 4 9.45 -48.82 28.37
C CYS N 4 8.39 -47.83 28.84
N PRO N 5 8.62 -47.19 30.00
CA PRO N 5 7.63 -46.29 30.60
C PRO N 5 7.42 -45.02 29.80
N GLY N 6 6.21 -44.45 29.90
CA GLY N 6 5.90 -43.18 29.28
C GLY N 6 5.71 -43.24 27.77
N LYS N 7 5.79 -42.07 27.15
CA LYS N 7 5.63 -41.95 25.70
C LYS N 7 6.84 -42.52 24.97
N GLN N 8 6.61 -43.09 23.79
CA GLN N 8 7.68 -43.73 23.05
C GLN N 8 7.89 -43.13 21.67
N GLU N 9 6.82 -42.55 21.11
CA GLU N 9 6.86 -41.99 19.77
C GLU N 9 6.61 -40.49 19.74
N TRP N 10 7.42 -39.77 18.98
CA TRP N 10 7.21 -38.34 18.77
C TRP N 10 7.30 -37.97 17.29
N PRO N 11 6.31 -38.39 16.48
CA PRO N 11 6.31 -38.01 15.07
C PRO N 11 5.94 -36.55 14.89
N GLU N 12 5.40 -35.97 15.96
CA GLU N 12 4.96 -34.58 15.97
C GLU N 12 6.12 -33.59 15.76
N LEU N 13 7.29 -33.95 16.28
CA LEU N 13 8.40 -33.02 16.34
C LEU N 13 9.35 -33.10 15.15
N VAL N 14 8.88 -33.75 14.07
CA VAL N 14 9.65 -33.76 12.83
C VAL N 14 9.44 -32.44 12.10
N GLY N 15 10.50 -31.67 11.93
CA GLY N 15 10.41 -30.36 11.33
C GLY N 15 10.73 -29.25 12.33
N GLU N 16 10.64 -29.59 13.61
CA GLU N 16 10.99 -28.65 14.66
C GLU N 16 12.51 -28.59 14.81
N TYR N 17 13.00 -27.55 15.46
CA TYR N 17 14.43 -27.47 15.76
C TYR N 17 14.75 -28.40 16.92
N GLY N 18 15.88 -29.09 16.83
CA GLY N 18 16.23 -30.17 17.75
C GLY N 18 16.12 -29.89 19.24
N TYR N 19 16.59 -28.72 19.66
CA TYR N 19 16.71 -28.43 21.09
C TYR N 19 15.40 -27.99 21.74
N LYS N 20 14.41 -27.61 20.93
CA LYS N 20 13.08 -27.36 21.45
C LYS N 20 12.32 -28.68 21.54
N ALA N 21 12.52 -29.51 20.51
CA ALA N 21 11.94 -30.85 20.48
C ALA N 21 12.42 -31.68 21.66
N ALA N 22 13.70 -31.51 22.01
CA ALA N 22 14.27 -32.22 23.15
C ALA N 22 13.57 -31.83 24.45
N ALA N 23 13.44 -30.53 24.67
CA ALA N 23 12.78 -30.00 25.86
C ALA N 23 11.33 -30.48 25.94
N ILE N 24 10.65 -30.49 24.80
CA ILE N 24 9.28 -31.00 24.73
C ILE N 24 9.25 -32.48 25.12
N ILE N 25 10.20 -33.23 24.59
CA ILE N 25 10.28 -34.68 24.84
C ILE N 25 10.48 -34.99 26.32
N GLU N 26 11.40 -34.28 26.97
CA GLU N 26 11.63 -34.49 28.39
C GLU N 26 10.43 -33.98 29.20
N ARG N 27 9.77 -32.95 28.69
CA ARG N 27 8.59 -32.39 29.32
C ARG N 27 7.43 -33.39 29.34
N GLU N 28 7.31 -34.17 28.27
CA GLU N 28 6.23 -35.16 28.16
C GLU N 28 6.60 -36.49 28.83
N ASN N 29 7.81 -36.97 28.57
CA ASN N 29 8.28 -38.20 29.20
C ASN N 29 9.36 -37.89 30.23
N PRO N 30 9.00 -37.96 31.52
CA PRO N 30 9.93 -37.62 32.62
C PRO N 30 11.05 -38.64 32.80
N ASN N 31 10.98 -39.75 32.08
CA ASN N 31 11.93 -40.85 32.27
C ASN N 31 13.06 -40.89 31.23
N VAL N 32 13.11 -39.92 30.33
CA VAL N 32 14.08 -39.96 29.26
C VAL N 32 15.06 -38.79 29.25
N ARG N 33 16.26 -39.04 28.72
CA ARG N 33 17.26 -38.01 28.51
C ARG N 33 17.43 -37.76 27.02
N SER N 34 16.76 -36.73 26.51
CA SER N 34 16.81 -36.41 25.09
C SER N 34 18.20 -35.96 24.65
N ILE N 35 18.68 -36.53 23.55
CA ILE N 35 19.99 -36.20 23.02
C ILE N 35 19.91 -35.71 21.58
N VAL N 36 20.30 -34.46 21.34
CA VAL N 36 20.37 -33.93 20.00
C VAL N 36 21.66 -34.37 19.33
N LYS N 37 21.56 -34.94 18.14
CA LYS N 37 22.72 -35.50 17.46
C LYS N 37 22.56 -35.44 15.94
N HIS N 38 23.64 -35.09 15.25
CA HIS N 38 23.62 -35.04 13.80
C HIS N 38 23.66 -36.44 13.22
N GLU N 39 23.04 -36.64 12.06
CA GLU N 39 22.87 -37.98 11.52
C GLU N 39 24.12 -38.51 10.82
N ARG N 40 25.00 -37.61 10.37
CA ARG N 40 26.26 -38.04 9.75
C ARG N 40 27.22 -38.54 10.82
N SER N 41 26.87 -38.33 12.08
CA SER N 41 27.66 -38.79 13.20
C SER N 41 27.46 -40.28 13.44
N GLY N 42 28.21 -40.83 14.40
CA GLY N 42 28.14 -42.25 14.71
C GLY N 42 27.36 -42.55 15.96
N PHE N 43 26.49 -43.56 15.88
CA PHE N 43 25.61 -43.92 16.99
C PHE N 43 26.00 -45.25 17.63
N THR N 44 26.02 -45.27 18.96
CA THR N 44 26.20 -46.52 19.69
C THR N 44 24.98 -47.40 19.48
N LYS N 45 25.12 -48.70 19.70
CA LYS N 45 24.05 -49.64 19.37
C LYS N 45 23.48 -50.36 20.59
N ASP N 46 23.45 -49.67 21.72
CA ASP N 46 22.79 -50.20 22.91
C ASP N 46 21.31 -49.81 22.90
N PHE N 47 20.51 -50.44 23.74
CA PHE N 47 19.09 -50.07 23.84
C PHE N 47 18.78 -49.51 25.22
N ARG N 48 18.18 -48.32 25.24
CA ARG N 48 17.86 -47.66 26.49
C ARG N 48 16.44 -47.11 26.51
N CYS N 49 15.76 -47.29 27.64
CA CYS N 49 14.44 -46.71 27.83
C CYS N 49 14.60 -45.31 28.41
N ASP N 50 15.83 -44.96 28.76
CA ASP N 50 16.15 -43.66 29.32
C ASP N 50 16.64 -42.68 28.25
N ARG N 51 16.56 -43.08 26.98
CA ARG N 51 17.17 -42.30 25.92
C ARG N 51 16.26 -42.06 24.72
N VAL N 52 16.22 -40.81 24.25
CA VAL N 52 15.52 -40.46 23.02
C VAL N 52 16.44 -39.62 22.15
N TRP N 53 16.97 -40.23 21.08
CA TRP N 53 17.83 -39.53 20.15
C TRP N 53 17.04 -38.54 19.30
N VAL N 54 17.40 -37.26 19.42
CA VAL N 54 16.81 -36.22 18.60
C VAL N 54 17.73 -35.92 17.43
N VAL N 55 17.49 -36.59 16.31
CA VAL N 55 18.40 -36.53 15.17
C VAL N 55 18.11 -35.33 14.27
N VAL N 56 19.15 -34.56 13.95
CA VAL N 56 19.01 -33.40 13.07
C VAL N 56 20.03 -33.45 11.94
N ASP N 57 19.96 -32.47 11.03
CA ASP N 57 20.94 -32.34 9.97
C ASP N 57 21.81 -31.10 10.17
N SER N 58 22.37 -30.58 9.08
CA SER N 58 23.23 -29.41 9.15
C SER N 58 22.46 -28.17 9.59
N THR N 59 21.18 -28.14 9.26
CA THR N 59 20.35 -26.97 9.56
C THR N 59 19.74 -27.05 10.96
N GLY N 60 20.01 -28.15 11.65
CA GLY N 60 19.52 -28.33 13.01
C GLY N 60 18.05 -28.66 13.11
N VAL N 61 17.46 -29.11 12.00
CA VAL N 61 16.06 -29.52 11.98
C VAL N 61 15.96 -31.04 12.11
N VAL N 62 14.92 -31.50 12.82
CA VAL N 62 14.70 -32.93 13.08
C VAL N 62 14.19 -33.65 11.83
N VAL N 63 14.91 -34.69 11.41
CA VAL N 63 14.65 -35.33 10.12
C VAL N 63 14.57 -36.85 10.30
N ARG N 64 14.56 -37.26 11.57
CA ARG N 64 14.20 -38.62 11.98
C ARG N 64 13.20 -38.60 13.14
N THR N 65 12.25 -39.54 13.17
CA THR N 65 11.26 -39.59 14.26
C THR N 65 12.00 -39.94 15.54
N PRO N 66 11.96 -39.02 16.52
CA PRO N 66 12.61 -39.24 17.81
C PRO N 66 11.96 -40.42 18.53
N ARG N 67 12.73 -41.50 18.71
CA ARG N 67 12.20 -42.71 19.33
C ARG N 67 12.95 -43.07 20.61
N VAL N 68 12.27 -43.78 21.50
CA VAL N 68 12.91 -44.26 22.73
C VAL N 68 13.71 -45.52 22.42
N THR N 69 15.00 -45.34 22.16
CA THR N 69 15.90 -46.45 21.90
C THR N 69 17.27 -46.20 22.53
N ILE O 1 17.79 -22.04 -46.38
CA ILE O 1 18.59 -21.76 -47.56
C ILE O 1 17.70 -21.42 -48.75
N VAL O 2 18.00 -20.30 -49.41
CA VAL O 2 17.26 -19.88 -50.58
C VAL O 2 17.63 -20.73 -51.80
N GLY O 3 16.65 -21.44 -52.34
CA GLY O 3 16.86 -22.26 -53.54
C GLY O 3 17.66 -23.52 -53.28
N GLY O 4 17.32 -24.21 -52.20
CA GLY O 4 17.97 -25.47 -51.87
C GLY O 4 17.00 -26.64 -51.97
N TYR O 5 17.36 -27.76 -51.33
CA TYR O 5 16.49 -28.92 -51.33
C TYR O 5 16.30 -29.47 -49.92
N THR O 6 15.24 -30.26 -49.75
CA THR O 6 14.99 -30.93 -48.47
C THR O 6 15.98 -32.07 -48.27
N CYS O 7 16.81 -31.94 -47.23
CA CYS O 7 17.89 -32.88 -46.98
C CYS O 7 17.40 -34.30 -46.70
N GLY O 8 16.35 -34.40 -45.89
CA GLY O 8 15.92 -35.68 -45.37
C GLY O 8 16.37 -35.78 -43.92
N ALA O 9 15.60 -36.51 -43.12
CA ALA O 9 15.84 -36.59 -41.68
C ALA O 9 17.24 -37.06 -41.33
N ASN O 10 18.01 -36.19 -40.70
CA ASN O 10 19.33 -36.50 -40.16
C ASN O 10 20.32 -37.00 -41.21
N THR O 11 20.27 -36.41 -42.41
CA THR O 11 21.27 -36.68 -43.42
C THR O 11 22.47 -35.76 -43.18
N VAL O 12 22.27 -34.79 -42.29
CA VAL O 12 23.35 -33.93 -41.83
C VAL O 12 23.41 -34.01 -40.31
N PRO O 13 24.01 -35.09 -39.78
CA PRO O 13 23.98 -35.40 -38.35
C PRO O 13 24.78 -34.44 -37.47
N TYR O 14 25.69 -33.68 -38.06
CA TYR O 14 26.54 -32.77 -37.30
C TYR O 14 25.93 -31.37 -37.20
N GLN O 15 24.87 -31.14 -37.97
CA GLN O 15 24.16 -29.88 -37.94
C GLN O 15 23.40 -29.70 -36.62
N VAL O 16 23.74 -28.66 -35.87
CA VAL O 16 23.05 -28.39 -34.61
C VAL O 16 22.36 -27.03 -34.66
N SER O 17 21.31 -26.90 -33.85
CA SER O 17 20.52 -25.67 -33.82
C SER O 17 20.73 -24.90 -32.51
N LEU O 18 21.12 -23.63 -32.64
CA LEU O 18 21.27 -22.76 -31.47
C LEU O 18 19.93 -22.15 -31.09
N ASN O 19 19.51 -22.42 -29.85
CA ASN O 19 18.18 -22.02 -29.39
C ASN O 19 18.19 -21.17 -28.13
N SER O 20 17.46 -20.06 -28.18
CA SER O 20 17.26 -19.23 -27.00
C SER O 20 15.81 -18.74 -27.02
N GLY O 21 14.88 -19.69 -27.00
CA GLY O 21 13.48 -19.41 -27.22
C GLY O 21 13.13 -19.77 -28.65
N TYR O 22 13.93 -19.26 -29.57
CA TYR O 22 13.79 -19.58 -30.98
C TYR O 22 15.14 -19.96 -31.57
N HIS O 23 15.12 -20.53 -32.78
CA HIS O 23 16.36 -20.85 -33.48
C HIS O 23 16.93 -19.59 -34.12
N PHE O 24 18.14 -19.22 -33.71
CA PHE O 24 18.75 -17.98 -34.19
C PHE O 24 20.02 -18.19 -35.01
N CYS O 25 20.67 -19.33 -34.82
CA CYS O 25 21.90 -19.63 -35.56
C CYS O 25 22.13 -21.13 -35.70
N GLY O 26 22.93 -21.52 -36.69
CA GLY O 26 23.29 -22.91 -36.89
C GLY O 26 24.63 -23.21 -36.26
N GLY O 27 25.05 -24.47 -36.33
CA GLY O 27 26.36 -24.85 -35.82
C GLY O 27 26.81 -26.24 -36.21
N SER O 28 28.07 -26.55 -35.97
CA SER O 28 28.63 -27.85 -36.30
C SER O 28 29.22 -28.53 -35.06
N LEU O 29 28.96 -29.82 -34.90
CA LEU O 29 29.53 -30.56 -33.77
C LEU O 29 30.92 -31.09 -34.15
N ILE O 30 31.93 -30.79 -33.33
CA ILE O 30 33.28 -31.27 -33.65
C ILE O 30 33.70 -32.44 -32.77
N ASN O 31 33.19 -32.49 -31.54
CA ASN O 31 33.36 -33.68 -30.71
C ASN O 31 32.23 -33.82 -29.71
N SER O 32 32.45 -34.64 -28.69
CA SER O 32 31.41 -35.01 -27.74
C SER O 32 30.80 -33.82 -27.00
N GLN O 33 31.53 -32.71 -26.94
CA GLN O 33 31.10 -31.59 -26.11
C GLN O 33 31.47 -30.22 -26.66
N TRP O 34 31.71 -30.11 -27.96
CA TRP O 34 32.06 -28.83 -28.56
C TRP O 34 31.40 -28.57 -29.91
N VAL O 35 30.93 -27.34 -30.07
CA VAL O 35 30.24 -26.89 -31.28
C VAL O 35 30.87 -25.62 -31.85
N VAL O 36 31.27 -25.67 -33.10
CA VAL O 36 31.78 -24.51 -33.81
C VAL O 36 30.65 -23.73 -34.47
N SER O 37 30.65 -22.41 -34.27
CA SER O 37 29.66 -21.53 -34.86
C SER O 37 30.30 -20.19 -35.22
N ALA O 38 29.47 -19.22 -35.59
CA ALA O 38 29.97 -17.89 -35.92
C ALA O 38 29.95 -16.98 -34.70
N ALA O 39 30.90 -16.06 -34.63
CA ALA O 39 31.07 -15.18 -33.47
C ALA O 39 29.91 -14.22 -33.29
N HIS O 40 29.27 -13.82 -34.39
CA HIS O 40 28.19 -12.83 -34.32
C HIS O 40 26.86 -13.47 -33.90
N CYS O 41 26.92 -14.74 -33.51
CA CYS O 41 25.75 -15.44 -32.99
C CYS O 41 25.79 -15.47 -31.47
N TYR O 42 26.70 -14.71 -30.89
CA TYR O 42 26.95 -14.76 -29.45
C TYR O 42 25.78 -14.27 -28.60
N LYS O 43 25.19 -15.19 -27.86
CA LYS O 43 24.18 -14.85 -26.85
C LYS O 43 24.65 -15.34 -25.48
N SER O 44 23.90 -14.99 -24.44
CA SER O 44 24.17 -15.53 -23.11
C SER O 44 23.07 -16.50 -22.71
N GLY O 45 23.47 -17.74 -22.42
CA GLY O 45 22.52 -18.78 -22.07
C GLY O 45 21.95 -19.45 -23.31
N ILE O 46 22.83 -20.04 -24.11
CA ILE O 46 22.43 -20.73 -25.33
C ILE O 46 22.07 -22.19 -25.03
N GLN O 47 21.09 -22.71 -25.75
CA GLN O 47 20.75 -24.13 -25.66
C GLN O 47 20.97 -24.82 -27.01
N VAL O 48 21.89 -25.77 -27.04
CA VAL O 48 22.22 -26.47 -28.27
C VAL O 48 21.26 -27.63 -28.51
N ARG O 49 20.82 -27.77 -29.76
CA ARG O 49 19.88 -28.83 -30.14
C ARG O 49 20.49 -29.74 -31.20
N LEU O 50 20.74 -30.99 -30.83
CA LEU O 50 21.39 -31.96 -31.71
C LEU O 50 20.41 -33.02 -32.19
N GLY O 51 20.60 -33.47 -33.43
CA GLY O 51 19.78 -34.51 -34.01
C GLY O 51 18.38 -34.03 -34.34
N GLU O 52 18.29 -32.96 -35.13
CA GLU O 52 17.01 -32.35 -35.45
C GLU O 52 16.75 -32.22 -36.94
N ASP O 53 15.48 -32.22 -37.30
CA ASP O 53 15.05 -31.95 -38.67
C ASP O 53 13.88 -30.98 -38.64
N ASN O 54 12.77 -31.44 -38.06
CA ASN O 54 11.61 -30.58 -37.82
C ASN O 54 11.76 -29.89 -36.47
N ILE O 55 12.28 -28.66 -36.48
CA ILE O 55 12.55 -27.93 -35.25
C ILE O 55 11.28 -27.40 -34.58
N ASN O 56 10.14 -27.64 -35.21
CA ASN O 56 8.86 -27.21 -34.65
C ASN O 56 8.06 -28.38 -34.09
N VAL O 57 8.56 -29.59 -34.30
CA VAL O 57 7.87 -30.80 -33.85
C VAL O 57 8.83 -31.76 -33.17
N VAL O 58 8.57 -32.08 -31.91
CA VAL O 58 9.40 -33.04 -31.18
C VAL O 58 9.17 -34.45 -31.72
N GLU O 59 10.18 -34.97 -32.41
CA GLU O 59 10.09 -36.25 -33.07
C GLU O 59 10.69 -37.37 -32.23
N GLY O 60 11.24 -37.00 -31.08
CA GLY O 60 12.09 -37.90 -30.31
C GLY O 60 13.45 -37.85 -30.96
N ASN O 61 14.40 -38.66 -30.47
CA ASN O 61 15.73 -38.73 -31.06
C ASN O 61 16.46 -37.37 -31.08
N GLU O 62 16.14 -36.50 -30.13
CA GLU O 62 16.74 -35.18 -30.07
C GLU O 62 17.51 -34.97 -28.77
N GLN O 63 18.47 -34.06 -28.78
CA GLN O 63 19.20 -33.72 -27.55
C GLN O 63 19.26 -32.21 -27.32
N PHE O 64 18.70 -31.78 -26.19
CA PHE O 64 18.73 -30.36 -25.83
C PHE O 64 19.70 -30.14 -24.67
N ILE O 65 20.90 -29.66 -24.99
CA ILE O 65 21.96 -29.52 -24.00
C ILE O 65 22.38 -28.05 -23.82
N SER O 66 22.35 -27.58 -22.58
CA SER O 66 22.70 -26.20 -22.27
C SER O 66 24.16 -25.91 -22.60
N ALA O 67 24.43 -24.69 -23.05
CA ALA O 67 25.79 -24.23 -23.28
C ALA O 67 26.45 -23.85 -21.95
N SER O 68 27.59 -24.46 -21.68
CA SER O 68 28.32 -24.18 -20.44
C SER O 68 29.30 -23.03 -20.63
N LYS O 69 30.16 -23.15 -21.63
CA LYS O 69 31.16 -22.14 -21.93
C LYS O 69 31.06 -21.72 -23.39
N SER O 70 31.38 -20.46 -23.66
CA SER O 70 31.34 -19.96 -25.03
C SER O 70 32.47 -18.96 -25.26
N ILE O 71 33.34 -19.28 -26.22
CA ILE O 71 34.52 -18.47 -26.46
C ILE O 71 34.55 -17.89 -27.86
N VAL O 72 34.52 -16.57 -27.94
CA VAL O 72 34.70 -15.85 -29.19
C VAL O 72 36.19 -15.75 -29.50
N HIS O 73 36.55 -15.85 -30.77
CA HIS O 73 37.94 -15.66 -31.18
C HIS O 73 38.41 -14.28 -30.74
N PRO O 74 39.59 -14.21 -30.11
CA PRO O 74 40.14 -12.97 -29.55
C PRO O 74 40.22 -11.82 -30.56
N SER O 75 40.58 -12.13 -31.80
CA SER O 75 40.77 -11.10 -32.81
C SER O 75 39.51 -10.83 -33.64
N TYR O 76 38.35 -11.26 -33.13
CA TYR O 76 37.09 -11.05 -33.82
C TYR O 76 36.76 -9.56 -33.92
N ASN O 77 36.49 -9.12 -35.15
CA ASN O 77 36.19 -7.72 -35.43
C ASN O 77 34.73 -7.55 -35.85
N SER O 78 33.94 -6.89 -35.00
CA SER O 78 32.50 -6.79 -35.22
C SER O 78 32.13 -5.93 -36.43
N ASN O 79 33.07 -5.16 -36.95
CA ASN O 79 32.79 -4.27 -38.08
C ASN O 79 33.19 -4.86 -39.43
N THR O 80 34.39 -5.42 -39.51
CA THR O 80 34.86 -6.05 -40.74
C THR O 80 34.43 -7.51 -40.78
N LEU O 81 33.84 -7.97 -39.68
CA LEU O 81 33.38 -9.36 -39.54
C LEU O 81 34.51 -10.38 -39.71
N ASN O 82 35.75 -9.92 -39.56
CA ASN O 82 36.90 -10.81 -39.64
C ASN O 82 37.02 -11.65 -38.38
N ASN O 83 37.55 -12.86 -38.52
CA ASN O 83 37.65 -13.83 -37.43
C ASN O 83 36.29 -14.12 -36.80
N ASP O 84 35.30 -14.37 -37.65
CA ASP O 84 33.94 -14.65 -37.20
C ASP O 84 33.80 -16.12 -36.80
N ILE O 85 34.44 -16.50 -35.70
CA ILE O 85 34.42 -17.88 -35.25
C ILE O 85 34.29 -17.98 -33.74
N MET O 86 33.37 -18.84 -33.28
CA MET O 86 33.12 -19.02 -31.86
C MET O 86 32.98 -20.50 -31.50
N LEU O 87 33.54 -20.89 -30.36
CA LEU O 87 33.41 -22.27 -29.89
C LEU O 87 32.46 -22.36 -28.71
N ILE O 88 31.73 -23.47 -28.61
CA ILE O 88 30.73 -23.65 -27.56
C ILE O 88 30.87 -25.01 -26.88
N LYS O 89 31.23 -25.00 -25.60
CA LYS O 89 31.28 -26.24 -24.83
C LYS O 89 29.90 -26.60 -24.30
N LEU O 90 29.56 -27.88 -24.37
CA LEU O 90 28.30 -28.37 -23.84
C LEU O 90 28.48 -28.76 -22.37
N LYS O 91 27.47 -28.47 -21.55
CA LYS O 91 27.54 -28.75 -20.12
C LYS O 91 27.82 -30.21 -19.86
N SER O 92 27.23 -31.08 -20.69
CA SER O 92 27.50 -32.51 -20.64
C SER O 92 27.72 -33.03 -22.05
N ALA O 93 28.45 -34.13 -22.16
CA ALA O 93 28.73 -34.74 -23.46
C ALA O 93 27.45 -35.25 -24.11
N ALA O 94 27.40 -35.21 -25.43
CA ALA O 94 26.24 -35.67 -26.17
C ALA O 94 26.40 -37.12 -26.60
N SER O 95 25.28 -37.84 -26.66
CA SER O 95 25.30 -39.24 -27.09
C SER O 95 25.54 -39.35 -28.59
N LEU O 96 26.69 -39.89 -28.97
CA LEU O 96 27.02 -40.04 -30.38
C LEU O 96 26.41 -41.32 -30.95
N ASN O 97 25.80 -41.20 -32.13
CA ASN O 97 25.18 -42.34 -32.79
C ASN O 97 24.90 -42.07 -34.27
N SER O 98 23.83 -42.68 -34.77
CA SER O 98 23.46 -42.57 -36.17
C SER O 98 23.10 -41.15 -36.56
N ARG O 99 22.22 -40.53 -35.79
CA ARG O 99 21.68 -39.21 -36.12
C ARG O 99 22.49 -38.07 -35.50
N VAL O 100 23.31 -38.39 -34.50
CA VAL O 100 24.14 -37.38 -33.86
C VAL O 100 25.61 -37.76 -33.90
N ALA O 101 26.33 -37.18 -34.85
CA ALA O 101 27.76 -37.45 -34.98
C ALA O 101 28.52 -36.13 -35.18
N SER O 102 29.82 -36.15 -34.92
CA SER O 102 30.64 -34.96 -35.11
C SER O 102 31.16 -34.90 -36.53
N ILE O 103 32.02 -33.93 -36.81
CA ILE O 103 32.59 -33.80 -38.15
C ILE O 103 34.07 -33.43 -38.07
N SER O 104 34.84 -33.88 -39.06
CA SER O 104 36.28 -33.69 -39.08
C SER O 104 36.68 -32.26 -39.42
N LEU O 105 37.74 -31.79 -38.76
CA LEU O 105 38.34 -30.50 -39.10
C LEU O 105 39.34 -30.70 -40.24
N PRO O 106 39.46 -29.71 -41.13
CA PRO O 106 40.27 -29.87 -42.34
C PRO O 106 41.77 -29.99 -42.05
N THR O 107 42.48 -30.70 -42.92
CA THR O 107 43.93 -30.79 -42.83
C THR O 107 44.56 -29.81 -43.81
N SER O 108 43.75 -29.36 -44.76
CA SER O 108 44.18 -28.40 -45.76
C SER O 108 42.98 -27.60 -46.23
N CYS O 109 43.23 -26.58 -47.05
CA CYS O 109 42.15 -25.77 -47.61
C CYS O 109 41.69 -26.35 -48.95
N ALA O 110 40.40 -26.18 -49.24
CA ALA O 110 39.87 -26.60 -50.52
C ALA O 110 40.20 -25.56 -51.60
N SER O 111 40.10 -25.94 -52.85
CA SER O 111 40.40 -25.03 -53.95
C SER O 111 39.13 -24.47 -54.57
N ALA O 112 39.28 -23.48 -55.43
CA ALA O 112 38.15 -22.90 -56.14
C ALA O 112 37.58 -23.88 -57.14
N GLY O 113 36.31 -24.22 -56.99
CA GLY O 113 35.67 -25.21 -57.83
C GLY O 113 35.24 -26.42 -57.04
N THR O 114 35.78 -26.55 -55.83
CA THR O 114 35.42 -27.64 -54.93
C THR O 114 33.95 -27.49 -54.50
N GLN O 115 33.14 -28.47 -54.87
CA GLN O 115 31.71 -28.45 -54.53
C GLN O 115 31.53 -28.74 -53.05
N CYS O 116 30.74 -27.91 -52.37
CA CYS O 116 30.58 -28.00 -50.94
C CYS O 116 29.12 -28.03 -50.49
N LEU O 117 28.87 -28.65 -49.34
CA LEU O 117 27.51 -28.75 -48.80
C LEU O 117 27.23 -27.67 -47.75
N ILE O 118 26.28 -26.81 -48.06
CA ILE O 118 25.80 -25.79 -47.12
C ILE O 118 24.45 -26.22 -46.56
N SER O 119 24.31 -26.18 -45.25
CA SER O 119 23.10 -26.65 -44.59
C SER O 119 22.60 -25.68 -43.52
N GLY O 120 21.28 -25.62 -43.34
CA GLY O 120 20.73 -24.74 -42.32
C GLY O 120 19.22 -24.63 -42.27
N TRP O 121 18.73 -23.83 -41.32
CA TRP O 121 17.29 -23.63 -41.14
C TRP O 121 16.90 -22.18 -41.41
N GLY O 122 17.70 -21.50 -42.23
CA GLY O 122 17.48 -20.09 -42.51
C GLY O 122 16.39 -19.82 -43.54
N ASN O 123 16.24 -18.54 -43.89
CA ASN O 123 15.22 -18.11 -44.84
C ASN O 123 15.40 -18.75 -46.21
N THR O 124 14.32 -18.91 -46.95
CA THR O 124 14.36 -19.63 -48.22
C THR O 124 13.89 -18.80 -49.41
N LYS O 125 13.82 -17.48 -49.23
CA LYS O 125 13.40 -16.59 -50.31
C LYS O 125 14.38 -15.44 -50.48
N SER O 126 14.61 -15.05 -51.74
CA SER O 126 15.47 -13.92 -52.04
C SER O 126 14.86 -12.61 -51.55
N SER O 127 13.54 -12.48 -51.72
CA SER O 127 12.81 -11.33 -51.22
C SER O 127 11.56 -11.78 -50.48
N GLY O 128 11.41 -11.33 -49.24
CA GLY O 128 10.32 -11.77 -48.39
C GLY O 128 10.81 -12.81 -47.39
N THR O 129 9.90 -13.32 -46.57
CA THR O 129 10.30 -14.30 -45.55
C THR O 129 9.44 -15.57 -45.58
N SER O 130 10.10 -16.70 -45.40
CA SER O 130 9.45 -18.01 -45.38
C SER O 130 10.38 -19.02 -44.73
N TYR O 131 10.23 -19.21 -43.42
CA TYR O 131 11.15 -20.06 -42.67
C TYR O 131 10.69 -21.51 -42.64
N PRO O 132 11.64 -22.43 -42.86
CA PRO O 132 11.36 -23.83 -43.18
C PRO O 132 10.96 -24.71 -42.01
N ASP O 133 10.20 -25.75 -42.34
CA ASP O 133 9.86 -26.82 -41.42
C ASP O 133 11.07 -27.70 -41.18
N VAL O 134 11.83 -27.93 -42.26
CA VAL O 134 12.85 -28.96 -42.31
C VAL O 134 14.21 -28.37 -42.67
N LEU O 135 15.28 -28.94 -42.13
CA LEU O 135 16.64 -28.57 -42.50
C LEU O 135 16.84 -28.55 -44.01
N LYS O 136 17.34 -27.44 -44.52
CA LYS O 136 17.56 -27.30 -45.96
C LYS O 136 19.04 -27.37 -46.32
N CYS O 137 19.31 -28.01 -47.47
CA CYS O 137 20.67 -28.22 -47.96
C CYS O 137 20.88 -27.53 -49.30
N LEU O 138 22.15 -27.45 -49.71
CA LEU O 138 22.53 -26.82 -50.97
C LEU O 138 23.96 -27.22 -51.32
N LYS O 139 24.21 -27.49 -52.59
CA LYS O 139 25.59 -27.76 -53.02
C LYS O 139 26.11 -26.60 -53.88
N ALA O 140 27.14 -25.93 -53.38
CA ALA O 140 27.68 -24.77 -54.07
C ALA O 140 29.21 -24.83 -54.18
N PRO O 141 29.76 -24.40 -55.32
CA PRO O 141 31.21 -24.43 -55.54
C PRO O 141 31.93 -23.29 -54.84
N ILE O 142 33.21 -23.49 -54.55
CA ILE O 142 34.04 -22.44 -53.97
C ILE O 142 34.58 -21.55 -55.08
N LEU O 143 34.54 -20.24 -54.87
CA LEU O 143 34.96 -19.28 -55.89
C LEU O 143 36.35 -18.72 -55.58
N SER O 144 37.07 -18.32 -56.63
CA SER O 144 38.41 -17.77 -56.47
C SER O 144 38.38 -16.42 -55.77
N ASP O 145 39.51 -16.02 -55.20
CA ASP O 145 39.62 -14.74 -54.51
C ASP O 145 39.42 -13.58 -55.46
N SER O 146 39.72 -13.81 -56.74
CA SER O 146 39.51 -12.81 -57.78
C SER O 146 38.04 -12.41 -57.84
N SER O 147 37.17 -13.40 -58.05
CA SER O 147 35.74 -13.18 -58.11
C SER O 147 35.18 -12.71 -56.77
N CYS O 148 35.83 -13.12 -55.69
CA CYS O 148 35.35 -12.81 -54.35
C CYS O 148 35.58 -11.35 -54.01
N LYS O 149 36.74 -10.81 -54.39
CA LYS O 149 37.02 -9.40 -54.14
C LYS O 149 36.47 -8.51 -55.25
N SER O 150 36.19 -9.11 -56.41
CA SER O 150 35.50 -8.38 -57.47
C SER O 150 34.05 -8.18 -57.05
N ALA O 151 33.53 -9.17 -56.33
CA ALA O 151 32.18 -9.11 -55.77
C ALA O 151 32.14 -8.10 -54.62
N TYR O 152 32.98 -8.33 -53.63
CA TYR O 152 33.06 -7.46 -52.46
C TYR O 152 34.40 -6.74 -52.41
N PRO O 153 34.50 -5.57 -53.05
CA PRO O 153 35.74 -4.80 -53.10
C PRO O 153 36.21 -4.31 -51.73
N GLY O 154 37.35 -4.81 -51.28
CA GLY O 154 37.94 -4.36 -50.03
C GLY O 154 37.16 -4.74 -48.79
N GLN O 155 36.48 -5.88 -48.84
CA GLN O 155 35.72 -6.37 -47.70
C GLN O 155 36.12 -7.78 -47.32
N ILE O 156 36.92 -8.41 -48.17
CA ILE O 156 37.29 -9.81 -47.99
C ILE O 156 38.68 -9.97 -47.38
N THR O 157 38.75 -10.61 -46.22
CA THR O 157 40.01 -10.87 -45.56
C THR O 157 40.60 -12.19 -46.05
N SER O 158 41.70 -12.61 -45.42
CA SER O 158 42.31 -13.89 -45.74
C SER O 158 41.56 -15.02 -45.02
N ASN O 159 40.69 -14.62 -44.08
CA ASN O 159 39.90 -15.57 -43.31
C ASN O 159 38.50 -15.72 -43.88
N MET O 160 38.30 -15.23 -45.10
CA MET O 160 37.01 -15.29 -45.75
C MET O 160 37.10 -15.88 -47.15
N PHE O 161 36.10 -16.68 -47.51
CA PHE O 161 35.99 -17.13 -48.90
C PHE O 161 34.54 -17.08 -49.36
N CYS O 162 34.34 -16.95 -50.66
CA CYS O 162 33.00 -16.89 -51.23
C CYS O 162 32.58 -18.26 -51.76
N ALA O 163 31.31 -18.61 -51.54
CA ALA O 163 30.79 -19.87 -52.07
C ALA O 163 29.36 -19.70 -52.59
N GLY O 164 29.14 -20.18 -53.80
CA GLY O 164 27.83 -20.09 -54.42
C GLY O 164 27.92 -19.84 -55.92
N TYR O 165 27.02 -19.02 -56.42
CA TYR O 165 26.99 -18.71 -57.85
C TYR O 165 26.93 -17.21 -58.07
N LEU O 166 27.68 -16.71 -59.04
CA LEU O 166 27.65 -15.29 -59.39
C LEU O 166 26.31 -14.93 -60.04
N GLU O 167 25.57 -15.96 -60.43
CA GLU O 167 24.24 -15.77 -61.02
C GLU O 167 23.21 -15.47 -59.94
N GLY O 168 23.44 -16.03 -58.75
CA GLY O 168 22.50 -15.90 -57.65
C GLY O 168 21.56 -17.08 -57.59
N GLY O 169 20.35 -16.85 -57.10
CA GLY O 169 19.34 -17.88 -57.06
C GLY O 169 19.48 -18.86 -55.90
N LYS O 170 20.69 -19.32 -55.66
CA LYS O 170 20.95 -20.31 -54.59
C LYS O 170 21.99 -19.78 -53.61
N ASP O 171 21.61 -19.71 -52.33
CA ASP O 171 22.45 -19.08 -51.33
C ASP O 171 21.97 -19.38 -49.91
N SER O 172 22.89 -19.32 -48.95
CA SER O 172 22.53 -19.35 -47.54
C SER O 172 21.91 -18.02 -47.16
N CYS O 173 21.01 -18.02 -46.18
CA CYS O 173 20.30 -16.80 -45.83
C CYS O 173 20.18 -16.59 -44.32
N GLN O 174 19.25 -15.72 -43.94
CA GLN O 174 19.08 -15.32 -42.54
C GLN O 174 18.61 -16.47 -41.67
N GLY O 175 19.45 -16.86 -40.71
CA GLY O 175 19.14 -17.96 -39.82
C GLY O 175 20.04 -19.15 -40.06
N ASP O 176 21.02 -18.96 -40.95
CA ASP O 176 21.94 -20.03 -41.32
C ASP O 176 23.33 -19.82 -40.73
N SER O 177 23.54 -18.65 -40.11
CA SER O 177 24.84 -18.31 -39.55
C SER O 177 25.34 -19.35 -38.56
N GLY O 178 26.64 -19.61 -38.60
CA GLY O 178 27.24 -20.65 -37.76
C GLY O 178 27.13 -22.01 -38.42
N GLY O 179 26.30 -22.10 -39.46
CA GLY O 179 26.07 -23.35 -40.16
C GLY O 179 27.28 -23.90 -40.87
N PRO O 180 27.38 -25.23 -40.96
CA PRO O 180 28.51 -25.93 -41.58
C PRO O 180 28.58 -25.78 -43.10
N VAL O 181 29.80 -25.64 -43.60
CA VAL O 181 30.06 -25.71 -45.04
C VAL O 181 31.12 -26.76 -45.28
N VAL O 182 30.69 -27.95 -45.71
CA VAL O 182 31.59 -29.08 -45.77
C VAL O 182 32.00 -29.43 -47.19
N CYS O 183 33.23 -29.90 -47.32
CA CYS O 183 33.82 -30.22 -48.62
C CYS O 183 34.61 -31.52 -48.48
N SER O 184 34.37 -32.45 -49.40
CA SER O 184 35.05 -33.76 -49.41
C SER O 184 35.17 -34.40 -48.03
N GLY O 185 34.11 -34.30 -47.24
CA GLY O 185 34.04 -34.94 -45.94
C GLY O 185 34.42 -34.08 -44.74
N LYS O 186 35.06 -32.94 -44.99
CA LYS O 186 35.58 -32.12 -43.88
C LYS O 186 35.08 -30.67 -43.91
N LEU O 187 34.86 -30.12 -42.73
CA LEU O 187 34.30 -28.79 -42.55
C LEU O 187 35.26 -27.69 -42.98
N GLN O 188 35.01 -27.08 -44.14
CA GLN O 188 35.89 -26.06 -44.68
C GLN O 188 35.45 -24.64 -44.36
N GLY O 189 34.15 -24.42 -44.18
CA GLY O 189 33.64 -23.08 -43.96
C GLY O 189 32.49 -22.96 -42.98
N ILE O 190 32.25 -21.73 -42.54
CA ILE O 190 31.17 -21.40 -41.62
C ILE O 190 30.30 -20.30 -42.21
N VAL O 191 28.99 -20.50 -42.22
CA VAL O 191 28.08 -19.49 -42.75
C VAL O 191 28.18 -18.20 -41.95
N SER O 192 28.62 -17.13 -42.61
CA SER O 192 28.85 -15.86 -41.93
C SER O 192 27.98 -14.74 -42.47
N TRP O 193 28.42 -14.08 -43.55
CA TRP O 193 27.68 -12.92 -44.02
C TRP O 193 27.53 -12.86 -45.54
N GLY O 194 26.99 -11.74 -46.02
CA GLY O 194 26.80 -11.54 -47.44
C GLY O 194 26.09 -10.23 -47.69
N SER O 195 25.57 -10.06 -48.91
CA SER O 195 24.81 -8.87 -49.24
C SER O 195 23.45 -9.28 -49.79
N GLY O 196 22.46 -9.38 -48.90
CA GLY O 196 21.16 -9.89 -49.26
C GLY O 196 21.23 -11.41 -49.37
N CYS O 197 20.21 -12.00 -50.00
CA CYS O 197 20.18 -13.45 -50.18
C CYS O 197 19.97 -13.81 -51.65
N ALA O 198 20.83 -14.70 -52.15
CA ALA O 198 20.77 -15.17 -53.53
C ALA O 198 20.83 -14.03 -54.53
N GLN O 199 21.49 -12.95 -54.16
CA GLN O 199 21.60 -11.78 -55.02
C GLN O 199 22.70 -11.97 -56.05
N LYS O 200 22.44 -11.46 -57.24
CA LYS O 200 23.40 -11.50 -58.35
C LYS O 200 24.72 -10.81 -57.97
N ASN O 201 25.83 -11.48 -58.27
CA ASN O 201 27.19 -10.95 -58.06
C ASN O 201 27.61 -10.79 -56.60
N LYS O 202 26.70 -11.03 -55.66
CA LYS O 202 27.05 -10.92 -54.24
C LYS O 202 26.66 -12.20 -53.51
N PRO O 203 27.47 -13.25 -53.65
CA PRO O 203 27.20 -14.57 -53.07
C PRO O 203 27.46 -14.62 -51.56
N GLY O 204 27.59 -15.83 -51.03
CA GLY O 204 27.83 -16.02 -49.62
C GLY O 204 29.29 -15.90 -49.21
N VAL O 205 29.52 -15.13 -48.15
CA VAL O 205 30.86 -15.02 -47.56
C VAL O 205 30.95 -15.84 -46.27
N TYR O 206 31.88 -16.79 -46.29
CA TYR O 206 32.01 -17.79 -45.24
C TYR O 206 33.39 -17.73 -44.59
N THR O 207 33.42 -18.05 -43.29
CA THR O 207 34.66 -18.08 -42.52
C THR O 207 35.57 -19.23 -42.92
N LYS O 208 36.82 -18.92 -43.24
CA LYS O 208 37.79 -19.93 -43.67
C LYS O 208 38.31 -20.72 -42.47
N VAL O 209 37.77 -21.92 -42.26
CA VAL O 209 38.06 -22.69 -41.04
C VAL O 209 39.49 -23.20 -40.96
N CYS O 210 40.10 -23.48 -42.12
CA CYS O 210 41.44 -24.07 -42.16
C CYS O 210 42.50 -23.20 -41.48
N ASN O 211 42.17 -21.94 -41.23
CA ASN O 211 43.09 -21.04 -40.54
C ASN O 211 42.89 -21.05 -39.03
N TYR O 212 42.07 -21.97 -38.54
CA TYR O 212 41.68 -21.93 -37.13
C TYR O 212 41.79 -23.26 -36.40
N VAL O 213 42.28 -24.26 -37.11
CA VAL O 213 42.43 -25.62 -36.55
C VAL O 213 43.27 -25.55 -35.28
N SER O 214 44.32 -24.72 -35.30
CA SER O 214 45.25 -24.53 -34.17
C SER O 214 44.51 -23.96 -32.98
N TRP O 215 43.84 -22.82 -33.19
CA TRP O 215 43.07 -22.15 -32.12
C TRP O 215 41.97 -23.09 -31.63
N ILE O 216 41.30 -23.78 -32.53
CA ILE O 216 40.21 -24.73 -32.16
C ILE O 216 40.81 -25.85 -31.31
N LYS O 217 41.99 -26.34 -31.69
CA LYS O 217 42.66 -27.44 -30.96
C LYS O 217 43.25 -26.92 -29.64
N GLN O 218 43.54 -25.63 -29.57
CA GLN O 218 44.13 -25.04 -28.35
C GLN O 218 43.06 -24.75 -27.31
N THR O 219 41.92 -24.26 -27.77
CA THR O 219 40.80 -23.85 -26.90
C THR O 219 40.16 -25.04 -26.19
N ILE O 220 40.00 -26.16 -26.90
CA ILE O 220 39.33 -27.36 -26.32
C ILE O 220 40.22 -27.99 -25.25
N ALA O 221 41.53 -27.79 -25.35
CA ALA O 221 42.44 -28.30 -24.31
C ALA O 221 42.59 -27.30 -23.17
N SER O 222 42.66 -26.03 -23.50
CA SER O 222 42.85 -24.97 -22.51
C SER O 222 41.59 -24.74 -21.69
N ASN O 223 40.45 -25.16 -22.23
CA ASN O 223 39.18 -25.02 -21.55
C ASN O 223 38.52 -26.38 -21.32
N GLU P 3 7.19 -18.07 -32.56
CA GLU P 3 7.28 -16.88 -33.40
C GLU P 3 7.85 -15.70 -32.62
N CYS P 4 7.99 -14.57 -33.31
CA CYS P 4 8.46 -13.35 -32.67
C CYS P 4 7.28 -12.49 -32.24
N PRO P 5 7.41 -11.80 -31.10
CA PRO P 5 6.31 -11.01 -30.56
C PRO P 5 6.08 -9.69 -31.30
N GLY P 6 4.82 -9.25 -31.36
CA GLY P 6 4.49 -7.96 -31.92
C GLY P 6 4.39 -7.91 -33.44
N LYS P 7 4.33 -6.69 -33.97
CA LYS P 7 4.23 -6.47 -35.40
C LYS P 7 5.49 -6.98 -36.11
N GLN P 8 5.31 -7.56 -37.29
CA GLN P 8 6.42 -8.22 -37.98
C GLN P 8 6.88 -7.48 -39.22
N GLU P 9 5.93 -6.95 -39.99
CA GLU P 9 6.28 -6.28 -41.24
C GLU P 9 5.74 -4.85 -41.29
N TRP P 10 6.46 -3.99 -42.01
CA TRP P 10 6.06 -2.60 -42.19
C TRP P 10 6.09 -2.17 -43.65
N PRO P 11 5.14 -2.69 -44.45
CA PRO P 11 5.11 -2.38 -45.88
C PRO P 11 4.71 -0.94 -46.18
N GLU P 12 4.12 -0.25 -45.22
CA GLU P 12 3.62 1.11 -45.44
C GLU P 12 4.73 2.14 -45.26
N LEU P 13 5.91 1.68 -44.86
CA LEU P 13 7.04 2.56 -44.64
C LEU P 13 8.03 2.53 -45.82
N VAL P 14 7.75 1.69 -46.82
CA VAL P 14 8.55 1.66 -48.03
C VAL P 14 8.33 2.95 -48.82
N GLY P 15 9.37 3.80 -48.85
CA GLY P 15 9.30 5.06 -49.57
C GLY P 15 9.66 6.28 -48.74
N GLU P 16 9.73 6.08 -47.42
CA GLU P 16 10.04 7.16 -46.47
C GLU P 16 11.53 7.22 -46.17
N TYR P 17 11.92 8.00 -45.16
CA TYR P 17 13.35 8.09 -44.82
C TYR P 17 13.73 7.11 -43.70
N GLY P 18 14.96 6.61 -43.79
CA GLY P 18 15.48 5.59 -42.90
C GLY P 18 15.21 5.73 -41.42
N TYR P 19 15.53 6.91 -40.87
CA TYR P 19 15.47 7.09 -39.43
C TYR P 19 14.08 7.43 -38.89
N LYS P 20 13.25 8.06 -39.71
CA LYS P 20 11.85 8.26 -39.34
C LYS P 20 11.16 6.90 -39.27
N ALA P 21 11.43 6.08 -40.28
CA ALA P 21 10.94 4.71 -40.31
C ALA P 21 11.42 3.94 -39.10
N ALA P 22 12.70 4.08 -38.78
CA ALA P 22 13.29 3.45 -37.60
C ALA P 22 12.51 3.85 -36.34
N ALA P 23 12.26 5.14 -36.20
CA ALA P 23 11.50 5.69 -35.09
C ALA P 23 10.13 5.03 -34.97
N ILE P 24 9.37 5.07 -36.06
CA ILE P 24 8.01 4.51 -36.06
C ILE P 24 8.03 3.03 -35.71
N ILE P 25 8.96 2.30 -36.30
CA ILE P 25 9.13 0.87 -36.03
C ILE P 25 9.36 0.63 -34.55
N GLU P 26 10.27 1.39 -33.94
CA GLU P 26 10.55 1.22 -32.52
C GLU P 26 9.36 1.60 -31.66
N ARG P 27 8.57 2.57 -32.12
CA ARG P 27 7.39 2.99 -31.39
C ARG P 27 6.30 1.93 -31.40
N GLU P 28 6.18 1.21 -32.51
CA GLU P 28 5.12 0.21 -32.66
C GLU P 28 5.49 -1.15 -32.10
N ASN P 29 6.80 -1.46 -32.09
CA ASN P 29 7.26 -2.71 -31.51
C ASN P 29 8.41 -2.47 -30.53
N PRO P 30 8.09 -2.44 -29.23
CA PRO P 30 9.08 -2.16 -28.18
C PRO P 30 10.04 -3.32 -27.92
N ASN P 31 10.02 -4.34 -28.79
CA ASN P 31 10.90 -5.49 -28.63
C ASN P 31 12.07 -5.47 -29.61
N VAL P 32 12.03 -4.56 -30.57
CA VAL P 32 13.03 -4.54 -31.64
C VAL P 32 13.90 -3.30 -31.63
N ARG P 33 15.14 -3.45 -32.11
CA ARG P 33 16.03 -2.32 -32.33
C ARG P 33 16.22 -2.10 -33.83
N SER P 34 15.57 -1.05 -34.35
CA SER P 34 15.67 -0.74 -35.77
C SER P 34 17.07 -0.29 -36.15
N ILE P 35 17.60 -0.88 -37.22
CA ILE P 35 18.94 -0.54 -37.70
C ILE P 35 18.89 -0.12 -39.17
N VAL P 36 19.13 1.16 -39.41
CA VAL P 36 19.17 1.68 -40.79
C VAL P 36 20.42 1.16 -41.50
N LYS P 37 20.20 0.45 -42.60
CA LYS P 37 21.29 -0.17 -43.35
C LYS P 37 21.21 0.16 -44.84
N HIS P 38 22.38 0.33 -45.46
CA HIS P 38 22.44 0.51 -46.90
C HIS P 38 22.30 -0.85 -47.58
N GLU P 39 21.77 -0.88 -48.80
CA GLU P 39 21.45 -2.15 -49.44
C GLU P 39 22.67 -2.83 -50.05
N ARG P 40 23.68 -2.05 -50.43
CA ARG P 40 24.90 -2.61 -50.98
C ARG P 40 25.90 -2.93 -49.88
N SER P 41 25.45 -2.77 -48.64
CA SER P 41 26.29 -3.06 -47.48
C SER P 41 26.28 -4.55 -47.17
N GLY P 42 27.05 -4.94 -46.15
CA GLY P 42 27.13 -6.32 -45.74
C GLY P 42 26.09 -6.66 -44.69
N PHE P 43 25.59 -7.89 -44.74
CA PHE P 43 24.56 -8.34 -43.79
C PHE P 43 24.90 -9.71 -43.20
N THR P 44 24.91 -9.78 -41.88
CA THR P 44 25.06 -11.07 -41.20
C THR P 44 23.83 -11.91 -41.46
N LYS P 45 23.98 -13.23 -41.35
CA LYS P 45 22.91 -14.15 -41.70
C LYS P 45 22.28 -14.83 -40.50
N ASP P 46 22.31 -14.17 -39.35
CA ASP P 46 21.68 -14.68 -38.15
C ASP P 46 20.20 -14.31 -38.14
N PHE P 47 19.48 -14.74 -37.12
CA PHE P 47 18.07 -14.38 -36.98
C PHE P 47 17.79 -13.79 -35.61
N ARG P 48 17.26 -12.57 -35.60
CA ARG P 48 16.95 -11.88 -34.36
C ARG P 48 15.53 -11.34 -34.35
N CYS P 49 14.79 -11.68 -33.30
CA CYS P 49 13.43 -11.16 -33.12
C CYS P 49 13.49 -9.75 -32.54
N ASP P 50 14.68 -9.34 -32.12
CA ASP P 50 14.89 -8.02 -31.53
C ASP P 50 15.55 -7.07 -32.52
N ARG P 51 15.43 -7.37 -33.80
CA ARG P 51 16.08 -6.57 -34.84
C ARG P 51 15.19 -6.36 -36.06
N VAL P 52 15.11 -5.11 -36.51
CA VAL P 52 14.40 -4.79 -37.75
C VAL P 52 15.30 -3.95 -38.65
N TRP P 53 15.87 -4.61 -39.67
CA TRP P 53 16.70 -3.93 -40.64
C TRP P 53 15.88 -2.96 -41.49
N VAL P 54 16.26 -1.69 -41.48
CA VAL P 54 15.63 -0.70 -42.34
C VAL P 54 16.56 -0.39 -43.51
N VAL P 55 16.38 -1.14 -44.60
CA VAL P 55 17.30 -1.10 -45.72
C VAL P 55 17.08 0.11 -46.63
N VAL P 56 18.13 0.92 -46.80
CA VAL P 56 18.05 2.12 -47.64
C VAL P 56 19.05 2.06 -48.79
N ASP P 57 19.00 3.05 -49.66
CA ASP P 57 19.89 3.10 -50.82
C ASP P 57 20.75 4.37 -50.82
N SER P 58 21.09 4.84 -52.02
CA SER P 58 21.95 6.01 -52.19
C SER P 58 21.37 7.29 -51.60
N THR P 59 20.05 7.41 -51.60
CA THR P 59 19.40 8.65 -51.18
C THR P 59 18.92 8.61 -49.74
N GLY P 60 18.90 7.42 -49.14
CA GLY P 60 18.45 7.27 -47.76
C GLY P 60 16.98 7.00 -47.65
N VAL P 61 16.38 6.53 -48.73
CA VAL P 61 14.96 6.19 -48.75
C VAL P 61 14.77 4.68 -48.61
N VAL P 62 13.76 4.28 -47.86
CA VAL P 62 13.47 2.86 -47.66
C VAL P 62 12.97 2.22 -48.95
N VAL P 63 13.78 1.32 -49.51
CA VAL P 63 13.45 0.64 -50.75
C VAL P 63 13.27 -0.86 -50.52
N ARG P 64 12.83 -1.21 -49.31
CA ARG P 64 12.74 -2.60 -48.90
C ARG P 64 11.86 -2.71 -47.65
N THR P 65 10.89 -3.60 -47.69
CA THR P 65 9.95 -3.76 -46.57
C THR P 65 10.66 -4.18 -45.29
N PRO P 66 10.63 -3.31 -44.27
CA PRO P 66 11.24 -3.57 -42.97
C PRO P 66 10.58 -4.76 -42.27
N ARG P 67 11.33 -5.84 -42.09
CA ARG P 67 10.80 -7.05 -41.46
C ARG P 67 11.61 -7.44 -40.23
N VAL P 68 10.98 -8.18 -39.32
CA VAL P 68 11.66 -8.67 -38.13
C VAL P 68 12.50 -9.88 -38.47
N THR P 69 13.81 -9.66 -38.62
CA THR P 69 14.73 -10.73 -38.99
C THR P 69 16.08 -10.53 -38.30
S SO4 Q . 13.05 9.07 -4.46
O1 SO4 Q . 11.96 8.11 -4.62
O2 SO4 Q . 13.96 8.58 -3.43
O3 SO4 Q . 13.80 9.21 -5.71
O4 SO4 Q . 12.54 10.37 -4.05
S SO4 R . -0.78 -11.42 -17.56
O1 SO4 R . -0.56 -12.87 -17.54
O2 SO4 R . -0.35 -10.85 -16.28
O3 SO4 R . -0.02 -10.82 -18.64
O4 SO4 R . -2.20 -11.15 -17.74
S SO4 S . -0.84 10.91 -5.99
O1 SO4 S . -0.18 9.83 -6.72
O2 SO4 S . 0.11 11.50 -5.05
O3 SO4 S . -1.31 11.92 -6.92
O4 SO4 S . -1.97 10.36 -5.25
S SO4 T . -53.64 31.61 -0.95
O1 SO4 T . -53.58 30.15 -0.99
O2 SO4 T . -52.47 32.13 -0.25
O3 SO4 T . -53.66 32.14 -2.30
O4 SO4 T . -54.84 32.05 -0.23
S SO4 U . -67.38 11.99 -13.86
O1 SO4 U . -67.06 10.59 -13.59
O2 SO4 U . -67.26 12.76 -12.62
O3 SO4 U . -66.46 12.53 -14.86
O4 SO4 U . -68.75 12.09 -14.34
S SO4 V . -67.33 33.35 -2.63
O1 SO4 V . -67.53 32.01 -3.14
O2 SO4 V . -66.33 33.33 -1.58
O3 SO4 V . -66.87 34.22 -3.72
O4 SO4 V . -68.59 33.87 -2.11
CA CA W . 21.44 -9.85 45.94
S SO4 X . 35.95 -14.41 48.09
O1 SO4 X . 35.45 -15.74 47.75
O2 SO4 X . 36.27 -14.35 49.51
O3 SO4 X . 37.15 -14.13 47.30
O4 SO4 X . 34.93 -13.42 47.76
S SO4 Y . 21.58 -32.82 29.88
O1 SO4 Y . 20.91 -33.18 31.12
O2 SO4 Y . 22.04 -34.02 29.19
O3 SO4 Y . 20.67 -32.08 29.01
O4 SO4 Y . 22.74 -31.98 30.18
S SO4 Z . 42.46 -32.21 43.87
O1 SO4 Z . 42.19 -33.57 43.42
O2 SO4 Z . 43.64 -32.24 44.73
O3 SO4 Z . 42.74 -31.35 42.72
O4 SO4 Z . 41.31 -31.69 44.62
CA CA AA . 18.99 24.09 -15.30
S SO4 BA . 35.00 21.25 -12.84
O1 SO4 BA . 35.22 20.49 -11.62
O2 SO4 BA . 35.69 20.61 -13.96
O3 SO4 BA . 35.49 22.61 -12.67
O4 SO4 BA . 33.56 21.29 -13.13
S SO4 CA . 20.54 2.74 -30.48
O1 SO4 CA . 19.84 2.31 -29.26
O2 SO4 CA . 20.70 1.61 -31.38
O3 SO4 CA . 19.77 3.78 -31.14
O4 SO4 CA . 21.86 3.26 -30.13
S SO4 DA . 40.66 4.38 -16.83
O1 SO4 DA . 41.39 3.11 -16.72
O2 SO4 DA . 41.18 5.33 -15.85
O3 SO4 DA . 40.84 4.94 -18.17
O4 SO4 DA . 39.24 4.17 -16.59
S SO4 EA . 5.83 11.82 -5.68
O1 SO4 EA . 6.41 10.60 -6.25
O2 SO4 EA . 6.29 12.00 -4.32
O3 SO4 EA . 6.23 12.97 -6.49
O4 SO4 EA . 4.37 11.71 -5.69
S SO4 FA . 21.94 27.82 13.14
O1 SO4 FA . 22.93 27.35 12.17
O2 SO4 FA . 22.31 27.36 14.48
O3 SO4 FA . 21.89 29.28 13.12
O4 SO4 FA . 20.63 27.28 12.79
S SO4 GA . 14.86 4.67 1.85
O1 SO4 GA . 15.17 4.15 0.53
O2 SO4 GA . 15.72 4.04 2.85
O3 SO4 GA . 15.09 6.12 1.87
O4 SO4 GA . 13.46 4.40 2.18
S SO4 HA . -51.40 28.51 5.84
O1 SO4 HA . -52.02 27.75 4.76
O2 SO4 HA . -50.90 27.58 6.85
O3 SO4 HA . -50.29 29.29 5.31
O4 SO4 HA . -52.38 29.41 6.46
S SO4 IA . -60.27 34.91 -2.10
O1 SO4 IA . -60.32 33.75 -2.98
O2 SO4 IA . -58.97 34.94 -1.43
O3 SO4 IA . -60.43 36.12 -2.89
O4 SO4 IA . -61.33 34.83 -1.11
S SO4 JA . -44.54 51.23 16.86
O1 SO4 JA . -43.27 51.08 16.16
O2 SO4 JA . -44.41 50.69 18.21
O3 SO4 JA . -44.90 52.65 16.94
O4 SO4 JA . -45.58 50.50 16.15
CA CA KA . 13.43 -66.84 27.71
S SO4 LA . 10.66 -61.25 13.13
O1 SO4 LA . 11.11 -62.41 12.35
O2 SO4 LA . 10.83 -61.55 14.55
O3 SO4 LA . 11.44 -60.08 12.76
O4 SO4 LA . 9.24 -61.01 12.86
S SO4 MA . 11.69 -43.11 11.30
O1 SO4 MA . 11.61 -44.44 10.72
O2 SO4 MA . 12.50 -43.16 12.51
O3 SO4 MA . 12.32 -42.19 10.35
O4 SO4 MA . 10.34 -42.64 11.62
S SO4 NA . 6.23 -55.01 15.20
O1 SO4 NA . 6.59 -56.21 14.47
O2 SO4 NA . 7.35 -54.69 16.09
O3 SO4 NA . 6.05 -53.93 14.25
O4 SO4 NA . 4.98 -55.27 15.93
S SO4 OA . 24.70 -42.54 31.35
O1 SO4 OA . 25.55 -43.36 32.21
O2 SO4 OA . 24.49 -43.23 30.08
O3 SO4 OA . 23.42 -42.31 32.00
O4 SO4 OA . 25.36 -41.27 31.11
CA CA PA . 12.16 -32.21 -33.92
S SO4 QA . 4.68 -19.31 -45.59
O1 SO4 QA . 4.19 -20.68 -45.38
O2 SO4 QA . 6.14 -19.28 -45.61
O3 SO4 QA . 4.23 -18.85 -46.90
O4 SO4 QA . 4.17 -18.52 -44.47
S SO4 RA . 23.89 -7.36 -29.64
O1 SO4 RA . 25.22 -7.15 -29.08
O2 SO4 RA . 23.80 -8.71 -30.18
O3 SO4 RA . 22.89 -7.19 -28.58
O4 SO4 RA . 23.65 -6.39 -30.70
S SO4 SA . 10.63 -7.19 -49.77
O1 SO4 SA . 10.61 -8.58 -50.19
O2 SO4 SA . 11.45 -7.06 -48.57
O3 SO4 SA . 11.20 -6.36 -50.83
O4 SO4 SA . 9.27 -6.76 -49.47
#